data_6JCL
#
_entry.id   6JCL
#
_cell.length_a   75.300
_cell.length_b   75.920
_cell.length_c   329.839
_cell.angle_alpha   90.000
_cell.angle_beta   90.000
_cell.angle_gamma   90.000
#
_symmetry.space_group_name_H-M   'P 21 21 21'
#
loop_
_entity.id
_entity.type
_entity.pdbx_description
1 polymer 'Probable O-methyltransferase'
2 non-polymer S-ADENOSYL-L-HOMOCYSTEINE
3 non-polymer 'STRONTIUM ION'
4 non-polymer (4S)-2-METHYL-2,4-PENTANEDIOL
5 non-polymer 'SODIUM ION'
6 water water
#
_entity_poly.entity_id   1
_entity_poly.type   'polypeptide(L)'
_entity_poly.pdbx_seq_one_letter_code
;MGMDQQPNPPDVDAFLDSTLVGDDPALAAALAASDAAELPRIAVSAQQGKFLCLLAGAIQARRVLEIGTLGGFSTIWLAR
GAGPQGRVVTLEYQPKHAEVARVNLQRAGVADRVEVVVGPALDTLPTLAGGPFDLVFIDADKENNVAYIQWAIRLARRGA
VIVVDNVIRGGGILAESDDADAVAARRTLQMMGEHPGLDATAIQTVGRKGWDGFALALVRENLYFQGGHHHHHHG
;
_entity_poly.pdbx_strand_id   A,B,C,D,G,H,E,F
#
loop_
_chem_comp.id
_chem_comp.type
_chem_comp.name
_chem_comp.formula
MPD non-polymer (4S)-2-METHYL-2,4-PENTANEDIOL 'C6 H14 O2'
NA non-polymer 'SODIUM ION' 'Na 1'
SR non-polymer 'STRONTIUM ION' 'Sr 2'
#
# COMPACT_ATOMS: atom_id res chain seq x y z
N GLN A 5 -16.22 -5.33 0.14
CA GLN A 5 -15.01 -5.48 -0.66
C GLN A 5 -15.35 -5.66 -2.14
N GLN A 6 -14.62 -4.96 -3.01
CA GLN A 6 -14.88 -5.06 -4.43
C GLN A 6 -14.49 -6.44 -4.94
N PRO A 7 -15.13 -6.91 -6.01
CA PRO A 7 -14.74 -8.22 -6.55
C PRO A 7 -13.30 -8.22 -7.06
N ASN A 8 -12.68 -9.37 -6.93
CA ASN A 8 -11.31 -9.56 -7.37
C ASN A 8 -11.32 -10.72 -8.36
N PRO A 9 -10.23 -10.95 -9.09
CA PRO A 9 -10.25 -11.98 -10.15
C PRO A 9 -10.54 -13.38 -9.59
N PRO A 10 -10.00 -13.76 -8.41
CA PRO A 10 -10.42 -15.07 -7.87
C PRO A 10 -11.92 -15.20 -7.67
N ASP A 11 -12.58 -14.16 -7.13
CA ASP A 11 -14.03 -14.19 -6.97
C ASP A 11 -14.73 -14.35 -8.31
N VAL A 12 -14.27 -13.64 -9.33
CA VAL A 12 -14.87 -13.76 -10.65
C VAL A 12 -14.68 -15.17 -11.20
N ASP A 13 -13.50 -15.75 -11.01
CA ASP A 13 -13.28 -17.13 -11.47
C ASP A 13 -14.21 -18.11 -10.78
N ALA A 14 -14.48 -17.91 -9.50
CA ALA A 14 -15.42 -18.81 -8.82
C ALA A 14 -16.79 -18.75 -9.46
N PHE A 15 -17.26 -17.54 -9.83
CA PHE A 15 -18.52 -17.41 -10.54
C PHE A 15 -18.45 -18.08 -11.92
N LEU A 16 -17.36 -17.87 -12.65
CA LEU A 16 -17.23 -18.47 -13.96
C LEU A 16 -17.20 -19.99 -13.85
N ASP A 17 -16.51 -20.53 -12.83
CA ASP A 17 -16.50 -21.97 -12.62
C ASP A 17 -17.91 -22.50 -12.40
N SER A 18 -18.67 -21.84 -11.52
N SER A 18 -18.66 -21.87 -11.50
CA SER A 18 -20.02 -22.30 -11.20
CA SER A 18 -20.02 -22.32 -11.22
C SER A 18 -20.98 -22.15 -12.37
C SER A 18 -20.90 -22.24 -12.47
N THR A 19 -20.73 -21.17 -13.24
CA THR A 19 -21.67 -20.85 -14.30
C THR A 19 -21.39 -21.64 -15.59
N LEU A 20 -20.11 -21.86 -15.92
CA LEU A 20 -19.72 -22.41 -17.21
C LEU A 20 -19.19 -23.83 -17.13
N VAL A 21 -18.72 -24.27 -15.97
CA VAL A 21 -18.22 -25.62 -15.79
C VAL A 21 -19.15 -26.45 -14.91
N GLY A 22 -19.53 -25.91 -13.74
CA GLY A 22 -20.42 -26.63 -12.84
C GLY A 22 -19.69 -27.72 -12.06
N ASP A 23 -20.47 -28.62 -11.49
CA ASP A 23 -19.87 -29.74 -10.77
C ASP A 23 -19.22 -30.71 -11.76
N ASP A 24 -17.98 -31.07 -11.50
CA ASP A 24 -17.21 -31.97 -12.35
C ASP A 24 -16.54 -32.98 -11.43
N PRO A 25 -17.23 -34.08 -11.11
CA PRO A 25 -16.68 -35.05 -10.14
C PRO A 25 -15.39 -35.69 -10.60
N ALA A 26 -15.17 -35.82 -11.92
CA ALA A 26 -13.89 -36.37 -12.37
C ALA A 26 -12.73 -35.43 -12.01
N LEU A 27 -12.92 -34.14 -12.21
CA LEU A 27 -11.87 -33.21 -11.83
C LEU A 27 -11.79 -33.01 -10.33
N ALA A 28 -12.93 -33.06 -9.64
CA ALA A 28 -12.90 -33.03 -8.17
C ALA A 28 -12.11 -34.22 -7.61
N ALA A 29 -12.33 -35.42 -8.18
CA ALA A 29 -11.58 -36.58 -7.73
C ALA A 29 -10.09 -36.43 -8.07
N ALA A 30 -9.77 -35.85 -9.23
CA ALA A 30 -8.37 -35.67 -9.62
C ALA A 30 -7.64 -34.74 -8.66
N LEU A 31 -8.30 -33.64 -8.25
N LEU A 31 -8.31 -33.67 -8.20
CA LEU A 31 -7.68 -32.73 -7.29
CA LEU A 31 -7.64 -32.74 -7.31
C LEU A 31 -7.45 -33.44 -5.96
C LEU A 31 -7.50 -33.31 -5.90
N ALA A 32 -8.47 -34.13 -5.46
CA ALA A 32 -8.34 -34.82 -4.18
C ALA A 32 -7.22 -35.86 -4.22
N ALA A 33 -7.10 -36.62 -5.32
CA ALA A 33 -6.02 -37.58 -5.42
C ALA A 33 -4.66 -36.89 -5.50
N SER A 34 -4.61 -35.76 -6.21
CA SER A 34 -3.36 -35.00 -6.28
C SER A 34 -2.97 -34.48 -4.91
N ASP A 35 -3.94 -33.94 -4.15
CA ASP A 35 -3.64 -33.46 -2.81
C ASP A 35 -3.17 -34.59 -1.92
N ALA A 36 -3.83 -35.76 -2.01
CA ALA A 36 -3.45 -36.89 -1.17
C ALA A 36 -2.01 -37.32 -1.42
N ALA A 37 -1.54 -37.20 -2.65
CA ALA A 37 -0.16 -37.51 -2.99
C ALA A 37 0.78 -36.31 -2.81
N GLU A 38 0.27 -35.20 -2.28
CA GLU A 38 1.06 -34.00 -1.97
C GLU A 38 1.69 -33.38 -3.22
N LEU A 39 0.98 -33.44 -4.33
CA LEU A 39 1.43 -32.71 -5.52
C LEU A 39 1.20 -31.22 -5.29
N PRO A 40 2.09 -30.37 -5.82
CA PRO A 40 1.87 -28.92 -5.72
C PRO A 40 0.56 -28.55 -6.40
N ARG A 41 -0.16 -27.60 -5.80
CA ARG A 41 -1.47 -27.20 -6.29
C ARG A 41 -1.31 -26.12 -7.37
N ILE A 42 -0.78 -26.54 -8.52
CA ILE A 42 -0.40 -25.60 -9.57
C ILE A 42 -1.00 -25.99 -10.92
N ALA A 43 -2.05 -26.81 -10.91
CA ALA A 43 -2.74 -27.19 -12.13
C ALA A 43 -3.43 -26.00 -12.78
N VAL A 44 -3.76 -26.16 -14.06
CA VAL A 44 -4.54 -25.13 -14.73
C VAL A 44 -5.85 -24.92 -13.96
N SER A 45 -6.35 -23.69 -13.97
CA SER A 45 -7.67 -23.46 -13.42
C SER A 45 -8.72 -24.09 -14.33
N ALA A 46 -9.95 -24.16 -13.83
CA ALA A 46 -11.00 -24.78 -14.64
C ALA A 46 -11.26 -24.00 -15.93
N GLN A 47 -11.28 -22.66 -15.86
CA GLN A 47 -11.50 -21.91 -17.11
C GLN A 47 -10.36 -22.11 -18.10
N GLN A 48 -9.13 -22.17 -17.60
CA GLN A 48 -7.97 -22.40 -18.43
C GLN A 48 -7.99 -23.79 -19.06
N GLY A 49 -8.31 -24.80 -18.24
CA GLY A 49 -8.41 -26.15 -18.76
C GLY A 49 -9.51 -26.27 -19.80
N LYS A 50 -10.67 -25.68 -19.52
CA LYS A 50 -11.74 -25.71 -20.50
C LYS A 50 -11.33 -25.03 -21.79
N PHE A 51 -10.56 -23.93 -21.70
CA PHE A 51 -10.04 -23.29 -22.91
C PHE A 51 -9.21 -24.27 -23.75
N LEU A 52 -8.32 -25.02 -23.10
CA LEU A 52 -7.54 -26.05 -23.82
C LEU A 52 -8.43 -27.09 -24.46
N CYS A 53 -9.46 -27.53 -23.71
CA CYS A 53 -10.43 -28.48 -24.25
C CYS A 53 -11.13 -27.94 -25.50
N LEU A 54 -11.62 -26.69 -25.42
CA LEU A 54 -12.36 -26.13 -26.55
C LEU A 54 -11.44 -25.82 -27.73
N LEU A 55 -10.18 -25.49 -27.45
CA LEU A 55 -9.21 -25.27 -28.52
C LEU A 55 -8.95 -26.56 -29.28
N ALA A 56 -8.71 -27.66 -28.55
CA ALA A 56 -8.56 -28.96 -29.21
C ALA A 56 -9.82 -29.33 -30.00
N GLY A 57 -11.00 -29.07 -29.44
CA GLY A 57 -12.23 -29.36 -30.16
C GLY A 57 -12.40 -28.49 -31.39
N ALA A 58 -12.03 -27.22 -31.28
CA ALA A 58 -12.20 -26.28 -32.39
C ALA A 58 -11.37 -26.69 -33.60
N ILE A 59 -10.14 -27.17 -33.38
CA ILE A 59 -9.30 -27.54 -34.52
C ILE A 59 -9.46 -29.03 -34.85
N GLN A 60 -10.38 -29.71 -34.18
CA GLN A 60 -10.61 -31.14 -34.39
C GLN A 60 -9.30 -31.93 -34.22
N ALA A 61 -8.56 -31.59 -33.17
CA ALA A 61 -7.28 -32.23 -32.90
C ALA A 61 -7.47 -33.71 -32.68
N ARG A 62 -6.65 -34.53 -33.33
CA ARG A 62 -6.67 -35.96 -33.07
C ARG A 62 -5.36 -36.48 -32.49
N ARG A 63 -4.28 -35.71 -32.53
CA ARG A 63 -3.03 -36.06 -31.87
C ARG A 63 -2.55 -34.84 -31.12
N VAL A 64 -2.45 -34.97 -29.80
CA VAL A 64 -2.08 -33.87 -28.92
C VAL A 64 -0.84 -34.26 -28.15
N LEU A 65 0.10 -33.32 -28.04
CA LEU A 65 1.32 -33.50 -27.26
C LEU A 65 1.28 -32.53 -26.08
N GLU A 66 1.47 -33.05 -24.88
CA GLU A 66 1.58 -32.21 -23.69
C GLU A 66 2.91 -32.49 -22.99
N ILE A 67 3.58 -31.42 -22.58
CA ILE A 67 4.85 -31.53 -21.87
C ILE A 67 4.63 -30.96 -20.48
N GLY A 68 4.62 -31.84 -19.46
CA GLY A 68 4.37 -31.46 -18.08
C GLY A 68 2.99 -31.90 -17.61
N THR A 69 2.89 -33.12 -17.08
CA THR A 69 1.60 -33.73 -16.76
C THR A 69 1.07 -33.37 -15.38
N LEU A 70 1.97 -33.32 -14.39
CA LEU A 70 1.60 -33.25 -12.98
C LEU A 70 0.60 -34.36 -12.67
N GLY A 71 -0.60 -34.02 -12.21
CA GLY A 71 -1.64 -35.00 -11.90
C GLY A 71 -2.62 -35.21 -13.02
N GLY A 72 -2.37 -34.67 -14.21
CA GLY A 72 -3.25 -34.89 -15.35
C GLY A 72 -4.44 -33.97 -15.49
N PHE A 73 -4.49 -32.86 -14.75
CA PHE A 73 -5.68 -32.00 -14.84
C PHE A 73 -5.78 -31.36 -16.21
N SER A 74 -4.70 -30.72 -16.68
CA SER A 74 -4.72 -30.19 -18.05
C SER A 74 -4.89 -31.31 -19.08
N THR A 75 -4.31 -32.47 -18.80
CA THR A 75 -4.39 -33.63 -19.71
C THR A 75 -5.82 -34.09 -19.90
N ILE A 76 -6.58 -34.16 -18.82
CA ILE A 76 -7.98 -34.58 -18.90
C ILE A 76 -8.75 -33.66 -19.84
N TRP A 77 -8.55 -32.35 -19.69
CA TRP A 77 -9.22 -31.37 -20.54
C TRP A 77 -8.81 -31.53 -22.00
N LEU A 78 -7.52 -31.74 -22.26
CA LEU A 78 -7.08 -31.94 -23.64
C LEU A 78 -7.71 -33.21 -24.21
N ALA A 79 -7.77 -34.27 -23.41
CA ALA A 79 -8.33 -35.54 -23.89
C ALA A 79 -9.82 -35.41 -24.15
N ARG A 80 -10.51 -34.63 -23.32
CA ARG A 80 -11.92 -34.34 -23.58
C ARG A 80 -12.10 -33.64 -24.91
N GLY A 81 -11.23 -32.67 -25.21
CA GLY A 81 -11.35 -31.93 -26.45
C GLY A 81 -10.99 -32.73 -27.67
N ALA A 82 -10.01 -33.63 -27.55
CA ALA A 82 -9.62 -34.51 -28.65
C ALA A 82 -10.66 -35.59 -28.97
N GLY A 83 -11.54 -35.94 -28.03
CA GLY A 83 -12.60 -36.87 -28.31
C GLY A 83 -12.19 -38.33 -28.22
N PRO A 84 -13.17 -39.24 -28.40
CA PRO A 84 -12.88 -40.67 -28.22
C PRO A 84 -11.88 -41.23 -29.21
N GLN A 85 -11.78 -40.65 -30.39
CA GLN A 85 -10.80 -41.09 -31.36
C GLN A 85 -9.48 -40.34 -31.26
N GLY A 86 -9.41 -39.30 -30.44
CA GLY A 86 -8.19 -38.54 -30.31
C GLY A 86 -7.20 -39.22 -29.39
N ARG A 87 -5.94 -38.86 -29.52
CA ARG A 87 -4.92 -39.44 -28.66
C ARG A 87 -4.10 -38.31 -28.10
N VAL A 88 -3.76 -38.42 -26.82
CA VAL A 88 -2.88 -37.47 -26.16
C VAL A 88 -1.63 -38.21 -25.71
N VAL A 89 -0.47 -37.64 -26.01
CA VAL A 89 0.80 -38.09 -25.45
C VAL A 89 1.24 -37.02 -24.47
N THR A 90 1.44 -37.39 -23.21
CA THR A 90 1.86 -36.41 -22.20
C THR A 90 3.14 -36.88 -21.52
N LEU A 91 4.08 -35.94 -21.33
CA LEU A 91 5.43 -36.23 -20.87
C LEU A 91 5.60 -35.77 -19.43
N GLU A 92 6.12 -36.66 -18.58
CA GLU A 92 6.25 -36.35 -17.15
C GLU A 92 7.52 -37.02 -16.64
N TYR A 93 8.40 -36.26 -15.99
CA TYR A 93 9.62 -36.93 -15.54
C TYR A 93 9.56 -37.45 -14.10
N GLN A 94 8.58 -37.04 -13.28
CA GLN A 94 8.47 -37.56 -11.90
C GLN A 94 7.60 -38.80 -11.90
N PRO A 95 8.13 -39.98 -11.58
CA PRO A 95 7.28 -41.18 -11.58
C PRO A 95 6.06 -41.06 -10.69
N LYS A 96 6.17 -40.40 -9.54
CA LYS A 96 5.02 -40.29 -8.66
C LYS A 96 3.92 -39.43 -9.29
N HIS A 97 4.29 -38.35 -9.98
CA HIS A 97 3.28 -37.57 -10.69
C HIS A 97 2.61 -38.42 -11.77
N ALA A 98 3.41 -39.15 -12.55
CA ALA A 98 2.84 -39.99 -13.60
C ALA A 98 1.85 -41.00 -13.03
N GLU A 99 2.16 -41.60 -11.89
CA GLU A 99 1.26 -42.61 -11.32
C GLU A 99 -0.07 -42.00 -10.89
N VAL A 100 -0.02 -40.83 -10.25
CA VAL A 100 -1.24 -40.12 -9.87
C VAL A 100 -2.03 -39.74 -11.12
N ALA A 101 -1.35 -39.23 -12.15
CA ALA A 101 -2.03 -38.81 -13.38
C ALA A 101 -2.74 -39.98 -14.04
N ARG A 102 -2.11 -41.16 -14.07
CA ARG A 102 -2.76 -42.30 -14.69
C ARG A 102 -4.04 -42.68 -13.96
N VAL A 103 -4.01 -42.65 -12.63
CA VAL A 103 -5.24 -42.89 -11.87
C VAL A 103 -6.29 -41.82 -12.21
N ASN A 104 -5.88 -40.57 -12.29
CA ASN A 104 -6.83 -39.49 -12.54
C ASN A 104 -7.44 -39.59 -13.93
N LEU A 105 -6.64 -39.96 -14.93
CA LEU A 105 -7.13 -40.11 -16.30
C LEU A 105 -8.14 -41.24 -16.40
N GLN A 106 -7.88 -42.33 -15.68
CA GLN A 106 -8.85 -43.42 -15.67
C GLN A 106 -10.18 -42.98 -15.09
N ARG A 107 -10.16 -42.31 -13.92
CA ARG A 107 -11.41 -41.84 -13.33
C ARG A 107 -12.11 -40.81 -14.20
N ALA A 108 -11.38 -40.11 -15.06
CA ALA A 108 -12.00 -39.17 -15.97
C ALA A 108 -12.50 -39.84 -17.25
N GLY A 109 -12.30 -41.15 -17.38
CA GLY A 109 -12.84 -41.87 -18.51
C GLY A 109 -12.06 -41.68 -19.80
N VAL A 110 -10.80 -41.23 -19.71
CA VAL A 110 -10.01 -40.95 -20.90
C VAL A 110 -8.71 -41.76 -20.93
N ALA A 111 -8.59 -42.77 -20.07
CA ALA A 111 -7.32 -43.51 -19.99
C ALA A 111 -6.95 -44.16 -21.32
N ASP A 112 -7.94 -44.58 -22.11
N ASP A 112 -7.93 -44.60 -22.10
CA ASP A 112 -7.68 -45.24 -23.39
CA ASP A 112 -7.61 -45.24 -23.37
C ASP A 112 -7.29 -44.27 -24.50
C ASP A 112 -7.03 -44.25 -24.38
N ARG A 113 -7.35 -42.96 -24.25
CA ARG A 113 -6.90 -41.96 -25.20
C ARG A 113 -5.56 -41.33 -24.86
N VAL A 114 -4.97 -41.66 -23.70
CA VAL A 114 -3.83 -40.91 -23.18
C VAL A 114 -2.71 -41.88 -22.83
N GLU A 115 -1.50 -41.56 -23.30
CA GLU A 115 -0.29 -42.25 -22.88
C GLU A 115 0.56 -41.26 -22.08
N VAL A 116 0.88 -41.62 -20.84
CA VAL A 116 1.85 -40.88 -20.04
C VAL A 116 3.21 -41.52 -20.28
N VAL A 117 4.16 -40.74 -20.78
CA VAL A 117 5.49 -41.23 -21.13
C VAL A 117 6.43 -40.68 -20.07
N VAL A 118 7.07 -41.56 -19.32
CA VAL A 118 7.82 -41.13 -18.14
C VAL A 118 9.28 -40.94 -18.50
N GLY A 119 9.84 -39.80 -18.08
CA GLY A 119 11.23 -39.49 -18.28
C GLY A 119 11.39 -38.01 -18.58
N PRO A 120 12.62 -37.52 -18.55
CA PRO A 120 12.88 -36.13 -18.94
C PRO A 120 12.47 -35.93 -20.40
N ALA A 121 11.70 -34.87 -20.65
CA ALA A 121 11.15 -34.65 -21.99
C ALA A 121 12.22 -34.53 -23.06
N LEU A 122 13.39 -33.96 -22.74
CA LEU A 122 14.44 -33.88 -23.74
C LEU A 122 14.91 -35.25 -24.19
N ASP A 123 14.75 -36.27 -23.35
CA ASP A 123 15.14 -37.63 -23.69
C ASP A 123 14.02 -38.42 -24.35
N THR A 124 12.76 -38.11 -24.04
CA THR A 124 11.67 -38.90 -24.61
C THR A 124 11.11 -38.30 -25.90
N LEU A 125 11.16 -36.98 -26.06
CA LEU A 125 10.71 -36.35 -27.31
C LEU A 125 11.32 -36.97 -28.56
N PRO A 126 12.61 -37.31 -28.62
CA PRO A 126 13.16 -37.98 -29.83
C PRO A 126 12.63 -39.38 -30.06
N THR A 127 11.99 -40.02 -29.09
CA THR A 127 11.51 -41.38 -29.24
C THR A 127 10.03 -41.44 -29.62
N LEU A 128 9.36 -40.29 -29.63
CA LEU A 128 7.92 -40.24 -29.90
C LEU A 128 7.61 -40.51 -31.37
N ALA A 129 6.65 -41.40 -31.62
CA ALA A 129 6.18 -41.67 -32.97
C ALA A 129 4.67 -41.43 -33.08
N GLY A 130 4.09 -40.71 -32.11
CA GLY A 130 2.66 -40.45 -32.05
C GLY A 130 2.15 -39.24 -32.82
N GLY A 131 3.00 -38.69 -33.68
CA GLY A 131 2.70 -37.53 -34.49
C GLY A 131 2.33 -37.86 -35.94
N PRO A 132 2.12 -36.82 -36.78
CA PRO A 132 2.32 -35.41 -36.42
C PRO A 132 1.21 -34.87 -35.52
N PHE A 133 1.61 -33.97 -34.62
CA PHE A 133 0.68 -33.44 -33.64
C PHE A 133 -0.06 -32.22 -34.19
N ASP A 134 -1.32 -32.10 -33.79
CA ASP A 134 -2.19 -30.98 -34.12
C ASP A 134 -2.12 -29.86 -33.09
N LEU A 135 -1.77 -30.20 -31.85
CA LEU A 135 -1.80 -29.27 -30.75
C LEU A 135 -0.72 -29.66 -29.76
N VAL A 136 0.09 -28.70 -29.32
CA VAL A 136 1.14 -28.96 -28.34
C VAL A 136 0.94 -27.98 -27.19
N PHE A 137 0.85 -28.52 -25.97
CA PHE A 137 0.74 -27.69 -24.76
C PHE A 137 2.04 -27.84 -23.98
N ILE A 138 2.75 -26.73 -23.78
CA ILE A 138 4.09 -26.77 -23.18
C ILE A 138 3.97 -26.19 -21.77
N ASP A 139 4.19 -27.04 -20.77
CA ASP A 139 3.95 -26.62 -19.39
C ASP A 139 4.83 -27.43 -18.42
N ALA A 140 6.13 -27.50 -18.70
CA ALA A 140 7.02 -28.32 -17.88
C ALA A 140 8.09 -27.45 -17.20
N ASP A 141 9.38 -27.82 -17.31
CA ASP A 141 10.47 -27.00 -16.76
C ASP A 141 10.72 -25.80 -17.66
N LYS A 142 10.62 -24.58 -17.10
CA LYS A 142 10.54 -23.41 -17.96
C LYS A 142 11.83 -23.13 -18.72
N GLU A 143 12.99 -23.48 -18.15
CA GLU A 143 14.24 -23.23 -18.87
C GLU A 143 14.33 -24.03 -20.17
N ASN A 144 13.48 -25.04 -20.35
CA ASN A 144 13.49 -25.78 -21.61
C ASN A 144 12.32 -25.43 -22.51
N ASN A 145 11.55 -24.37 -22.19
CA ASN A 145 10.49 -23.95 -23.11
C ASN A 145 11.02 -23.87 -24.55
N VAL A 146 12.15 -23.22 -24.75
CA VAL A 146 12.65 -22.97 -26.11
C VAL A 146 12.99 -24.28 -26.80
N ALA A 147 13.69 -25.19 -26.11
CA ALA A 147 13.94 -26.51 -26.69
C ALA A 147 12.64 -27.25 -27.00
N TYR A 148 11.66 -27.18 -26.09
CA TYR A 148 10.39 -27.89 -26.33
C TYR A 148 9.64 -27.28 -27.51
N ILE A 149 9.73 -25.97 -27.69
CA ILE A 149 9.08 -25.33 -28.83
C ILE A 149 9.75 -25.78 -30.13
N GLN A 150 11.08 -25.88 -30.13
CA GLN A 150 11.78 -26.39 -31.32
C GLN A 150 11.35 -27.82 -31.63
N TRP A 151 11.21 -28.66 -30.60
CA TRP A 151 10.72 -30.03 -30.82
C TRP A 151 9.27 -30.01 -31.31
N ALA A 152 8.46 -29.10 -30.75
CA ALA A 152 7.05 -29.01 -31.16
C ALA A 152 6.95 -28.71 -32.65
N ILE A 153 7.74 -27.76 -33.14
CA ILE A 153 7.74 -27.45 -34.56
C ILE A 153 8.12 -28.67 -35.38
N ARG A 154 9.16 -29.39 -34.95
CA ARG A 154 9.59 -30.57 -35.69
C ARG A 154 8.51 -31.66 -35.71
N LEU A 155 7.76 -31.81 -34.63
CA LEU A 155 6.84 -32.92 -34.49
C LEU A 155 5.39 -32.55 -34.85
N ALA A 156 5.13 -31.31 -35.21
CA ALA A 156 3.76 -30.85 -35.47
C ALA A 156 3.47 -30.81 -36.97
N ARG A 157 2.18 -30.86 -37.29
CA ARG A 157 1.80 -30.62 -38.67
C ARG A 157 1.84 -29.12 -38.94
N ARG A 158 1.92 -28.76 -40.22
N ARG A 158 1.92 -28.76 -40.22
CA ARG A 158 1.74 -27.36 -40.58
CA ARG A 158 1.73 -27.37 -40.59
C ARG A 158 0.37 -26.89 -40.14
C ARG A 158 0.37 -26.89 -40.12
N GLY A 159 0.32 -25.71 -39.52
CA GLY A 159 -0.92 -25.17 -38.98
C GLY A 159 -1.26 -25.59 -37.57
N ALA A 160 -0.45 -26.44 -36.96
CA ALA A 160 -0.68 -26.86 -35.58
C ALA A 160 -0.63 -25.67 -34.62
N VAL A 161 -1.28 -25.84 -33.48
CA VAL A 161 -1.33 -24.82 -32.43
C VAL A 161 -0.34 -25.21 -31.34
N ILE A 162 0.49 -24.25 -30.91
CA ILE A 162 1.37 -24.42 -29.75
C ILE A 162 0.92 -23.43 -28.69
N VAL A 163 0.69 -23.92 -27.48
CA VAL A 163 0.32 -23.08 -26.34
C VAL A 163 1.40 -23.24 -25.28
N VAL A 164 1.91 -22.13 -24.76
CA VAL A 164 2.92 -22.14 -23.70
C VAL A 164 2.30 -21.45 -22.49
N ASP A 165 2.29 -22.14 -21.35
CA ASP A 165 1.71 -21.60 -20.11
C ASP A 165 2.73 -20.73 -19.35
N ASN A 166 2.19 -19.80 -18.56
CA ASN A 166 2.96 -19.07 -17.54
C ASN A 166 4.03 -18.15 -18.13
N VAL A 167 3.69 -17.37 -19.16
CA VAL A 167 4.69 -16.57 -19.86
C VAL A 167 4.74 -15.12 -19.38
N ILE A 168 3.97 -14.74 -18.35
CA ILE A 168 3.92 -13.35 -17.89
C ILE A 168 4.46 -13.20 -16.47
N ARG A 169 4.11 -14.13 -15.57
CA ARG A 169 4.67 -14.21 -14.22
C ARG A 169 4.57 -12.86 -13.50
N GLY A 170 3.36 -12.32 -13.43
CA GLY A 170 3.13 -11.10 -12.68
C GLY A 170 3.90 -9.90 -13.16
N GLY A 171 4.23 -9.85 -14.46
CA GLY A 171 5.01 -8.76 -15.01
C GLY A 171 6.50 -8.91 -14.82
N GLY A 172 6.94 -10.00 -14.18
CA GLY A 172 8.36 -10.20 -13.92
C GLY A 172 9.20 -10.30 -15.18
N ILE A 173 8.58 -10.58 -16.32
CA ILE A 173 9.32 -10.62 -17.58
C ILE A 173 9.91 -9.26 -17.93
N LEU A 174 9.45 -8.19 -17.29
CA LEU A 174 9.99 -6.85 -17.49
C LEU A 174 11.03 -6.47 -16.45
N ALA A 175 11.24 -7.31 -15.44
CA ALA A 175 12.12 -6.98 -14.31
C ALA A 175 13.45 -7.70 -14.45
N GLU A 176 14.48 -7.17 -13.78
CA GLU A 176 15.80 -7.80 -13.80
C GLU A 176 16.11 -8.54 -12.50
N SER A 177 15.22 -9.45 -12.11
CA SER A 177 15.32 -10.21 -10.89
C SER A 177 15.86 -11.59 -11.23
N ASP A 178 16.61 -12.17 -10.30
CA ASP A 178 17.08 -13.55 -10.45
C ASP A 178 15.90 -14.49 -10.22
N ASP A 179 15.00 -14.58 -11.20
CA ASP A 179 13.68 -15.19 -11.09
C ASP A 179 13.59 -16.15 -12.27
N ALA A 180 13.80 -17.44 -12.02
CA ALA A 180 14.00 -18.38 -13.12
C ALA A 180 12.81 -18.44 -14.07
N ASP A 181 11.57 -18.46 -13.57
CA ASP A 181 10.45 -18.60 -14.50
C ASP A 181 10.17 -17.32 -15.26
N ALA A 182 10.47 -16.16 -14.68
CA ALA A 182 10.31 -14.92 -15.43
C ALA A 182 11.41 -14.72 -16.48
N VAL A 183 12.66 -15.04 -16.13
CA VAL A 183 13.73 -14.98 -17.11
C VAL A 183 13.44 -15.92 -18.28
N ALA A 184 13.03 -17.15 -17.98
CA ALA A 184 12.72 -18.11 -19.03
C ALA A 184 11.54 -17.64 -19.87
N ALA A 185 10.51 -17.09 -19.23
CA ALA A 185 9.35 -16.62 -19.99
C ALA A 185 9.72 -15.50 -20.95
N ARG A 186 10.54 -14.55 -20.50
N ARG A 186 10.53 -14.54 -20.48
CA ARG A 186 10.92 -13.46 -21.38
CA ARG A 186 10.97 -13.46 -21.34
C ARG A 186 11.70 -13.98 -22.58
C ARG A 186 11.69 -13.98 -22.57
N ARG A 187 12.64 -14.90 -22.36
CA ARG A 187 13.42 -15.47 -23.46
C ARG A 187 12.52 -16.29 -24.37
N THR A 188 11.54 -16.99 -23.79
CA THR A 188 10.61 -17.77 -24.59
C THR A 188 9.84 -16.87 -25.55
N LEU A 189 9.32 -15.76 -25.04
CA LEU A 189 8.55 -14.83 -25.87
C LEU A 189 9.43 -14.22 -26.97
N GLN A 190 10.65 -13.87 -26.62
CA GLN A 190 11.54 -13.30 -27.64
C GLN A 190 11.86 -14.33 -28.71
N MET A 191 12.05 -15.59 -28.31
CA MET A 191 12.34 -16.63 -29.30
C MET A 191 11.15 -16.84 -30.22
N MET A 192 9.93 -16.85 -29.67
CA MET A 192 8.75 -17.09 -30.49
C MET A 192 8.53 -15.94 -31.47
N GLY A 193 8.79 -14.70 -31.04
CA GLY A 193 8.61 -13.57 -31.93
C GLY A 193 9.59 -13.61 -33.08
N GLU A 194 10.81 -14.09 -32.81
CA GLU A 194 11.86 -14.09 -33.83
C GLU A 194 11.80 -15.30 -34.75
N HIS A 195 11.12 -16.37 -34.35
CA HIS A 195 11.16 -17.61 -35.11
C HIS A 195 10.40 -17.45 -36.41
N PRO A 196 11.03 -17.65 -37.57
CA PRO A 196 10.30 -17.46 -38.84
C PRO A 196 9.22 -18.51 -39.08
N GLY A 197 9.26 -19.63 -38.37
CA GLY A 197 8.28 -20.68 -38.51
C GLY A 197 7.08 -20.55 -37.61
N LEU A 198 7.00 -19.48 -36.82
CA LEU A 198 5.92 -19.30 -35.85
C LEU A 198 5.24 -17.96 -36.07
N ASP A 199 3.92 -17.94 -35.88
CA ASP A 199 3.18 -16.69 -35.77
C ASP A 199 2.50 -16.71 -34.43
N ALA A 200 2.78 -15.72 -33.57
CA ALA A 200 2.48 -15.86 -32.16
C ALA A 200 1.79 -14.62 -31.59
N THR A 201 1.04 -14.84 -30.52
CA THR A 201 0.49 -13.79 -29.68
C THR A 201 0.61 -14.23 -28.23
N ALA A 202 0.42 -13.29 -27.30
CA ALA A 202 0.44 -13.64 -25.88
C ALA A 202 -0.65 -12.84 -25.18
N ILE A 203 -1.43 -13.53 -24.37
CA ILE A 203 -2.57 -12.94 -23.68
C ILE A 203 -2.29 -12.95 -22.19
N GLN A 204 -2.30 -11.76 -21.59
CA GLN A 204 -2.20 -11.68 -20.13
C GLN A 204 -3.52 -12.05 -19.47
N THR A 205 -3.46 -12.85 -18.40
CA THR A 205 -4.66 -13.34 -17.74
C THR A 205 -4.61 -13.03 -16.25
N VAL A 206 -5.79 -12.98 -15.64
CA VAL A 206 -5.92 -12.97 -14.19
C VAL A 206 -7.00 -13.99 -13.84
N GLY A 207 -7.12 -14.25 -12.56
CA GLY A 207 -8.11 -15.21 -12.08
C GLY A 207 -7.63 -15.83 -10.78
N ARG A 208 -8.03 -17.09 -10.58
N ARG A 208 -8.01 -17.10 -10.57
CA ARG A 208 -7.65 -17.80 -9.36
CA ARG A 208 -7.66 -17.78 -9.35
C ARG A 208 -6.14 -17.83 -9.16
C ARG A 208 -6.15 -17.86 -9.15
N LYS A 209 -5.38 -17.94 -10.24
CA LYS A 209 -3.95 -18.14 -10.13
C LYS A 209 -3.13 -16.84 -10.19
N GLY A 210 -3.78 -15.69 -10.23
CA GLY A 210 -3.03 -14.44 -10.22
C GLY A 210 -2.73 -13.95 -11.63
N TRP A 211 -1.89 -12.92 -11.70
CA TRP A 211 -1.57 -12.28 -12.98
C TRP A 211 -0.51 -13.11 -13.71
N ASP A 212 -0.90 -13.73 -14.83
CA ASP A 212 0.05 -14.53 -15.59
C ASP A 212 -0.39 -14.45 -17.04
N GLY A 213 -0.25 -15.50 -17.83
CA GLY A 213 -0.67 -15.41 -19.20
C GLY A 213 -0.10 -16.55 -20.00
N PHE A 214 -0.48 -16.59 -21.28
CA PHE A 214 -0.07 -17.69 -22.12
C PHE A 214 0.31 -17.17 -23.49
N ALA A 215 1.21 -17.90 -24.17
CA ALA A 215 1.54 -17.65 -25.56
C ALA A 215 0.79 -18.67 -26.41
N LEU A 216 0.29 -18.21 -27.55
CA LEU A 216 -0.36 -19.09 -28.50
C LEU A 216 0.26 -18.83 -29.86
N ALA A 217 0.69 -19.89 -30.55
CA ALA A 217 1.34 -19.73 -31.84
C ALA A 217 0.80 -20.73 -32.84
N LEU A 218 0.83 -20.37 -34.12
CA LEU A 218 0.56 -21.30 -35.20
C LEU A 218 1.88 -21.71 -35.83
N VAL A 219 2.01 -23.00 -36.14
CA VAL A 219 3.19 -23.45 -36.88
C VAL A 219 2.93 -23.09 -38.34
N ARG A 220 3.63 -22.07 -38.82
CA ARG A 220 3.47 -21.68 -40.20
C ARG A 220 4.23 -22.61 -41.13
N GLU A 221 5.33 -23.18 -40.66
CA GLU A 221 6.14 -24.05 -41.49
C GLU A 221 7.01 -24.93 -40.59
N ASN A 222 7.11 -26.21 -40.94
CA ASN A 222 8.15 -27.07 -40.39
C ASN A 222 9.49 -26.77 -41.04
N GLN B 6 6.22 -2.92 -9.88
CA GLN B 6 6.37 -1.76 -10.75
C GLN B 6 5.87 -2.04 -12.18
N PRO B 7 6.21 -3.19 -12.78
CA PRO B 7 5.63 -3.48 -14.10
C PRO B 7 4.12 -3.60 -13.97
N ASN B 8 3.41 -3.12 -14.97
CA ASN B 8 1.96 -3.17 -15.01
C ASN B 8 1.51 -3.78 -16.32
N PRO B 9 0.24 -4.14 -16.45
CA PRO B 9 -0.20 -4.85 -17.68
C PRO B 9 -0.03 -4.02 -18.94
N PRO B 10 -0.32 -2.70 -18.94
CA PRO B 10 -0.03 -1.93 -20.17
C PRO B 10 1.43 -1.98 -20.60
N ASP B 11 2.38 -1.89 -19.65
CA ASP B 11 3.79 -2.00 -20.00
C ASP B 11 4.12 -3.36 -20.60
N VAL B 12 3.56 -4.43 -20.01
CA VAL B 12 3.78 -5.76 -20.56
C VAL B 12 3.22 -5.84 -21.99
N ASP B 13 2.04 -5.26 -22.21
CA ASP B 13 1.46 -5.29 -23.56
C ASP B 13 2.36 -4.56 -24.56
N ALA B 14 2.98 -3.46 -24.16
CA ALA B 14 3.88 -2.77 -25.08
C ALA B 14 5.03 -3.69 -25.47
N PHE B 15 5.56 -4.43 -24.50
CA PHE B 15 6.62 -5.39 -24.77
C PHE B 15 6.12 -6.49 -25.71
N LEU B 16 4.93 -7.05 -25.43
CA LEU B 16 4.39 -8.12 -26.27
C LEU B 16 4.13 -7.63 -27.69
N ASP B 17 3.61 -6.40 -27.83
CA ASP B 17 3.41 -5.84 -29.16
C ASP B 17 4.72 -5.77 -29.91
N SER B 18 5.76 -5.24 -29.27
CA SER B 18 7.03 -5.07 -29.98
C SER B 18 7.66 -6.41 -30.32
N THR B 19 7.47 -7.42 -29.46
CA THR B 19 8.15 -8.70 -29.57
C THR B 19 7.43 -9.67 -30.50
N LEU B 20 6.09 -9.68 -30.46
CA LEU B 20 5.32 -10.69 -31.16
C LEU B 20 4.54 -10.19 -32.36
N VAL B 21 4.25 -8.88 -32.43
CA VAL B 21 3.49 -8.32 -33.55
C VAL B 21 4.38 -7.47 -34.45
N GLY B 22 5.14 -6.54 -33.86
CA GLY B 22 6.04 -5.70 -34.65
C GLY B 22 5.32 -4.58 -35.39
N ASP B 23 6.07 -3.91 -36.26
CA ASP B 23 5.51 -2.78 -37.00
C ASP B 23 4.37 -3.24 -37.91
N ASP B 24 3.25 -2.52 -37.83
CA ASP B 24 2.03 -2.86 -38.57
C ASP B 24 1.51 -1.59 -39.23
N PRO B 25 2.07 -1.21 -40.38
CA PRO B 25 1.69 0.07 -40.98
C PRO B 25 0.23 0.14 -41.39
N ALA B 26 -0.38 -0.98 -41.78
CA ALA B 26 -1.79 -0.97 -42.14
C ALA B 26 -2.67 -0.63 -40.93
N LEU B 27 -2.36 -1.17 -39.76
CA LEU B 27 -3.13 -0.84 -38.57
C LEU B 27 -2.77 0.54 -38.04
N ALA B 28 -1.53 0.98 -38.21
CA ALA B 28 -1.19 2.36 -37.88
C ALA B 28 -2.02 3.33 -38.70
N ALA B 29 -2.14 3.07 -40.02
CA ALA B 29 -2.95 3.94 -40.86
C ALA B 29 -4.42 3.86 -40.49
N ALA B 30 -4.90 2.67 -40.14
CA ALA B 30 -6.29 2.51 -39.73
C ALA B 30 -6.59 3.31 -38.47
N LEU B 31 -5.62 3.37 -37.54
CA LEU B 31 -5.81 4.15 -36.33
C LEU B 31 -5.88 5.64 -36.64
N ALA B 32 -4.95 6.11 -37.48
CA ALA B 32 -4.97 7.53 -37.88
C ALA B 32 -6.29 7.89 -38.58
N ALA B 33 -6.77 7.02 -39.47
CA ALA B 33 -8.03 7.31 -40.14
C ALA B 33 -9.19 7.26 -39.17
N SER B 34 -9.17 6.32 -38.22
CA SER B 34 -10.20 6.25 -37.20
C SER B 34 -10.19 7.51 -36.33
N ASP B 35 -9.00 7.97 -35.95
CA ASP B 35 -8.88 9.20 -35.17
C ASP B 35 -9.40 10.41 -35.93
N ALA B 36 -9.04 10.52 -37.22
CA ALA B 36 -9.51 11.65 -38.01
C ALA B 36 -11.03 11.69 -38.09
N ALA B 37 -11.69 10.54 -38.12
CA ALA B 37 -13.14 10.48 -38.14
C ALA B 37 -13.74 10.48 -36.73
N GLU B 38 -12.92 10.67 -35.70
CA GLU B 38 -13.39 10.79 -34.31
C GLU B 38 -14.08 9.52 -33.84
N LEU B 39 -13.60 8.37 -34.30
CA LEU B 39 -14.08 7.11 -33.76
C LEU B 39 -13.53 6.90 -32.36
N PRO B 40 -14.32 6.34 -31.44
CA PRO B 40 -13.82 6.03 -30.09
C PRO B 40 -12.67 5.03 -30.15
N ARG B 41 -11.69 5.23 -29.27
CA ARG B 41 -10.51 4.37 -29.23
C ARG B 41 -10.79 3.14 -28.36
N ILE B 42 -11.64 2.25 -28.90
CA ILE B 42 -12.08 1.06 -28.16
C ILE B 42 -11.85 -0.21 -28.98
N ALA B 43 -11.03 -0.13 -30.01
CA ALA B 43 -10.74 -1.32 -30.81
C ALA B 43 -9.93 -2.35 -30.03
N VAL B 44 -9.92 -3.58 -30.53
CA VAL B 44 -9.10 -4.62 -29.90
C VAL B 44 -7.64 -4.17 -29.86
N SER B 45 -6.94 -4.61 -28.82
CA SER B 45 -5.50 -4.41 -28.78
C SER B 45 -4.81 -5.30 -29.82
N ALA B 46 -3.53 -5.05 -30.06
CA ALA B 46 -2.79 -5.86 -31.04
C ALA B 46 -2.69 -7.32 -30.61
N GLN B 47 -2.44 -7.59 -29.31
CA GLN B 47 -2.38 -9.00 -28.90
C GLN B 47 -3.74 -9.65 -29.08
N GLN B 48 -4.81 -8.91 -28.77
CA GLN B 48 -6.17 -9.44 -28.91
C GLN B 48 -6.51 -9.67 -30.38
N GLY B 49 -6.18 -8.71 -31.23
CA GLY B 49 -6.44 -8.89 -32.66
C GLY B 49 -5.65 -10.04 -33.23
N LYS B 50 -4.37 -10.15 -32.85
CA LYS B 50 -3.57 -11.27 -33.34
C LYS B 50 -4.15 -12.60 -32.85
N PHE B 51 -4.70 -12.62 -31.63
CA PHE B 51 -5.39 -13.82 -31.14
C PHE B 51 -6.55 -14.20 -32.07
N LEU B 52 -7.38 -13.23 -32.44
CA LEU B 52 -8.49 -13.54 -33.37
C LEU B 52 -7.96 -14.07 -34.69
N CYS B 53 -6.90 -13.45 -35.19
CA CYS B 53 -6.27 -13.89 -36.43
C CYS B 53 -5.78 -15.34 -36.33
N LEU B 54 -5.04 -15.65 -35.26
CA LEU B 54 -4.52 -17.00 -35.12
C LEU B 54 -5.63 -18.00 -34.84
N LEU B 55 -6.69 -17.58 -34.16
CA LEU B 55 -7.82 -18.48 -33.95
C LEU B 55 -8.49 -18.83 -35.28
N ALA B 56 -8.74 -17.82 -36.12
CA ALA B 56 -9.30 -18.09 -37.45
C ALA B 56 -8.37 -18.98 -38.27
N GLY B 57 -7.06 -18.73 -38.18
CA GLY B 57 -6.13 -19.58 -38.91
C GLY B 57 -6.08 -21.01 -38.39
N ALA B 58 -6.16 -21.19 -37.07
CA ALA B 58 -6.07 -22.53 -36.51
C ALA B 58 -7.21 -23.42 -36.97
N ILE B 59 -8.42 -22.87 -37.04
CA ILE B 59 -9.56 -23.69 -37.41
C ILE B 59 -9.80 -23.64 -38.92
N GLN B 60 -8.89 -23.00 -39.67
CA GLN B 60 -9.03 -22.85 -41.12
C GLN B 60 -10.38 -22.21 -41.47
N ALA B 61 -10.74 -21.19 -40.71
CA ALA B 61 -12.00 -20.50 -40.94
C ALA B 61 -12.00 -19.86 -42.32
N ARG B 62 -13.05 -20.14 -43.08
CA ARG B 62 -13.21 -19.52 -44.39
C ARG B 62 -14.49 -18.69 -44.51
N ARG B 63 -15.39 -18.81 -43.55
CA ARG B 63 -16.60 -17.99 -43.48
C ARG B 63 -16.67 -17.45 -42.06
N VAL B 64 -16.50 -16.15 -41.91
CA VAL B 64 -16.43 -15.51 -40.59
C VAL B 64 -17.51 -14.45 -40.51
N LEU B 65 -18.21 -14.43 -39.37
CA LEU B 65 -19.21 -13.42 -39.06
C LEU B 65 -18.71 -12.57 -37.91
N GLU B 66 -18.70 -11.26 -38.09
CA GLU B 66 -18.36 -10.33 -37.02
C GLU B 66 -19.53 -9.37 -36.80
N ILE B 67 -19.87 -9.13 -35.54
CA ILE B 67 -20.95 -8.22 -35.16
C ILE B 67 -20.32 -7.07 -34.37
N GLY B 68 -20.29 -5.88 -34.98
CA GLY B 68 -19.64 -4.72 -34.38
C GLY B 68 -18.33 -4.38 -35.06
N THR B 69 -18.36 -3.55 -36.10
CA THR B 69 -17.17 -3.33 -36.92
C THR B 69 -16.29 -2.19 -36.42
N LEU B 70 -16.91 -1.11 -35.93
CA LEU B 70 -16.22 0.16 -35.64
C LEU B 70 -15.40 0.56 -36.85
N GLY B 71 -14.08 0.69 -36.71
CA GLY B 71 -13.21 1.06 -37.81
C GLY B 71 -12.55 -0.10 -38.52
N GLY B 72 -12.95 -1.34 -38.22
CA GLY B 72 -12.42 -2.49 -38.91
C GLY B 72 -11.14 -3.06 -38.35
N PHE B 73 -10.71 -2.68 -37.15
CA PHE B 73 -9.46 -3.22 -36.60
C PHE B 73 -9.57 -4.72 -36.40
N SER B 74 -10.56 -5.15 -35.62
CA SER B 74 -10.76 -6.59 -35.43
C SER B 74 -11.04 -7.28 -36.76
N THR B 75 -11.75 -6.59 -37.66
CA THR B 75 -12.09 -7.14 -38.96
C THR B 75 -10.85 -7.45 -39.78
N ILE B 76 -9.88 -6.52 -39.79
CA ILE B 76 -8.64 -6.73 -40.51
C ILE B 76 -7.92 -7.96 -39.97
N TRP B 77 -7.86 -8.10 -38.64
CA TRP B 77 -7.23 -9.27 -38.04
C TRP B 77 -7.96 -10.56 -38.44
N LEU B 78 -9.30 -10.56 -38.41
CA LEU B 78 -10.02 -11.77 -38.81
C LEU B 78 -9.78 -12.10 -40.28
N ALA B 79 -9.74 -11.07 -41.14
CA ALA B 79 -9.51 -11.30 -42.56
C ALA B 79 -8.09 -11.82 -42.80
N ARG B 80 -7.12 -11.33 -42.03
CA ARG B 80 -5.77 -11.86 -42.13
C ARG B 80 -5.75 -13.34 -41.78
N GLY B 81 -6.47 -13.73 -40.73
CA GLY B 81 -6.46 -15.14 -40.34
C GLY B 81 -7.25 -16.04 -41.28
N ALA B 82 -8.36 -15.54 -41.82
CA ALA B 82 -9.13 -16.34 -42.77
C ALA B 82 -8.39 -16.50 -44.10
N GLY B 83 -7.49 -15.57 -44.42
CA GLY B 83 -6.66 -15.68 -45.59
C GLY B 83 -7.38 -15.24 -46.86
N PRO B 84 -6.65 -15.26 -47.98
CA PRO B 84 -7.21 -14.76 -49.25
C PRO B 84 -8.40 -15.56 -49.75
N GLN B 85 -8.54 -16.81 -49.32
CA GLN B 85 -9.67 -17.63 -49.71
C GLN B 85 -10.87 -17.45 -48.79
N GLY B 86 -10.67 -16.83 -47.63
CA GLY B 86 -11.73 -16.67 -46.68
C GLY B 86 -12.57 -15.44 -46.94
N ARG B 87 -13.77 -15.44 -46.37
CA ARG B 87 -14.67 -14.30 -46.47
C ARG B 87 -15.13 -13.91 -45.09
N VAL B 88 -15.14 -12.61 -44.82
CA VAL B 88 -15.62 -12.06 -43.57
C VAL B 88 -16.83 -11.20 -43.86
N VAL B 89 -17.92 -11.43 -43.12
CA VAL B 89 -19.08 -10.55 -43.15
C VAL B 89 -19.10 -9.85 -41.81
N THR B 90 -19.09 -8.52 -41.83
CA THR B 90 -19.08 -7.76 -40.58
C THR B 90 -20.25 -6.78 -40.59
N LEU B 91 -20.95 -6.69 -39.45
CA LEU B 91 -22.19 -5.93 -39.31
C LEU B 91 -21.95 -4.68 -38.48
N GLU B 92 -22.42 -3.53 -38.97
CA GLU B 92 -22.14 -2.26 -38.32
C GLU B 92 -23.37 -1.37 -38.44
N TYR B 93 -23.78 -0.79 -37.32
CA TYR B 93 -25.01 0.00 -37.29
C TYR B 93 -24.80 1.41 -37.85
N GLN B 94 -23.62 1.99 -37.61
CA GLN B 94 -23.36 3.41 -37.93
C GLN B 94 -22.79 3.56 -39.32
N PRO B 95 -23.45 4.26 -40.23
CA PRO B 95 -22.88 4.48 -41.57
C PRO B 95 -21.49 5.08 -41.55
N LYS B 96 -21.22 6.01 -40.62
CA LYS B 96 -19.90 6.63 -40.57
C LYS B 96 -18.83 5.62 -40.19
N HIS B 97 -19.14 4.71 -39.25
CA HIS B 97 -18.17 3.68 -38.90
C HIS B 97 -17.89 2.77 -40.09
N ALA B 98 -18.95 2.36 -40.80
CA ALA B 98 -18.79 1.47 -41.95
C ALA B 98 -17.91 2.08 -43.02
N GLU B 99 -18.09 3.38 -43.27
CA GLU B 99 -17.30 4.05 -44.31
C GLU B 99 -15.81 4.07 -43.95
N VAL B 100 -15.49 4.39 -42.68
CA VAL B 100 -14.10 4.34 -42.24
C VAL B 100 -13.54 2.93 -42.34
N ALA B 101 -14.31 1.94 -41.90
CA ALA B 101 -13.83 0.55 -41.96
C ALA B 101 -13.54 0.12 -43.39
N ARG B 102 -14.42 0.46 -44.32
CA ARG B 102 -14.18 0.08 -45.71
C ARG B 102 -12.87 0.65 -46.22
N VAL B 103 -12.59 1.91 -45.88
CA VAL B 103 -11.30 2.50 -46.26
C VAL B 103 -10.15 1.78 -45.58
N ASN B 104 -10.31 1.48 -44.29
CA ASN B 104 -9.25 0.79 -43.58
C ASN B 104 -9.03 -0.61 -44.14
N LEU B 105 -10.12 -1.30 -44.51
CA LEU B 105 -9.97 -2.63 -45.07
C LEU B 105 -9.25 -2.60 -46.42
N GLN B 106 -9.59 -1.62 -47.27
CA GLN B 106 -8.91 -1.52 -48.56
C GLN B 106 -7.43 -1.24 -48.38
N ARG B 107 -7.08 -0.34 -47.47
CA ARG B 107 -5.68 0.00 -47.26
C ARG B 107 -4.90 -1.13 -46.61
N ALA B 108 -5.56 -2.00 -45.87
CA ALA B 108 -4.90 -3.17 -45.31
C ALA B 108 -4.80 -4.32 -46.29
N GLY B 109 -5.31 -4.16 -47.50
CA GLY B 109 -5.19 -5.16 -48.54
C GLY B 109 -6.13 -6.34 -48.43
N VAL B 110 -7.22 -6.22 -47.66
CA VAL B 110 -8.11 -7.36 -47.46
C VAL B 110 -9.53 -7.06 -47.95
N ALA B 111 -9.71 -6.00 -48.73
CA ALA B 111 -11.06 -5.63 -49.17
C ALA B 111 -11.72 -6.71 -50.01
N ASP B 112 -10.94 -7.49 -50.79
CA ASP B 112 -11.52 -8.58 -51.57
C ASP B 112 -12.15 -9.66 -50.69
N ARG B 113 -11.86 -9.67 -49.39
CA ARG B 113 -12.29 -10.73 -48.50
C ARG B 113 -13.41 -10.33 -47.55
N VAL B 114 -13.79 -9.05 -47.50
CA VAL B 114 -14.64 -8.54 -46.43
C VAL B 114 -15.83 -7.77 -47.01
N GLU B 115 -17.01 -8.04 -46.47
CA GLU B 115 -18.21 -7.26 -46.77
C GLU B 115 -18.71 -6.63 -45.47
N VAL B 116 -18.91 -5.32 -45.49
CA VAL B 116 -19.51 -4.62 -44.36
C VAL B 116 -20.98 -4.41 -44.66
N VAL B 117 -21.84 -4.93 -43.79
CA VAL B 117 -23.29 -4.86 -43.97
C VAL B 117 -23.83 -3.84 -42.97
N VAL B 118 -24.47 -2.79 -43.47
CA VAL B 118 -24.85 -1.66 -42.62
C VAL B 118 -26.28 -1.80 -42.14
N GLY B 119 -26.50 -1.58 -40.84
CA GLY B 119 -27.80 -1.64 -40.23
C GLY B 119 -27.75 -2.27 -38.85
N PRO B 120 -28.84 -2.20 -38.09
CA PRO B 120 -28.89 -2.95 -36.83
C PRO B 120 -28.75 -4.44 -37.10
N ALA B 121 -27.85 -5.10 -36.36
CA ALA B 121 -27.55 -6.50 -36.63
C ALA B 121 -28.79 -7.39 -36.52
N LEU B 122 -29.70 -7.08 -35.60
CA LEU B 122 -30.92 -7.89 -35.47
C LEU B 122 -31.79 -7.81 -36.71
N ASP B 123 -31.64 -6.76 -37.52
CA ASP B 123 -32.39 -6.66 -38.77
C ASP B 123 -31.65 -7.31 -39.94
N THR B 124 -30.32 -7.33 -39.91
CA THR B 124 -29.55 -7.86 -41.03
C THR B 124 -29.23 -9.34 -40.88
N LEU B 125 -29.07 -9.83 -39.65
CA LEU B 125 -28.79 -11.25 -39.43
C LEU B 125 -29.78 -12.21 -40.08
N PRO B 126 -31.10 -12.02 -40.01
CA PRO B 126 -32.01 -13.01 -40.63
C PRO B 126 -31.93 -13.07 -42.15
N THR B 127 -31.35 -12.06 -42.81
CA THR B 127 -31.22 -12.05 -44.26
C THR B 127 -29.83 -12.42 -44.74
N LEU B 128 -28.88 -12.68 -43.82
CA LEU B 128 -27.51 -12.98 -44.20
C LEU B 128 -27.45 -14.34 -44.87
N ALA B 129 -26.85 -14.40 -46.05
CA ALA B 129 -26.89 -15.62 -46.82
C ALA B 129 -25.47 -16.14 -47.05
N GLY B 130 -25.36 -17.10 -47.96
CA GLY B 130 -24.09 -17.73 -48.26
C GLY B 130 -24.04 -19.16 -47.76
N GLY B 131 -23.40 -19.35 -46.61
CA GLY B 131 -23.26 -20.66 -46.02
C GLY B 131 -23.05 -20.53 -44.53
N PRO B 132 -22.86 -21.65 -43.85
CA PRO B 132 -22.67 -21.61 -42.40
C PRO B 132 -21.32 -21.06 -42.02
N PHE B 133 -21.30 -20.34 -40.90
CA PHE B 133 -20.10 -19.66 -40.46
C PHE B 133 -19.22 -20.58 -39.61
N ASP B 134 -17.90 -20.41 -39.75
CA ASP B 134 -16.93 -21.17 -38.96
C ASP B 134 -16.55 -20.49 -37.66
N LEU B 135 -16.66 -19.17 -37.61
CA LEU B 135 -16.19 -18.35 -36.49
C LEU B 135 -17.11 -17.15 -36.40
N VAL B 136 -17.62 -16.84 -35.20
CA VAL B 136 -18.45 -15.65 -34.99
C VAL B 136 -17.84 -14.83 -33.87
N PHE B 137 -17.57 -13.57 -34.15
CA PHE B 137 -17.01 -12.65 -33.15
C PHE B 137 -18.09 -11.63 -32.83
N ILE B 138 -18.53 -11.61 -31.59
CA ILE B 138 -19.67 -10.81 -31.17
C ILE B 138 -19.13 -9.66 -30.31
N ASP B 139 -19.25 -8.44 -30.81
CA ASP B 139 -18.61 -7.30 -30.17
C ASP B 139 -19.36 -6.00 -30.51
N ALA B 140 -20.67 -5.98 -30.30
CA ALA B 140 -21.49 -4.83 -30.68
C ALA B 140 -22.15 -4.23 -29.45
N ASP B 141 -23.46 -4.03 -29.52
CA ASP B 141 -24.24 -3.56 -28.39
C ASP B 141 -24.48 -4.73 -27.43
N LYS B 142 -23.97 -4.61 -26.19
CA LYS B 142 -23.88 -5.79 -25.31
C LYS B 142 -25.26 -6.28 -24.89
N GLU B 143 -26.26 -5.38 -24.82
CA GLU B 143 -27.59 -5.80 -24.43
C GLU B 143 -28.20 -6.81 -25.41
N ASN B 144 -27.65 -6.92 -26.62
CA ASN B 144 -28.13 -7.91 -27.57
C ASN B 144 -27.18 -9.10 -27.72
N ASN B 145 -26.18 -9.24 -26.83
CA ASN B 145 -25.28 -10.40 -26.87
C ASN B 145 -26.07 -11.71 -27.00
N VAL B 146 -27.07 -11.90 -26.13
CA VAL B 146 -27.76 -13.19 -26.08
C VAL B 146 -28.47 -13.46 -27.40
N ALA B 147 -29.18 -12.46 -27.93
CA ALA B 147 -29.79 -12.61 -29.26
C ALA B 147 -28.73 -12.92 -30.32
N TYR B 148 -27.57 -12.26 -30.25
CA TYR B 148 -26.54 -12.54 -31.25
C TYR B 148 -25.99 -13.96 -31.12
N ILE B 149 -25.86 -14.46 -29.88
CA ILE B 149 -25.38 -15.82 -29.70
C ILE B 149 -26.40 -16.81 -30.25
N GLN B 150 -27.68 -16.56 -30.02
CA GLN B 150 -28.72 -17.41 -30.58
C GLN B 150 -28.65 -17.42 -32.09
N TRP B 151 -28.42 -16.25 -32.71
CA TRP B 151 -28.24 -16.19 -34.15
C TRP B 151 -26.98 -16.92 -34.58
N ALA B 152 -25.89 -16.75 -33.82
CA ALA B 152 -24.64 -17.42 -34.15
C ALA B 152 -24.83 -18.93 -34.20
N ILE B 153 -25.53 -19.48 -33.22
CA ILE B 153 -25.81 -20.92 -33.22
C ILE B 153 -26.59 -21.32 -34.46
N ARG B 154 -27.64 -20.56 -34.80
CA ARG B 154 -28.46 -20.92 -35.95
C ARG B 154 -27.68 -20.85 -37.26
N LEU B 155 -26.75 -19.89 -37.38
CA LEU B 155 -26.06 -19.64 -38.64
C LEU B 155 -24.68 -20.28 -38.73
N ALA B 156 -24.23 -20.98 -37.69
CA ALA B 156 -22.90 -21.54 -37.67
C ALA B 156 -22.95 -23.04 -37.99
N ARG B 157 -21.81 -23.56 -38.43
CA ARG B 157 -21.71 -25.00 -38.59
C ARG B 157 -21.50 -25.65 -37.23
N ARG B 158 -21.79 -26.95 -37.16
CA ARG B 158 -21.39 -27.72 -35.99
C ARG B 158 -19.89 -27.57 -35.77
N GLY B 159 -19.49 -27.33 -34.52
CA GLY B 159 -18.08 -27.15 -34.20
C GLY B 159 -17.55 -25.75 -34.40
N ALA B 160 -18.36 -24.80 -34.85
CA ALA B 160 -17.91 -23.43 -35.02
C ALA B 160 -17.53 -22.83 -33.66
N VAL B 161 -16.69 -21.79 -33.71
CA VAL B 161 -16.24 -21.07 -32.53
C VAL B 161 -17.01 -19.76 -32.43
N ILE B 162 -17.52 -19.45 -31.23
CA ILE B 162 -18.12 -18.16 -30.92
C ILE B 162 -17.23 -17.47 -29.89
N VAL B 163 -16.87 -16.22 -30.16
CA VAL B 163 -16.09 -15.41 -29.23
C VAL B 163 -16.91 -14.17 -28.89
N VAL B 164 -17.07 -13.89 -27.59
CA VAL B 164 -17.79 -12.70 -27.11
C VAL B 164 -16.82 -11.85 -26.32
N ASP B 165 -16.68 -10.58 -26.74
CA ASP B 165 -15.73 -9.67 -26.12
C ASP B 165 -16.35 -8.98 -24.91
N ASN B 166 -15.48 -8.59 -23.98
CA ASN B 166 -15.79 -7.64 -22.89
C ASN B 166 -16.80 -8.23 -21.90
N VAL B 167 -16.57 -9.45 -21.43
CA VAL B 167 -17.57 -10.11 -20.59
C VAL B 167 -17.25 -10.02 -19.10
N ILE B 168 -16.19 -9.30 -18.68
CA ILE B 168 -15.81 -9.24 -17.28
C ILE B 168 -15.94 -7.83 -16.70
N ARG B 169 -15.53 -6.81 -17.46
CA ARG B 169 -15.73 -5.38 -17.14
C ARG B 169 -15.26 -5.02 -15.73
N GLY B 170 -13.99 -5.31 -15.47
CA GLY B 170 -13.38 -4.95 -14.18
C GLY B 170 -14.05 -5.59 -12.98
N GLY B 171 -14.66 -6.75 -13.17
CA GLY B 171 -15.37 -7.39 -12.08
C GLY B 171 -16.78 -6.87 -11.87
N GLY B 172 -17.24 -5.93 -12.72
CA GLY B 172 -18.58 -5.39 -12.55
C GLY B 172 -19.68 -6.40 -12.68
N ILE B 173 -19.39 -7.56 -13.30
CA ILE B 173 -20.41 -8.59 -13.39
C ILE B 173 -20.75 -9.20 -12.03
N LEU B 174 -19.90 -9.01 -11.02
CA LEU B 174 -20.17 -9.47 -9.67
C LEU B 174 -20.54 -8.35 -8.71
N ALA B 175 -20.41 -7.10 -9.11
CA ALA B 175 -20.61 -5.96 -8.24
C ALA B 175 -21.94 -5.30 -8.53
N GLU B 176 -22.57 -4.77 -7.50
CA GLU B 176 -23.76 -3.95 -7.71
C GLU B 176 -23.40 -2.71 -8.54
N SER B 177 -22.92 -2.90 -9.76
CA SER B 177 -22.39 -1.80 -10.56
C SER B 177 -23.43 -1.29 -11.55
N ASP B 178 -23.64 0.04 -11.53
CA ASP B 178 -24.60 0.72 -12.43
C ASP B 178 -23.98 0.80 -13.83
N ASP B 179 -23.87 -0.36 -14.44
CA ASP B 179 -23.15 -0.54 -15.69
C ASP B 179 -24.02 -1.46 -16.54
N ALA B 180 -24.76 -0.90 -17.49
CA ALA B 180 -25.69 -1.70 -18.27
C ALA B 180 -24.99 -2.87 -18.97
N ASP B 181 -23.76 -2.65 -19.43
CA ASP B 181 -23.05 -3.71 -20.13
C ASP B 181 -22.47 -4.76 -19.19
N ALA B 182 -22.25 -4.45 -17.91
CA ALA B 182 -21.90 -5.50 -16.95
C ALA B 182 -23.11 -6.37 -16.65
N VAL B 183 -24.28 -5.75 -16.51
CA VAL B 183 -25.51 -6.53 -16.39
C VAL B 183 -25.65 -7.44 -17.59
N ALA B 184 -25.46 -6.88 -18.79
CA ALA B 184 -25.60 -7.69 -20.01
C ALA B 184 -24.55 -8.81 -20.04
N ALA B 185 -23.32 -8.50 -19.65
CA ALA B 185 -22.26 -9.52 -19.69
C ALA B 185 -22.55 -10.65 -18.70
N ARG B 186 -23.06 -10.32 -17.51
CA ARG B 186 -23.40 -11.36 -16.54
C ARG B 186 -24.49 -12.29 -17.10
N ARG B 187 -25.56 -11.73 -17.63
CA ARG B 187 -26.61 -12.54 -18.24
C ARG B 187 -26.10 -13.35 -19.44
N THR B 188 -25.15 -12.78 -20.19
CA THR B 188 -24.55 -13.50 -21.31
C THR B 188 -23.85 -14.77 -20.86
N LEU B 189 -23.04 -14.66 -19.80
CA LEU B 189 -22.32 -15.83 -19.27
C LEU B 189 -23.29 -16.87 -18.73
N GLN B 190 -24.35 -16.42 -18.03
CA GLN B 190 -25.32 -17.37 -17.51
C GLN B 190 -26.03 -18.07 -18.65
N MET B 191 -26.36 -17.33 -19.72
CA MET B 191 -27.03 -17.96 -20.85
C MET B 191 -26.12 -18.97 -21.54
N MET B 192 -24.84 -18.64 -21.69
CA MET B 192 -23.93 -19.57 -22.38
C MET B 192 -23.74 -20.84 -21.56
N GLY B 193 -23.67 -20.71 -20.23
CA GLY B 193 -23.49 -21.89 -19.40
C GLY B 193 -24.69 -22.82 -19.43
N GLU B 194 -25.89 -22.25 -19.48
CA GLU B 194 -27.12 -23.04 -19.46
C GLU B 194 -27.49 -23.59 -20.84
N HIS B 195 -26.96 -23.02 -21.91
CA HIS B 195 -27.41 -23.41 -23.24
C HIS B 195 -26.92 -24.81 -23.59
N PRO B 196 -27.82 -25.76 -23.88
CA PRO B 196 -27.36 -27.12 -24.21
C PRO B 196 -26.62 -27.24 -25.53
N GLY B 197 -26.73 -26.25 -26.42
CA GLY B 197 -26.03 -26.28 -27.69
C GLY B 197 -24.64 -25.67 -27.67
N LEU B 198 -24.18 -25.22 -26.51
CA LEU B 198 -22.89 -24.53 -26.37
C LEU B 198 -22.04 -25.20 -25.31
N ASP B 199 -20.74 -25.22 -25.52
CA ASP B 199 -19.77 -25.53 -24.47
C ASP B 199 -18.84 -24.34 -24.37
N ALA B 200 -18.75 -23.72 -23.18
CA ALA B 200 -18.16 -22.39 -23.08
C ALA B 200 -17.17 -22.28 -21.93
N THR B 201 -16.22 -21.37 -22.11
CA THR B 201 -15.28 -20.95 -21.06
C THR B 201 -15.17 -19.44 -21.11
N ALA B 202 -14.63 -18.84 -20.05
CA ALA B 202 -14.39 -17.40 -20.07
C ALA B 202 -13.05 -17.13 -19.41
N ILE B 203 -12.23 -16.33 -20.07
CA ILE B 203 -10.87 -16.04 -19.64
C ILE B 203 -10.81 -14.57 -19.27
N GLN B 204 -10.44 -14.28 -18.03
CA GLN B 204 -10.20 -12.90 -17.63
C GLN B 204 -8.84 -12.42 -18.12
N THR B 205 -8.79 -11.20 -18.63
CA THR B 205 -7.58 -10.66 -19.22
C THR B 205 -7.23 -9.32 -18.59
N VAL B 206 -5.96 -8.95 -18.68
CA VAL B 206 -5.49 -7.60 -18.41
C VAL B 206 -4.56 -7.20 -19.55
N GLY B 207 -4.19 -5.93 -19.52
CA GLY B 207 -3.35 -5.43 -20.59
C GLY B 207 -3.63 -3.95 -20.79
N ARG B 208 -3.40 -3.48 -22.01
CA ARG B 208 -3.58 -2.06 -22.30
C ARG B 208 -5.02 -1.61 -22.06
N LYS B 209 -6.00 -2.50 -22.23
CA LYS B 209 -7.38 -2.07 -22.07
C LYS B 209 -7.94 -2.31 -20.68
N GLY B 210 -7.13 -2.77 -19.74
CA GLY B 210 -7.60 -2.96 -18.38
C GLY B 210 -8.12 -4.36 -18.14
N TRP B 211 -8.71 -4.52 -16.95
CA TRP B 211 -9.21 -5.83 -16.53
C TRP B 211 -10.55 -6.10 -17.21
N ASP B 212 -10.56 -7.11 -18.10
CA ASP B 212 -11.79 -7.46 -18.80
C ASP B 212 -11.69 -8.95 -19.11
N GLY B 213 -12.18 -9.40 -20.25
CA GLY B 213 -12.11 -10.81 -20.56
C GLY B 213 -13.05 -11.16 -21.69
N PHE B 214 -13.00 -12.44 -22.07
CA PHE B 214 -13.79 -12.90 -23.22
C PHE B 214 -14.37 -14.27 -22.95
N ALA B 215 -15.49 -14.56 -23.60
CA ALA B 215 -16.07 -15.90 -23.59
C ALA B 215 -15.75 -16.56 -24.92
N LEU B 216 -15.44 -17.85 -24.86
CA LEU B 216 -15.22 -18.65 -26.06
C LEU B 216 -16.07 -19.90 -25.94
N ALA B 217 -16.83 -20.21 -27.00
CA ALA B 217 -17.72 -21.36 -26.96
C ALA B 217 -17.62 -22.13 -28.28
N LEU B 218 -17.85 -23.44 -28.20
CA LEU B 218 -18.03 -24.28 -29.39
C LEU B 218 -19.50 -24.57 -29.58
N VAL B 219 -19.94 -24.53 -30.84
CA VAL B 219 -21.31 -24.89 -31.16
C VAL B 219 -21.40 -26.40 -31.23
N ARG B 220 -22.17 -26.98 -30.29
CA ARG B 220 -22.32 -28.43 -30.25
C ARG B 220 -23.28 -28.94 -31.31
N GLU B 221 -24.34 -28.18 -31.60
N GLU B 221 -24.34 -28.19 -31.60
CA GLU B 221 -25.34 -28.61 -32.55
CA GLU B 221 -25.34 -28.63 -32.57
C GLU B 221 -25.89 -27.41 -33.31
C GLU B 221 -25.90 -27.42 -33.31
N ASN B 222 -25.80 -27.44 -34.63
CA ASN B 222 -26.37 -26.42 -35.48
C ASN B 222 -26.55 -26.97 -36.89
N GLN C 5 12.95 8.29 2.06
CA GLN C 5 14.36 8.64 1.95
C GLN C 5 15.25 7.75 2.82
N GLN C 6 14.64 6.83 3.56
CA GLN C 6 15.41 6.00 4.46
C GLN C 6 16.27 5.00 3.69
N PRO C 7 17.27 4.41 4.33
CA PRO C 7 18.09 3.40 3.67
C PRO C 7 17.31 2.15 3.33
N ASN C 8 17.67 1.55 2.21
CA ASN C 8 17.08 0.29 1.77
C ASN C 8 18.21 -0.68 1.54
N PRO C 9 17.90 -1.97 1.34
CA PRO C 9 18.96 -2.97 1.24
C PRO C 9 19.89 -2.74 0.05
N PRO C 10 19.39 -2.34 -1.13
CA PRO C 10 20.34 -2.02 -2.19
C PRO C 10 21.33 -0.92 -1.80
N ASP C 11 20.87 0.15 -1.12
CA ASP C 11 21.78 1.19 -0.66
C ASP C 11 22.84 0.62 0.27
N VAL C 12 22.41 -0.25 1.19
CA VAL C 12 23.37 -0.84 2.13
C VAL C 12 24.39 -1.70 1.39
N ASP C 13 23.94 -2.49 0.41
CA ASP C 13 24.87 -3.33 -0.35
C ASP C 13 25.89 -2.46 -1.09
N ALA C 14 25.47 -1.30 -1.61
CA ALA C 14 26.44 -0.42 -2.27
C ALA C 14 27.54 0.00 -1.29
N PHE C 15 27.15 0.30 -0.06
CA PHE C 15 28.13 0.63 0.98
C PHE C 15 29.03 -0.56 1.27
N LEU C 16 28.44 -1.76 1.42
CA LEU C 16 29.24 -2.95 1.73
C LEU C 16 30.20 -3.26 0.59
N ASP C 17 29.74 -3.15 -0.66
CA ASP C 17 30.63 -3.38 -1.80
C ASP C 17 31.83 -2.44 -1.77
N SER C 18 31.57 -1.13 -1.56
CA SER C 18 32.66 -0.18 -1.51
C SER C 18 33.59 -0.47 -0.33
N THR C 19 33.00 -0.87 0.80
CA THR C 19 33.78 -1.00 2.03
C THR C 19 34.57 -2.30 2.07
N LEU C 20 33.98 -3.40 1.59
CA LEU C 20 34.58 -4.72 1.78
C LEU C 20 35.12 -5.36 0.52
N VAL C 21 34.69 -4.92 -0.66
CA VAL C 21 35.13 -5.51 -1.92
C VAL C 21 35.99 -4.54 -2.73
N GLY C 22 35.53 -3.32 -2.92
CA GLY C 22 36.30 -2.33 -3.66
C GLY C 22 36.27 -2.57 -5.16
N ASP C 23 37.13 -1.82 -5.86
CA ASP C 23 37.22 -1.99 -7.31
C ASP C 23 37.81 -3.36 -7.61
N ASP C 24 37.16 -4.08 -8.52
CA ASP C 24 37.60 -5.42 -8.92
C ASP C 24 37.50 -5.47 -10.44
N PRO C 25 38.54 -5.04 -11.15
CA PRO C 25 38.45 -4.89 -12.61
C PRO C 25 38.18 -6.18 -13.36
N ALA C 26 38.70 -7.31 -12.90
CA ALA C 26 38.41 -8.56 -13.60
C ALA C 26 36.92 -8.91 -13.51
N LEU C 27 36.32 -8.70 -12.34
CA LEU C 27 34.91 -9.01 -12.20
C LEU C 27 34.03 -7.99 -12.89
N ALA C 28 34.43 -6.72 -12.86
CA ALA C 28 33.70 -5.70 -13.61
C ALA C 28 33.69 -6.02 -15.10
N ALA C 29 34.84 -6.42 -15.64
CA ALA C 29 34.92 -6.78 -17.05
C ALA C 29 34.08 -8.01 -17.35
N ALA C 30 34.04 -8.98 -16.42
CA ALA C 30 33.20 -10.16 -16.63
C ALA C 30 31.73 -9.77 -16.73
N LEU C 31 31.29 -8.82 -15.90
CA LEU C 31 29.91 -8.37 -15.99
C LEU C 31 29.66 -7.62 -17.28
N ALA C 32 30.61 -6.80 -17.70
CA ALA C 32 30.46 -6.05 -18.96
C ALA C 32 30.39 -6.99 -20.16
N ALA C 33 31.23 -8.03 -20.16
CA ALA C 33 31.20 -8.99 -21.26
C ALA C 33 29.90 -9.76 -21.27
N SER C 34 29.37 -10.06 -20.08
CA SER C 34 28.08 -10.73 -19.98
C SER C 34 26.98 -9.86 -20.54
N ASP C 35 26.98 -8.56 -20.21
CA ASP C 35 25.97 -7.65 -20.76
C ASP C 35 26.09 -7.55 -22.28
N ALA C 36 27.33 -7.48 -22.78
CA ALA C 36 27.53 -7.35 -24.22
C ALA C 36 26.97 -8.56 -24.98
N ALA C 37 27.04 -9.74 -24.36
CA ALA C 37 26.51 -10.97 -24.91
C ALA C 37 25.05 -11.18 -24.56
N GLU C 38 24.42 -10.20 -23.90
CA GLU C 38 23.01 -10.24 -23.57
C GLU C 38 22.66 -11.40 -22.64
N LEU C 39 23.58 -11.77 -21.75
CA LEU C 39 23.25 -12.72 -20.71
C LEU C 39 22.31 -12.05 -19.70
N PRO C 40 21.35 -12.78 -19.14
CA PRO C 40 20.49 -12.18 -18.12
C PRO C 40 21.35 -11.69 -16.94
N ARG C 41 20.97 -10.54 -16.39
CA ARG C 41 21.78 -9.91 -15.34
C ARG C 41 21.40 -10.47 -13.96
N ILE C 42 21.73 -11.75 -13.77
CA ILE C 42 21.24 -12.47 -12.60
C ILE C 42 22.39 -13.12 -11.83
N ALA C 43 23.61 -12.65 -12.04
CA ALA C 43 24.75 -13.17 -11.29
C ALA C 43 24.60 -12.87 -9.80
N VAL C 44 25.35 -13.62 -8.99
CA VAL C 44 25.39 -13.35 -7.55
C VAL C 44 25.85 -11.90 -7.34
N SER C 45 25.39 -11.30 -6.25
CA SER C 45 25.93 -10.00 -5.90
C SER C 45 27.39 -10.12 -5.46
N ALA C 46 28.06 -8.97 -5.33
CA ALA C 46 29.45 -8.98 -4.90
C ALA C 46 29.60 -9.53 -3.48
N GLN C 47 28.71 -9.16 -2.56
CA GLN C 47 28.78 -9.72 -1.20
C GLN C 47 28.51 -11.22 -1.22
N GLN C 48 27.54 -11.68 -2.03
CA GLN C 48 27.27 -13.10 -2.11
C GLN C 48 28.45 -13.85 -2.73
N GLY C 49 29.02 -13.32 -3.81
CA GLY C 49 30.17 -13.97 -4.42
C GLY C 49 31.35 -14.06 -3.46
N LYS C 50 31.63 -12.97 -2.74
CA LYS C 50 32.71 -12.99 -1.75
C LYS C 50 32.44 -14.01 -0.64
N PHE C 51 31.17 -14.16 -0.25
CA PHE C 51 30.82 -15.20 0.72
C PHE C 51 31.22 -16.59 0.21
N LEU C 52 30.90 -16.89 -1.06
CA LEU C 52 31.29 -18.17 -1.65
C LEU C 52 32.80 -18.33 -1.65
N CYS C 53 33.51 -17.27 -2.01
CA CYS C 53 34.98 -17.28 -2.01
C CYS C 53 35.52 -17.59 -0.62
N LEU C 54 35.02 -16.87 0.39
CA LEU C 54 35.53 -17.08 1.75
C LEU C 54 35.10 -18.43 2.29
N LEU C 55 33.95 -18.95 1.87
CA LEU C 55 33.52 -20.28 2.28
C LEU C 55 34.45 -21.35 1.72
N ALA C 56 34.79 -21.26 0.43
CA ALA C 56 35.78 -22.18 -0.14
C ALA C 56 37.11 -22.05 0.57
N GLY C 57 37.52 -20.82 0.87
CA GLY C 57 38.78 -20.63 1.57
C GLY C 57 38.74 -21.18 2.98
N ALA C 58 37.60 -21.05 3.65
CA ALA C 58 37.49 -21.50 5.04
C ALA C 58 37.69 -23.00 5.17
N ILE C 59 37.12 -23.78 4.24
CA ILE C 59 37.23 -25.24 4.35
C ILE C 59 38.42 -25.76 3.56
N GLN C 60 39.25 -24.85 3.02
CA GLN C 60 40.40 -25.22 2.20
C GLN C 60 39.97 -26.13 1.05
N ALA C 61 38.86 -25.75 0.41
CA ALA C 61 38.33 -26.55 -0.69
C ALA C 61 39.34 -26.64 -1.82
N ARG C 62 39.56 -27.85 -2.31
CA ARG C 62 40.39 -28.08 -3.47
C ARG C 62 39.64 -28.65 -4.66
N ARG C 63 38.43 -29.16 -4.45
CA ARG C 63 37.59 -29.65 -5.53
C ARG C 63 36.19 -29.08 -5.32
N VAL C 64 35.79 -28.21 -6.22
CA VAL C 64 34.54 -27.47 -6.13
C VAL C 64 33.70 -27.83 -7.33
N LEU C 65 32.42 -28.10 -7.09
CA LEU C 65 31.45 -28.34 -8.15
C LEU C 65 30.45 -27.22 -8.16
N GLU C 66 30.25 -26.58 -9.31
CA GLU C 66 29.24 -25.54 -9.47
C GLU C 66 28.27 -25.98 -10.55
N ILE C 67 26.98 -25.80 -10.31
CA ILE C 67 25.96 -26.14 -11.30
C ILE C 67 25.27 -24.84 -11.69
N GLY C 68 25.49 -24.39 -12.93
CA GLY C 68 24.96 -23.11 -13.39
C GLY C 68 26.01 -22.02 -13.46
N THR C 69 26.67 -21.90 -14.61
CA THR C 69 27.84 -21.03 -14.75
C THR C 69 27.47 -19.59 -15.11
N LEU C 70 26.49 -19.42 -15.99
CA LEU C 70 26.19 -18.14 -16.63
C LEU C 70 27.46 -17.55 -17.25
N GLY C 71 27.90 -16.38 -16.79
CA GLY C 71 29.11 -15.77 -17.29
C GLY C 71 30.34 -16.02 -16.44
N GLY C 72 30.25 -16.89 -15.43
CA GLY C 72 31.39 -17.20 -14.62
C GLY C 72 31.64 -16.25 -13.47
N PHE C 73 30.67 -15.37 -13.13
CA PHE C 73 30.89 -14.45 -12.02
C PHE C 73 31.04 -15.19 -10.69
N SER C 74 30.07 -16.04 -10.35
CA SER C 74 30.23 -16.85 -9.15
C SER C 74 31.44 -17.78 -9.26
N THR C 75 31.71 -18.28 -10.47
CA THR C 75 32.83 -19.21 -10.68
C THR C 75 34.16 -18.57 -10.37
N ILE C 76 34.36 -17.31 -10.79
CA ILE C 76 35.61 -16.63 -10.47
C ILE C 76 35.81 -16.55 -8.96
N TRP C 77 34.74 -16.20 -8.23
CA TRP C 77 34.83 -16.12 -6.78
C TRP C 77 35.19 -17.48 -6.19
N LEU C 78 34.54 -18.54 -6.69
CA LEU C 78 34.87 -19.89 -6.21
C LEU C 78 36.31 -20.25 -6.53
N ALA C 79 36.78 -19.92 -7.72
CA ALA C 79 38.15 -20.25 -8.10
C ALA C 79 39.16 -19.48 -7.26
N ARG C 80 38.84 -18.22 -6.93
CA ARG C 80 39.72 -17.46 -6.05
C ARG C 80 39.81 -18.12 -4.68
N GLY C 81 38.67 -18.59 -4.17
CA GLY C 81 38.65 -19.18 -2.84
C GLY C 81 39.32 -20.54 -2.79
N ALA C 82 39.24 -21.31 -3.88
CA ALA C 82 39.90 -22.61 -3.95
C ALA C 82 41.41 -22.50 -4.09
N GLY C 83 41.93 -21.37 -4.59
CA GLY C 83 43.35 -21.16 -4.66
C GLY C 83 44.04 -21.77 -5.87
N PRO C 84 45.36 -21.51 -6.00
CA PRO C 84 46.10 -21.94 -7.20
C PRO C 84 46.19 -23.45 -7.39
N GLN C 85 46.10 -24.21 -6.31
CA GLN C 85 45.99 -25.66 -6.13
C GLN C 85 44.56 -26.20 -6.18
N GLY C 86 43.54 -25.33 -6.21
CA GLY C 86 42.17 -25.79 -6.23
C GLY C 86 41.65 -25.92 -7.65
N ARG C 87 40.63 -26.73 -7.85
CA ARG C 87 40.01 -26.92 -9.16
C ARG C 87 38.50 -26.74 -9.04
N VAL C 88 37.91 -26.05 -10.02
CA VAL C 88 36.47 -25.88 -10.07
C VAL C 88 35.96 -26.58 -11.33
N VAL C 89 34.92 -27.38 -11.17
CA VAL C 89 34.17 -27.92 -12.30
C VAL C 89 32.83 -27.21 -12.29
N THR C 90 32.51 -26.53 -13.39
CA THR C 90 31.24 -25.80 -13.45
C THR C 90 30.44 -26.29 -14.65
N LEU C 91 29.15 -26.49 -14.43
CA LEU C 91 28.25 -27.10 -15.40
C LEU C 91 27.34 -26.03 -16.02
N GLU C 92 27.26 -26.03 -17.34
CA GLU C 92 26.49 -25.01 -18.07
C GLU C 92 25.85 -25.64 -19.30
N TYR C 93 24.55 -25.42 -19.46
CA TYR C 93 23.75 -25.99 -20.55
C TYR C 93 23.86 -25.19 -21.84
N GLN C 94 23.99 -23.86 -21.76
CA GLN C 94 23.96 -23.00 -22.93
C GLN C 94 25.38 -22.81 -23.46
N PRO C 95 25.67 -23.24 -24.69
CA PRO C 95 27.01 -23.02 -25.24
C PRO C 95 27.44 -21.56 -25.24
N LYS C 96 26.51 -20.64 -25.49
CA LYS C 96 26.87 -19.23 -25.53
C LYS C 96 27.30 -18.74 -24.15
N HIS C 97 26.62 -19.19 -23.10
CA HIS C 97 27.05 -18.84 -21.75
C HIS C 97 28.43 -19.43 -21.45
N ALA C 98 28.64 -20.70 -21.82
CA ALA C 98 29.94 -21.33 -21.60
C ALA C 98 31.05 -20.57 -22.30
N GLU C 99 30.80 -20.10 -23.52
CA GLU C 99 31.83 -19.37 -24.25
C GLU C 99 32.20 -18.07 -23.55
N VAL C 100 31.19 -17.31 -23.11
CA VAL C 100 31.44 -16.06 -22.38
C VAL C 100 32.19 -16.35 -21.08
N ALA C 101 31.75 -17.38 -20.35
CA ALA C 101 32.39 -17.70 -19.08
C ALA C 101 33.87 -18.03 -19.27
N ARG C 102 34.20 -18.83 -20.30
CA ARG C 102 35.60 -19.18 -20.50
C ARG C 102 36.46 -17.94 -20.77
N VAL C 103 35.94 -17.00 -21.56
CA VAL C 103 36.67 -15.76 -21.79
C VAL C 103 36.83 -15.00 -20.47
N ASN C 104 35.76 -14.94 -19.68
CA ASN C 104 35.81 -14.21 -18.41
C ASN C 104 36.79 -14.87 -17.43
N LEU C 105 36.83 -16.21 -17.40
CA LEU C 105 37.74 -16.91 -16.50
C LEU C 105 39.19 -16.69 -16.91
N GLN C 106 39.46 -16.69 -18.22
CA GLN C 106 40.81 -16.40 -18.69
C GLN C 106 41.22 -14.97 -18.32
N ARG C 107 40.30 -14.01 -18.51
CA ARG C 107 40.63 -12.63 -18.17
C ARG C 107 40.87 -12.45 -16.68
N ALA C 108 40.17 -13.22 -15.83
CA ALA C 108 40.36 -13.15 -14.39
C ALA C 108 41.58 -13.93 -13.91
N GLY C 109 42.31 -14.59 -14.79
CA GLY C 109 43.53 -15.26 -14.39
C GLY C 109 43.35 -16.59 -13.70
N VAL C 110 42.17 -17.21 -13.83
CA VAL C 110 41.88 -18.46 -13.15
C VAL C 110 41.50 -19.57 -14.11
N ALA C 111 41.73 -19.38 -15.42
CA ALA C 111 41.30 -20.37 -16.41
C ALA C 111 41.95 -21.72 -16.18
N ASP C 112 43.18 -21.75 -15.64
CA ASP C 112 43.86 -23.02 -15.42
C ASP C 112 43.29 -23.79 -14.23
N ARG C 113 42.45 -23.17 -13.41
CA ARG C 113 41.83 -23.81 -12.26
C ARG C 113 40.40 -24.28 -12.53
N VAL C 114 39.81 -23.95 -13.67
CA VAL C 114 38.37 -24.14 -13.88
C VAL C 114 38.13 -24.84 -15.21
N GLU C 115 37.26 -25.86 -15.18
N GLU C 115 37.26 -25.87 -15.17
CA GLU C 115 36.77 -26.51 -16.39
CA GLU C 115 36.76 -26.51 -16.38
C GLU C 115 35.27 -26.25 -16.49
C GLU C 115 35.27 -26.25 -16.49
N VAL C 116 34.84 -25.71 -17.64
CA VAL C 116 33.43 -25.54 -17.93
C VAL C 116 33.00 -26.77 -18.73
N VAL C 117 32.01 -27.49 -18.23
CA VAL C 117 31.53 -28.72 -18.85
C VAL C 117 30.14 -28.42 -19.41
N VAL C 118 29.99 -28.59 -20.73
CA VAL C 118 28.81 -28.11 -21.45
C VAL C 118 27.80 -29.24 -21.66
N GLY C 119 26.54 -28.96 -21.34
CA GLY C 119 25.45 -29.88 -21.47
C GLY C 119 24.46 -29.76 -20.31
N PRO C 120 23.30 -30.40 -20.43
CA PRO C 120 22.37 -30.43 -19.28
C PRO C 120 23.01 -31.14 -18.09
N ALA C 121 22.89 -30.52 -16.91
CA ALA C 121 23.56 -31.09 -15.74
C ALA C 121 23.08 -32.51 -15.44
N LEU C 122 21.81 -32.82 -15.71
CA LEU C 122 21.32 -34.18 -15.45
C LEU C 122 22.08 -35.20 -16.28
N ASP C 123 22.60 -34.78 -17.43
CA ASP C 123 23.39 -35.67 -18.29
C ASP C 123 24.87 -35.64 -17.99
N THR C 124 25.40 -34.53 -17.47
CA THR C 124 26.84 -34.45 -17.25
C THR C 124 27.26 -34.88 -15.85
N LEU C 125 26.41 -34.67 -14.85
CA LEU C 125 26.73 -35.13 -13.50
C LEU C 125 27.12 -36.61 -13.43
N PRO C 126 26.43 -37.54 -14.10
CA PRO C 126 26.88 -38.94 -14.06
C PRO C 126 28.23 -39.18 -14.74
N THR C 127 28.74 -38.23 -15.53
CA THR C 127 30.02 -38.41 -16.23
C THR C 127 31.20 -37.78 -15.50
N LEU C 128 30.96 -37.07 -14.40
CA LEU C 128 32.04 -36.39 -13.70
C LEU C 128 32.93 -37.38 -12.96
N ALA C 129 34.24 -37.25 -13.14
CA ALA C 129 35.20 -38.12 -12.48
C ALA C 129 36.23 -37.36 -11.65
N GLY C 130 36.13 -36.04 -11.55
CA GLY C 130 37.12 -35.25 -10.82
C GLY C 130 36.74 -34.82 -9.42
N GLY C 131 36.55 -35.81 -8.54
CA GLY C 131 36.12 -35.59 -7.17
C GLY C 131 36.62 -36.75 -6.33
N PRO C 132 36.25 -36.81 -5.04
CA PRO C 132 35.04 -36.24 -4.41
C PRO C 132 35.16 -34.74 -4.18
N PHE C 133 34.03 -34.05 -4.27
CA PHE C 133 34.02 -32.60 -4.15
C PHE C 133 33.90 -32.17 -2.69
N ASP C 134 34.57 -31.05 -2.37
CA ASP C 134 34.50 -30.46 -1.04
C ASP C 134 33.35 -29.48 -0.88
N LEU C 135 32.94 -28.86 -1.97
CA LEU C 135 31.95 -27.79 -1.94
C LEU C 135 31.16 -27.88 -3.23
N VAL C 136 29.83 -27.80 -3.11
CA VAL C 136 28.94 -27.84 -4.26
C VAL C 136 28.02 -26.63 -4.19
N PHE C 137 28.02 -25.83 -5.26
CA PHE C 137 27.15 -24.66 -5.36
C PHE C 137 26.12 -24.94 -6.43
N ILE C 138 24.83 -24.95 -6.06
CA ILE C 138 23.75 -25.35 -6.97
C ILE C 138 22.95 -24.11 -7.34
N ASP C 139 23.03 -23.71 -8.61
CA ASP C 139 22.47 -22.44 -9.05
C ASP C 139 22.10 -22.51 -10.53
N ALA C 140 21.37 -23.55 -10.91
CA ALA C 140 21.04 -23.72 -12.32
C ALA C 140 19.53 -23.66 -12.50
N ASP C 141 18.96 -24.65 -13.17
CA ASP C 141 17.50 -24.72 -13.35
C ASP C 141 16.87 -25.25 -12.07
N LYS C 142 15.97 -24.45 -11.47
CA LYS C 142 15.55 -24.74 -10.10
C LYS C 142 14.72 -26.01 -10.01
N GLU C 143 13.99 -26.36 -11.09
CA GLU C 143 13.15 -27.56 -11.06
C GLU C 143 13.96 -28.83 -10.83
N ASN C 144 15.28 -28.80 -11.09
CA ASN C 144 16.12 -29.95 -10.84
C ASN C 144 17.00 -29.82 -9.61
N ASN C 145 16.75 -28.82 -8.75
CA ASN C 145 17.49 -28.70 -7.49
C ASN C 145 17.58 -30.03 -6.77
N VAL C 146 16.44 -30.73 -6.64
CA VAL C 146 16.44 -31.95 -5.83
C VAL C 146 17.33 -33.01 -6.46
N ALA C 147 17.22 -33.21 -7.78
CA ALA C 147 18.11 -34.16 -8.44
C ALA C 147 19.57 -33.78 -8.26
N TYR C 148 19.87 -32.48 -8.38
CA TYR C 148 21.26 -32.05 -8.25
C TYR C 148 21.78 -32.26 -6.84
N ILE C 149 20.92 -32.07 -5.83
CA ILE C 149 21.33 -32.32 -4.46
C ILE C 149 21.63 -33.80 -4.25
N GLN C 150 20.78 -34.67 -4.79
CA GLN C 150 21.04 -36.10 -4.70
C GLN C 150 22.36 -36.45 -5.35
N TRP C 151 22.65 -35.85 -6.51
CA TRP C 151 23.94 -36.09 -7.16
C TRP C 151 25.08 -35.51 -6.35
N ALA C 152 24.88 -34.33 -5.76
CA ALA C 152 25.92 -33.71 -4.95
C ALA C 152 26.32 -34.62 -3.81
N ILE C 153 25.34 -35.21 -3.12
CA ILE C 153 25.63 -36.17 -2.06
C ILE C 153 26.44 -37.34 -2.59
N ARG C 154 26.08 -37.84 -3.78
CA ARG C 154 26.81 -38.97 -4.37
C ARG C 154 28.26 -38.62 -4.68
N LEU C 155 28.51 -37.38 -5.12
CA LEU C 155 29.81 -36.98 -5.63
C LEU C 155 30.68 -36.23 -4.62
N ALA C 156 30.16 -35.99 -3.42
CA ALA C 156 30.87 -35.19 -2.41
C ALA C 156 31.50 -36.07 -1.35
N ARG C 157 32.50 -35.53 -0.67
CA ARG C 157 33.07 -36.21 0.49
C ARG C 157 32.17 -36.04 1.70
N ARG C 158 32.39 -36.89 2.69
CA ARG C 158 31.76 -36.69 3.99
C ARG C 158 32.17 -35.32 4.55
N GLY C 159 31.20 -34.58 5.07
CA GLY C 159 31.49 -33.25 5.56
C GLY C 159 31.51 -32.15 4.52
N ALA C 160 31.29 -32.48 3.25
CA ALA C 160 31.25 -31.46 2.23
C ALA C 160 30.11 -30.47 2.50
N VAL C 161 30.27 -29.27 1.94
CA VAL C 161 29.28 -28.22 2.04
C VAL C 161 28.52 -28.13 0.73
N ILE C 162 27.19 -28.08 0.82
CA ILE C 162 26.31 -27.84 -0.33
C ILE C 162 25.60 -26.51 -0.09
N VAL C 163 25.65 -25.62 -1.07
CA VAL C 163 24.93 -24.33 -1.02
C VAL C 163 23.96 -24.28 -2.18
N VAL C 164 22.70 -23.93 -1.92
CA VAL C 164 21.67 -23.76 -2.94
C VAL C 164 21.23 -22.31 -2.95
N ASP C 165 21.29 -21.66 -4.11
CA ASP C 165 20.89 -20.27 -4.22
C ASP C 165 19.38 -20.13 -4.45
N ASN C 166 18.84 -18.97 -4.04
CA ASN C 166 17.50 -18.51 -4.43
C ASN C 166 16.37 -19.38 -3.84
N VAL C 167 16.47 -19.71 -2.54
CA VAL C 167 15.52 -20.66 -1.97
C VAL C 167 14.34 -20.01 -1.27
N ILE C 168 14.21 -18.68 -1.31
CA ILE C 168 13.14 -17.98 -0.60
C ILE C 168 12.21 -17.26 -1.56
N ARG C 169 12.75 -16.64 -2.62
CA ARG C 169 11.97 -16.04 -3.71
C ARG C 169 10.88 -15.08 -3.18
N GLY C 170 11.31 -14.10 -2.38
CA GLY C 170 10.37 -13.09 -1.91
C GLY C 170 9.24 -13.65 -1.06
N GLY C 171 9.47 -14.78 -0.38
CA GLY C 171 8.42 -15.41 0.39
C GLY C 171 7.48 -16.27 -0.42
N GLY C 172 7.72 -16.40 -1.73
CA GLY C 172 6.85 -17.18 -2.59
C GLY C 172 6.77 -18.65 -2.21
N ILE C 173 7.76 -19.14 -1.46
CA ILE C 173 7.72 -20.54 -1.02
C ILE C 173 6.54 -20.81 -0.08
N LEU C 174 5.89 -19.77 0.43
CA LEU C 174 4.73 -19.96 1.29
C LEU C 174 3.42 -19.84 0.53
N ALA C 175 3.46 -19.50 -0.76
CA ALA C 175 2.25 -19.21 -1.53
C ALA C 175 1.87 -20.41 -2.38
N GLU C 176 0.60 -20.45 -2.76
CA GLU C 176 0.09 -21.51 -3.64
C GLU C 176 -0.02 -21.04 -5.08
N SER C 177 1.07 -20.51 -5.59
CA SER C 177 1.15 -19.91 -6.92
C SER C 177 1.88 -20.86 -7.85
N ASP C 178 1.46 -20.86 -9.12
CA ASP C 178 2.11 -21.62 -10.18
C ASP C 178 3.40 -20.91 -10.56
N ASP C 179 4.41 -20.98 -9.69
CA ASP C 179 5.62 -20.15 -9.76
C ASP C 179 6.77 -21.14 -9.66
N ALA C 180 7.40 -21.44 -10.79
CA ALA C 180 8.30 -22.58 -10.86
C ALA C 180 9.43 -22.48 -9.85
N ASP C 181 10.07 -21.31 -9.74
CA ASP C 181 11.22 -21.28 -8.83
C ASP C 181 10.80 -21.23 -7.36
N ALA C 182 9.62 -20.68 -7.02
CA ALA C 182 9.17 -20.76 -5.64
C ALA C 182 8.69 -22.17 -5.28
N VAL C 183 7.95 -22.82 -6.18
CA VAL C 183 7.55 -24.21 -5.93
C VAL C 183 8.79 -25.10 -5.79
N ALA C 184 9.77 -24.94 -6.68
CA ALA C 184 11.00 -25.74 -6.59
C ALA C 184 11.75 -25.47 -5.29
N ALA C 185 11.83 -24.20 -4.88
CA ALA C 185 12.56 -23.87 -3.67
C ALA C 185 11.90 -24.50 -2.45
N ARG C 186 10.56 -24.45 -2.39
CA ARG C 186 9.84 -25.04 -1.26
C ARG C 186 10.10 -26.53 -1.18
N ARG C 187 9.99 -27.23 -2.32
N ARG C 187 10.01 -27.23 -2.32
CA ARG C 187 10.26 -28.67 -2.36
CA ARG C 187 10.26 -28.67 -2.32
C ARG C 187 11.72 -28.96 -2.02
C ARG C 187 11.73 -28.99 -2.07
N THR C 188 12.64 -28.09 -2.47
CA THR C 188 14.05 -28.30 -2.17
C THR C 188 14.29 -28.27 -0.67
N LEU C 189 13.71 -27.26 0.00
CA LEU C 189 13.88 -27.12 1.44
C LEU C 189 13.27 -28.30 2.18
N GLN C 190 12.10 -28.75 1.75
CA GLN C 190 11.48 -29.92 2.38
C GLN C 190 12.31 -31.17 2.17
N MET C 191 12.88 -31.33 0.98
CA MET C 191 13.72 -32.50 0.74
C MET C 191 14.96 -32.47 1.61
N MET C 192 15.60 -31.30 1.73
CA MET C 192 16.84 -31.20 2.51
C MET C 192 16.59 -31.46 3.99
N GLY C 193 15.47 -30.96 4.51
CA GLY C 193 15.15 -31.17 5.91
C GLY C 193 14.88 -32.63 6.23
N GLU C 194 14.27 -33.36 5.28
CA GLU C 194 13.93 -34.77 5.46
C GLU C 194 15.08 -35.73 5.14
N HIS C 195 16.10 -35.29 4.41
CA HIS C 195 17.14 -36.22 3.94
C HIS C 195 18.06 -36.64 5.09
N PRO C 196 18.20 -37.95 5.35
CA PRO C 196 19.06 -38.38 6.48
C PRO C 196 20.54 -38.12 6.25
N GLY C 197 20.98 -37.89 5.01
CA GLY C 197 22.37 -37.62 4.75
C GLY C 197 22.76 -36.16 4.78
N LEU C 198 21.84 -35.27 5.10
CA LEU C 198 22.08 -33.83 5.12
C LEU C 198 21.69 -33.20 6.45
N ASP C 199 22.44 -32.20 6.87
CA ASP C 199 22.03 -31.29 7.93
C ASP C 199 22.07 -29.88 7.36
N ALA C 200 20.94 -29.18 7.41
CA ALA C 200 20.73 -27.99 6.59
C ALA C 200 20.12 -26.84 7.38
N THR C 201 20.42 -25.63 6.92
CA THR C 201 19.79 -24.40 7.38
C THR C 201 19.51 -23.53 6.16
N ALA C 202 18.66 -22.53 6.34
CA ALA C 202 18.36 -21.59 5.26
C ALA C 202 18.32 -20.19 5.85
N ILE C 203 18.99 -19.27 5.20
CA ILE C 203 19.14 -17.88 5.66
C ILE C 203 18.43 -16.99 4.67
N GLN C 204 17.47 -16.21 5.14
CA GLN C 204 16.83 -15.21 4.29
C GLN C 204 17.73 -13.99 4.17
N THR C 205 17.87 -13.48 2.95
CA THR C 205 18.76 -12.36 2.68
C THR C 205 17.99 -11.25 1.96
N VAL C 206 18.53 -10.03 2.08
CA VAL C 206 18.12 -8.90 1.26
C VAL C 206 19.39 -8.21 0.76
N GLY C 207 19.21 -7.28 -0.14
CA GLY C 207 20.33 -6.55 -0.71
C GLY C 207 19.99 -6.08 -2.12
N ARG C 208 21.03 -5.98 -2.95
N ARG C 208 21.04 -5.98 -2.94
CA ARG C 208 20.86 -5.56 -4.34
CA ARG C 208 20.89 -5.57 -4.33
C ARG C 208 19.80 -6.41 -5.06
C ARG C 208 19.86 -6.42 -5.08
N LYS C 209 19.74 -7.70 -4.75
CA LYS C 209 18.91 -8.62 -5.52
C LYS C 209 17.51 -8.84 -4.92
N GLY C 210 17.16 -8.12 -3.86
CA GLY C 210 15.82 -8.29 -3.30
C GLY C 210 15.80 -9.33 -2.21
N TRP C 211 14.57 -9.67 -1.79
CA TRP C 211 14.36 -10.62 -0.71
C TRP C 211 14.45 -12.05 -1.26
N ASP C 212 15.47 -12.78 -0.85
CA ASP C 212 15.65 -14.16 -1.29
C ASP C 212 16.36 -14.90 -0.15
N GLY C 213 17.25 -15.82 -0.47
CA GLY C 213 17.97 -16.52 0.57
C GLY C 213 18.64 -17.75 -0.01
N PHE C 214 19.38 -18.43 0.87
CA PHE C 214 20.15 -19.59 0.44
C PHE C 214 20.03 -20.70 1.46
N ALA C 215 20.19 -21.95 1.01
CA ALA C 215 20.28 -23.10 1.88
C ALA C 215 21.74 -23.52 1.97
N LEU C 216 22.17 -23.91 3.16
CA LEU C 216 23.52 -24.43 3.36
C LEU C 216 23.38 -25.75 4.11
N ALA C 217 24.05 -26.77 3.59
CA ALA C 217 23.96 -28.09 4.20
C ALA C 217 25.33 -28.73 4.28
N LEU C 218 25.51 -29.58 5.29
CA LEU C 218 26.67 -30.46 5.40
C LEU C 218 26.25 -31.87 5.02
N VAL C 219 27.12 -32.54 4.29
CA VAL C 219 26.94 -33.96 3.94
C VAL C 219 27.41 -34.78 5.13
N ARG C 220 26.48 -35.53 5.74
CA ARG C 220 26.86 -36.38 6.86
C ARG C 220 27.64 -37.60 6.36
N GLN D 6 2.10 -10.67 1.00
CA GLN D 6 1.45 -11.20 2.20
C GLN D 6 2.41 -12.06 3.05
N PRO D 7 3.21 -12.96 2.43
CA PRO D 7 4.23 -13.64 3.24
C PRO D 7 5.25 -12.61 3.74
N ASN D 8 5.70 -12.79 4.97
CA ASN D 8 6.71 -11.93 5.56
C ASN D 8 7.84 -12.79 6.11
N PRO D 9 8.98 -12.18 6.44
CA PRO D 9 10.13 -12.98 6.84
C PRO D 9 9.88 -13.79 8.11
N PRO D 10 9.20 -13.26 9.14
CA PRO D 10 8.89 -14.14 10.29
C PRO D 10 8.08 -15.37 9.92
N ASP D 11 7.08 -15.23 9.01
CA ASP D 11 6.34 -16.41 8.55
C ASP D 11 7.27 -17.41 7.89
N VAL D 12 8.16 -16.92 7.04
CA VAL D 12 9.11 -17.80 6.35
C VAL D 12 10.03 -18.50 7.36
N ASP D 13 10.53 -17.76 8.37
CA ASP D 13 11.39 -18.38 9.36
C ASP D 13 10.66 -19.48 10.12
N ALA D 14 9.37 -19.29 10.40
CA ALA D 14 8.60 -20.34 11.08
C ALA D 14 8.54 -21.61 10.24
N PHE D 15 8.36 -21.46 8.92
CA PHE D 15 8.41 -22.61 8.01
C PHE D 15 9.79 -23.25 7.99
N LEU D 16 10.83 -22.44 7.88
CA LEU D 16 12.20 -22.97 7.87
C LEU D 16 12.54 -23.71 9.17
N ASP D 17 12.12 -23.16 10.32
CA ASP D 17 12.36 -23.85 11.59
C ASP D 17 11.72 -25.24 11.60
N SER D 18 10.43 -25.31 11.27
CA SER D 18 9.72 -26.58 11.25
C SER D 18 10.30 -27.53 10.21
N THR D 19 10.80 -27.00 9.11
CA THR D 19 11.24 -27.84 7.99
C THR D 19 12.67 -28.33 8.15
N LEU D 20 13.57 -27.49 8.66
CA LEU D 20 15.00 -27.79 8.70
C LEU D 20 15.57 -28.04 10.09
N VAL D 21 14.92 -27.58 11.14
CA VAL D 21 15.39 -27.81 12.50
C VAL D 21 14.49 -28.80 13.23
N GLY D 22 13.19 -28.56 13.21
CA GLY D 22 12.28 -29.48 13.87
C GLY D 22 12.31 -29.31 15.38
N ASP D 23 11.73 -30.29 16.06
CA ASP D 23 11.66 -30.23 17.51
C ASP D 23 13.05 -30.30 18.11
N ASP D 24 13.32 -29.41 19.08
CA ASP D 24 14.62 -29.32 19.73
C ASP D 24 14.35 -29.12 21.21
N PRO D 25 14.15 -30.21 21.96
CA PRO D 25 13.78 -30.04 23.38
C PRO D 25 14.84 -29.36 24.22
N ALA D 26 16.13 -29.55 23.90
CA ALA D 26 17.16 -28.92 24.70
C ALA D 26 17.11 -27.40 24.54
N LEU D 27 16.89 -26.93 23.32
CA LEU D 27 16.80 -25.49 23.14
C LEU D 27 15.47 -24.93 23.62
N ALA D 28 14.39 -25.70 23.50
CA ALA D 28 13.13 -25.27 24.10
C ALA D 28 13.27 -25.09 25.61
N ALA D 29 13.94 -26.04 26.27
CA ALA D 29 14.18 -25.93 27.70
C ALA D 29 15.10 -24.76 28.01
N ALA D 30 16.11 -24.52 27.15
CA ALA D 30 17.00 -23.39 27.36
C ALA D 30 16.26 -22.06 27.26
N LEU D 31 15.26 -21.98 26.39
CA LEU D 31 14.47 -20.76 26.29
C LEU D 31 13.54 -20.62 27.49
N ALA D 32 12.93 -21.72 27.94
CA ALA D 32 12.08 -21.66 29.12
C ALA D 32 12.87 -21.19 30.34
N ALA D 33 14.08 -21.72 30.52
CA ALA D 33 14.89 -21.32 31.67
C ALA D 33 15.38 -19.87 31.53
N SER D 34 15.69 -19.45 30.30
CA SER D 34 16.08 -18.06 30.07
C SER D 34 14.95 -17.10 30.42
N ASP D 35 13.73 -17.43 29.99
CA ASP D 35 12.57 -16.60 30.32
C ASP D 35 12.33 -16.57 31.83
N ALA D 36 12.43 -17.72 32.49
CA ALA D 36 12.22 -17.76 33.93
C ALA D 36 13.23 -16.89 34.66
N ALA D 37 14.45 -16.81 34.14
CA ALA D 37 15.49 -15.94 34.71
C ALA D 37 15.44 -14.53 34.14
N GLU D 38 14.43 -14.21 33.33
CA GLU D 38 14.23 -12.86 32.80
C GLU D 38 15.39 -12.41 31.91
N LEU D 39 16.00 -13.33 31.18
CA LEU D 39 16.98 -12.94 30.17
C LEU D 39 16.27 -12.30 28.99
N PRO D 40 16.86 -11.27 28.38
CA PRO D 40 16.26 -10.68 27.17
C PRO D 40 16.19 -11.69 26.03
N ARG D 41 15.12 -11.59 25.24
CA ARG D 41 14.90 -12.52 24.12
C ARG D 41 15.64 -12.03 22.88
N ILE D 42 16.97 -12.09 22.94
CA ILE D 42 17.80 -11.55 21.87
C ILE D 42 18.77 -12.60 21.34
N ALA D 43 18.54 -13.88 21.67
CA ALA D 43 19.40 -14.95 21.18
C ALA D 43 19.29 -15.11 19.67
N VAL D 44 20.29 -15.79 19.08
CA VAL D 44 20.21 -16.09 17.65
C VAL D 44 18.94 -16.89 17.37
N SER D 45 18.38 -16.69 16.19
CA SER D 45 17.26 -17.51 15.75
C SER D 45 17.74 -18.93 15.47
N ALA D 46 16.78 -19.84 15.26
CA ALA D 46 17.15 -21.23 15.01
C ALA D 46 17.93 -21.38 13.70
N GLN D 47 17.53 -20.67 12.64
CA GLN D 47 18.30 -20.77 11.40
C GLN D 47 19.70 -20.18 11.56
N GLN D 48 19.81 -19.06 12.31
CA GLN D 48 21.11 -18.46 12.56
C GLN D 48 21.99 -19.37 13.40
N GLY D 49 21.43 -19.95 14.46
CA GLY D 49 22.20 -20.86 15.28
C GLY D 49 22.66 -22.07 14.50
N LYS D 50 21.76 -22.64 13.69
CA LYS D 50 22.13 -23.79 12.87
C LYS D 50 23.23 -23.41 11.90
N PHE D 51 23.19 -22.18 11.36
CA PHE D 51 24.27 -21.71 10.51
C PHE D 51 25.61 -21.76 11.24
N LEU D 52 25.65 -21.24 12.48
CA LEU D 52 26.90 -21.32 13.24
C LEU D 52 27.32 -22.77 13.43
N CYS D 53 26.37 -23.64 13.72
CA CYS D 53 26.67 -25.04 13.91
C CYS D 53 27.28 -25.65 12.66
N LEU D 54 26.66 -25.41 11.51
CA LEU D 54 27.15 -26.00 10.26
C LEU D 54 28.46 -25.35 9.82
N LEU D 55 28.65 -24.06 10.13
CA LEU D 55 29.92 -23.41 9.84
C LEU D 55 31.05 -24.03 10.63
N ALA D 56 30.84 -24.24 11.94
CA ALA D 56 31.85 -24.92 12.75
C ALA D 56 32.09 -26.33 12.22
N GLY D 57 31.02 -27.02 11.82
CA GLY D 57 31.18 -28.35 11.25
C GLY D 57 31.92 -28.35 9.93
N ALA D 58 31.66 -27.35 9.09
CA ALA D 58 32.28 -27.28 7.77
C ALA D 58 33.80 -27.18 7.87
N ILE D 59 34.30 -26.37 8.81
CA ILE D 59 35.74 -26.17 8.90
C ILE D 59 36.38 -27.14 9.88
N GLN D 60 35.58 -28.08 10.41
CA GLN D 60 36.07 -29.05 11.39
C GLN D 60 36.73 -28.36 12.57
N ALA D 61 36.08 -27.31 13.07
CA ALA D 61 36.61 -26.51 14.15
C ALA D 61 36.82 -27.36 15.40
N ARG D 62 37.99 -27.22 16.01
CA ARG D 62 38.29 -27.93 17.24
C ARG D 62 38.41 -27.01 18.45
N ARG D 63 38.64 -25.72 18.23
CA ARG D 63 38.61 -24.72 19.28
C ARG D 63 37.83 -23.52 18.76
N VAL D 64 36.76 -23.16 19.47
CA VAL D 64 35.88 -22.07 19.10
C VAL D 64 35.86 -21.05 20.23
N LEU D 65 35.93 -19.78 19.87
CA LEU D 65 35.83 -18.68 20.81
C LEU D 65 34.54 -17.92 20.53
N GLU D 66 33.73 -17.73 21.58
CA GLU D 66 32.52 -16.93 21.49
C GLU D 66 32.60 -15.80 22.50
N ILE D 67 32.24 -14.60 22.07
CA ILE D 67 32.23 -13.41 22.94
C ILE D 67 30.79 -12.95 23.04
N GLY D 68 30.19 -13.13 24.22
CA GLY D 68 28.80 -12.80 24.44
C GLY D 68 27.93 -14.04 24.50
N THR D 69 27.78 -14.62 25.69
CA THR D 69 27.13 -15.92 25.87
C THR D 69 25.61 -15.81 26.03
N LEU D 70 25.13 -14.81 26.75
CA LEU D 70 23.74 -14.73 27.19
C LEU D 70 23.34 -16.04 27.87
N GLY D 71 22.35 -16.74 27.34
CA GLY D 71 21.91 -18.01 27.88
C GLY D 71 22.51 -19.24 27.23
N GLY D 72 23.50 -19.08 26.36
CA GLY D 72 24.17 -20.19 25.73
C GLY D 72 23.53 -20.73 24.47
N PHE D 73 22.54 -20.03 23.90
CA PHE D 73 21.86 -20.51 22.69
C PHE D 73 22.86 -20.71 21.55
N SER D 74 23.52 -19.62 21.15
CA SER D 74 24.53 -19.72 20.11
C SER D 74 25.64 -20.68 20.52
N THR D 75 25.97 -20.70 21.83
CA THR D 75 27.01 -21.60 22.33
C THR D 75 26.63 -23.06 22.11
N ILE D 76 25.38 -23.42 22.41
CA ILE D 76 24.94 -24.80 22.20
C ILE D 76 25.10 -25.18 20.74
N TRP D 77 24.68 -24.29 19.85
CA TRP D 77 24.81 -24.57 18.43
C TRP D 77 26.28 -24.72 18.03
N LEU D 78 27.13 -23.83 18.52
CA LEU D 78 28.56 -23.91 18.23
C LEU D 78 29.15 -25.21 18.79
N ALA D 79 28.73 -25.60 19.99
CA ALA D 79 29.26 -26.84 20.55
C ALA D 79 28.79 -28.05 19.76
N ARG D 80 27.55 -28.01 19.26
CA ARG D 80 27.06 -29.07 18.39
C ARG D 80 27.89 -29.17 17.11
N GLY D 81 28.23 -28.03 16.52
CA GLY D 81 28.99 -28.05 15.28
C GLY D 81 30.44 -28.45 15.46
N ALA D 82 31.05 -28.05 16.58
CA ALA D 82 32.43 -28.45 16.84
C ALA D 82 32.53 -29.95 17.09
N GLY D 83 31.45 -30.59 17.50
CA GLY D 83 31.41 -32.02 17.63
C GLY D 83 32.03 -32.50 18.92
N PRO D 84 31.97 -33.81 19.15
CA PRO D 84 32.49 -34.33 20.41
C PRO D 84 33.94 -34.01 20.57
N GLN D 85 34.66 -33.72 19.49
CA GLN D 85 36.01 -33.29 19.79
C GLN D 85 36.32 -31.81 19.73
N GLY D 86 35.42 -30.98 19.40
CA GLY D 86 35.72 -29.58 19.56
C GLY D 86 35.50 -29.12 20.98
N ARG D 87 36.06 -27.95 21.26
CA ARG D 87 35.88 -27.24 22.50
C ARG D 87 35.44 -25.82 22.19
N VAL D 88 34.53 -25.29 23.00
CA VAL D 88 34.09 -23.91 22.91
C VAL D 88 34.47 -23.17 24.18
N VAL D 89 35.09 -22.00 24.03
CA VAL D 89 35.30 -21.05 25.11
C VAL D 89 34.40 -19.86 24.84
N THR D 90 33.54 -19.54 25.80
CA THR D 90 32.60 -18.43 25.64
C THR D 90 32.72 -17.45 26.81
N LEU D 91 32.70 -16.16 26.49
CA LEU D 91 32.97 -15.09 27.45
C LEU D 91 31.67 -14.35 27.77
N GLU D 92 31.42 -14.14 29.06
CA GLU D 92 30.15 -13.54 29.51
C GLU D 92 30.37 -12.61 30.70
N TYR D 93 29.80 -11.40 30.62
CA TYR D 93 29.98 -10.42 31.68
C TYR D 93 29.03 -10.58 32.88
N GLN D 94 27.79 -11.01 32.66
CA GLN D 94 26.79 -11.04 33.73
C GLN D 94 26.82 -12.39 34.45
N PRO D 95 27.07 -12.41 35.76
CA PRO D 95 27.06 -13.69 36.49
C PRO D 95 25.78 -14.48 36.33
N LYS D 96 24.61 -13.84 36.35
CA LYS D 96 23.39 -14.62 36.16
C LYS D 96 23.33 -15.22 34.77
N HIS D 97 23.82 -14.50 33.76
CA HIS D 97 23.84 -15.06 32.41
C HIS D 97 24.72 -16.30 32.34
N ALA D 98 25.92 -16.21 32.91
CA ALA D 98 26.81 -17.37 32.90
C ALA D 98 26.18 -18.55 33.60
N GLU D 99 25.49 -18.31 34.72
CA GLU D 99 24.88 -19.41 35.48
C GLU D 99 23.75 -20.07 34.69
N VAL D 100 22.90 -19.27 34.05
CA VAL D 100 21.87 -19.82 33.17
C VAL D 100 22.51 -20.58 32.03
N ALA D 101 23.56 -20.02 31.43
CA ALA D 101 24.21 -20.66 30.29
C ALA D 101 24.78 -22.02 30.67
N ARG D 102 25.41 -22.12 31.84
N ARG D 102 25.40 -22.13 31.85
CA ARG D 102 25.98 -23.39 32.28
CA ARG D 102 25.99 -23.38 32.27
C ARG D 102 24.91 -24.45 32.44
C ARG D 102 24.93 -24.46 32.48
N VAL D 103 23.76 -24.08 33.02
CA VAL D 103 22.66 -25.03 33.16
C VAL D 103 22.13 -25.43 31.78
N ASN D 104 21.99 -24.47 30.88
CA ASN D 104 21.46 -24.78 29.56
C ASN D 104 22.41 -25.70 28.80
N LEU D 105 23.71 -25.49 28.95
CA LEU D 105 24.69 -26.33 28.27
C LEU D 105 24.64 -27.76 28.82
N GLN D 106 24.50 -27.91 30.14
CA GLN D 106 24.42 -29.24 30.72
C GLN D 106 23.20 -29.99 30.21
N ARG D 107 22.03 -29.34 30.22
CA ARG D 107 20.83 -29.97 29.69
C ARG D 107 20.96 -30.28 28.21
N ALA D 108 21.72 -29.48 27.47
CA ALA D 108 21.91 -29.75 26.05
C ALA D 108 22.95 -30.84 25.80
N GLY D 109 23.57 -31.38 26.85
CA GLY D 109 24.51 -32.47 26.71
C GLY D 109 25.87 -32.08 26.19
N VAL D 110 26.23 -30.80 26.25
CA VAL D 110 27.50 -30.33 25.70
C VAL D 110 28.38 -29.64 26.73
N ALA D 111 28.03 -29.75 28.03
CA ALA D 111 28.77 -29.04 29.06
C ALA D 111 30.24 -29.48 29.13
N ASP D 112 30.53 -30.74 28.85
CA ASP D 112 31.90 -31.22 28.87
C ASP D 112 32.75 -30.66 27.72
N ARG D 113 32.12 -29.98 26.74
CA ARG D 113 32.83 -29.38 25.62
C ARG D 113 33.01 -27.87 25.75
N VAL D 114 32.39 -27.22 26.72
CA VAL D 114 32.32 -25.77 26.76
C VAL D 114 32.75 -25.27 28.13
N GLU D 115 33.57 -24.22 28.15
CA GLU D 115 33.86 -23.49 29.38
C GLU D 115 33.45 -22.04 29.22
N VAL D 116 32.68 -21.56 30.20
CA VAL D 116 32.17 -20.19 30.24
C VAL D 116 33.06 -19.40 31.18
N VAL D 117 33.65 -18.31 30.68
CA VAL D 117 34.57 -17.47 31.45
C VAL D 117 33.86 -16.16 31.78
N VAL D 118 33.73 -15.86 33.08
CA VAL D 118 32.90 -14.75 33.56
C VAL D 118 33.77 -13.52 33.74
N GLY D 119 33.29 -12.39 33.23
CA GLY D 119 33.99 -11.14 33.37
C GLY D 119 33.94 -10.34 32.09
N PRO D 120 34.40 -9.10 32.12
CA PRO D 120 34.55 -8.33 30.88
C PRO D 120 35.53 -9.03 29.95
N ALA D 121 35.12 -9.20 28.69
CA ALA D 121 35.92 -9.97 27.74
C ALA D 121 37.30 -9.35 27.52
N LEU D 122 37.40 -8.02 27.56
CA LEU D 122 38.71 -7.38 27.41
C LEU D 122 39.65 -7.73 28.54
N ASP D 123 39.13 -8.15 29.69
CA ASP D 123 39.96 -8.59 30.81
C ASP D 123 40.28 -10.07 30.74
N THR D 124 39.39 -10.88 30.17
CA THR D 124 39.59 -12.33 30.16
C THR D 124 40.32 -12.82 28.92
N LEU D 125 40.18 -12.11 27.80
CA LEU D 125 40.91 -12.49 26.58
C LEU D 125 42.42 -12.67 26.80
N PRO D 126 43.13 -11.79 27.53
CA PRO D 126 44.57 -12.02 27.75
C PRO D 126 44.90 -13.24 28.60
N THR D 127 43.93 -13.82 29.31
CA THR D 127 44.18 -14.99 30.15
C THR D 127 43.86 -16.30 29.46
N LEU D 128 43.27 -16.25 28.27
CA LEU D 128 42.89 -17.47 27.58
C LEU D 128 44.16 -18.17 27.11
N ALA D 129 44.26 -19.45 27.39
CA ALA D 129 45.42 -20.23 26.98
C ALA D 129 44.94 -21.38 26.12
N GLY D 130 45.89 -22.12 25.57
CA GLY D 130 45.61 -23.20 24.68
C GLY D 130 46.02 -22.89 23.25
N GLY D 131 45.42 -23.62 22.32
CA GLY D 131 45.77 -23.47 20.94
C GLY D 131 45.16 -22.24 20.31
N PRO D 132 45.45 -22.08 19.02
CA PRO D 132 44.78 -21.02 18.25
C PRO D 132 43.35 -21.41 17.96
N PHE D 133 42.49 -20.41 17.84
CA PHE D 133 41.08 -20.66 17.58
C PHE D 133 40.84 -20.82 16.09
N ASP D 134 39.89 -21.71 15.76
CA ASP D 134 39.47 -21.96 14.38
C ASP D 134 38.32 -21.05 13.95
N LEU D 135 37.51 -20.63 14.91
CA LEU D 135 36.29 -19.89 14.66
C LEU D 135 36.06 -18.96 15.84
N VAL D 136 35.79 -17.69 15.56
CA VAL D 136 35.49 -16.70 16.59
C VAL D 136 34.16 -16.08 16.24
N PHE D 137 33.21 -16.13 17.18
CA PHE D 137 31.90 -15.51 17.02
C PHE D 137 31.83 -14.34 17.99
N ILE D 138 31.66 -13.13 17.45
CA ILE D 138 31.72 -11.90 18.24
C ILE D 138 30.31 -11.33 18.34
N ASP D 139 29.74 -11.35 19.54
CA ASP D 139 28.34 -11.00 19.74
C ASP D 139 28.11 -10.48 21.16
N ALA D 140 28.91 -9.49 21.58
CA ALA D 140 28.81 -8.95 22.93
C ALA D 140 28.45 -7.47 22.89
N ASP D 141 29.20 -6.65 23.62
CA ASP D 141 28.98 -5.20 23.59
C ASP D 141 29.56 -4.65 22.29
N LYS D 142 28.71 -4.03 21.47
CA LYS D 142 29.11 -3.72 20.10
C LYS D 142 30.21 -2.66 20.04
N GLU D 143 30.28 -1.76 21.02
CA GLU D 143 31.31 -0.71 20.98
C GLU D 143 32.72 -1.29 21.04
N ASN D 144 32.89 -2.54 21.50
CA ASN D 144 34.21 -3.17 21.50
C ASN D 144 34.39 -4.20 20.38
N ASN D 145 33.50 -4.23 19.38
CA ASN D 145 33.69 -5.12 18.23
C ASN D 145 35.11 -5.06 17.71
N VAL D 146 35.64 -3.84 17.49
CA VAL D 146 36.94 -3.69 16.85
C VAL D 146 38.04 -4.27 17.75
N ALA D 147 38.00 -3.95 19.04
CA ALA D 147 38.96 -4.54 19.97
C ALA D 147 38.86 -6.07 19.96
N TYR D 148 37.64 -6.60 19.90
CA TYR D 148 37.48 -8.05 19.89
C TYR D 148 38.01 -8.65 18.60
N ILE D 149 37.85 -7.94 17.47
CA ILE D 149 38.41 -8.43 16.22
C ILE D 149 39.94 -8.45 16.29
N GLN D 150 40.54 -7.42 16.86
CA GLN D 150 41.98 -7.41 17.04
C GLN D 150 42.43 -8.57 17.92
N TRP D 151 41.69 -8.85 19.00
CA TRP D 151 42.01 -10.01 19.82
C TRP D 151 41.81 -11.30 19.05
N ALA D 152 40.76 -11.37 18.25
CA ALA D 152 40.50 -12.58 17.47
C ALA D 152 41.65 -12.91 16.54
N ILE D 153 42.15 -11.89 15.82
CA ILE D 153 43.29 -12.10 14.92
C ILE D 153 44.49 -12.61 15.71
N ARG D 154 44.76 -12.03 16.88
CA ARG D 154 45.91 -12.43 17.68
C ARG D 154 45.77 -13.88 18.15
N LEU D 155 44.55 -14.31 18.47
CA LEU D 155 44.32 -15.63 19.06
C LEU D 155 43.91 -16.68 18.05
N ALA D 156 43.76 -16.33 16.78
CA ALA D 156 43.29 -17.24 15.75
C ALA D 156 44.44 -17.73 14.89
N ARG D 157 44.23 -18.90 14.28
CA ARG D 157 45.15 -19.42 13.28
C ARG D 157 44.94 -18.75 11.93
N ARG D 158 45.95 -18.89 11.07
CA ARG D 158 45.80 -18.55 9.66
C ARG D 158 44.62 -19.31 9.07
N GLY D 159 43.74 -18.59 8.36
CA GLY D 159 42.58 -19.21 7.77
C GLY D 159 41.37 -19.34 8.67
N ALA D 160 41.47 -18.92 9.93
CA ALA D 160 40.33 -18.98 10.84
C ALA D 160 39.20 -18.07 10.34
N VAL D 161 37.98 -18.39 10.77
CA VAL D 161 36.79 -17.62 10.43
C VAL D 161 36.37 -16.75 11.60
N ILE D 162 36.10 -15.47 11.34
CA ILE D 162 35.53 -14.56 12.32
C ILE D 162 34.13 -14.18 11.85
N VAL D 163 33.14 -14.32 12.72
CA VAL D 163 31.76 -13.92 12.45
C VAL D 163 31.37 -12.84 13.45
N VAL D 164 30.84 -11.73 12.94
CA VAL D 164 30.36 -10.63 13.78
C VAL D 164 28.87 -10.46 13.53
N ASP D 165 28.08 -10.54 14.59
CA ASP D 165 26.62 -10.45 14.49
C ASP D 165 26.15 -9.00 14.51
N ASN D 166 24.96 -8.77 13.92
CA ASN D 166 24.19 -7.52 14.09
C ASN D 166 24.89 -6.31 13.48
N VAL D 167 25.37 -6.44 12.24
CA VAL D 167 26.18 -5.37 11.67
C VAL D 167 25.41 -4.45 10.73
N ILE D 168 24.09 -4.61 10.58
CA ILE D 168 23.29 -3.83 9.65
C ILE D 168 22.22 -2.99 10.35
N ARG D 169 21.54 -3.56 11.36
CA ARG D 169 20.61 -2.84 12.25
C ARG D 169 19.57 -2.02 11.47
N GLY D 170 18.83 -2.71 10.61
CA GLY D 170 17.74 -2.08 9.88
C GLY D 170 18.18 -0.94 8.99
N GLY D 171 19.43 -0.98 8.52
CA GLY D 171 19.96 0.09 7.70
C GLY D 171 20.49 1.28 8.47
N GLY D 172 20.45 1.25 9.80
CA GLY D 172 20.91 2.38 10.60
C GLY D 172 22.38 2.71 10.42
N ILE D 173 23.18 1.78 9.88
CA ILE D 173 24.59 2.07 9.62
C ILE D 173 24.74 3.13 8.53
N LEU D 174 23.70 3.36 7.74
CA LEU D 174 23.68 4.40 6.71
C LEU D 174 22.83 5.61 7.09
N ALA D 175 22.05 5.53 8.17
CA ALA D 175 21.06 6.53 8.56
C ALA D 175 21.53 7.29 9.78
N GLU D 176 21.44 8.61 9.75
CA GLU D 176 21.73 9.43 10.93
C GLU D 176 20.88 8.99 12.13
N SER D 177 21.05 7.75 12.57
CA SER D 177 20.22 7.13 13.60
C SER D 177 20.92 7.19 14.95
N ASP D 178 20.18 7.61 15.98
CA ASP D 178 20.67 7.72 17.36
C ASP D 178 20.75 6.31 17.95
N ASP D 179 21.72 5.56 17.45
CA ASP D 179 21.86 4.14 17.73
C ASP D 179 23.34 3.87 17.93
N ALA D 180 23.77 3.75 19.19
CA ALA D 180 25.20 3.59 19.47
C ALA D 180 25.75 2.35 18.77
N ASP D 181 24.98 1.27 18.73
CA ASP D 181 25.46 0.04 18.12
C ASP D 181 25.44 0.10 16.60
N ALA D 182 24.64 0.98 16.00
CA ALA D 182 24.74 1.20 14.56
C ALA D 182 26.02 1.97 14.23
N VAL D 183 26.35 2.97 15.05
CA VAL D 183 27.64 3.64 14.91
C VAL D 183 28.77 2.62 15.05
N ALA D 184 28.69 1.75 16.06
CA ALA D 184 29.72 0.74 16.24
C ALA D 184 29.77 -0.22 15.05
N ALA D 185 28.61 -0.64 14.54
CA ALA D 185 28.60 -1.58 13.43
C ALA D 185 29.22 -0.98 12.18
N ARG D 186 28.88 0.28 11.88
CA ARG D 186 29.47 0.92 10.70
C ARG D 186 31.00 1.00 10.84
N ARG D 187 31.48 1.43 12.00
CA ARG D 187 32.92 1.48 12.24
C ARG D 187 33.54 0.09 12.16
N THR D 188 32.83 -0.94 12.64
CA THR D 188 33.34 -2.30 12.58
C THR D 188 33.56 -2.71 11.12
N LEU D 189 32.57 -2.43 10.28
CA LEU D 189 32.65 -2.81 8.86
C LEU D 189 33.80 -2.09 8.16
N GLN D 190 33.96 -0.80 8.44
CA GLN D 190 35.05 -0.05 7.80
C GLN D 190 36.41 -0.57 8.25
N MET D 191 36.53 -0.94 9.54
CA MET D 191 37.80 -1.48 10.01
C MET D 191 38.09 -2.82 9.36
N MET D 192 37.07 -3.67 9.18
CA MET D 192 37.30 -4.98 8.59
C MET D 192 37.72 -4.85 7.13
N GLY D 193 37.11 -3.91 6.39
CA GLY D 193 37.50 -3.72 5.00
C GLY D 193 38.92 -3.21 4.86
N GLU D 194 39.34 -2.33 5.77
CA GLU D 194 40.68 -1.74 5.68
C GLU D 194 41.77 -2.63 6.27
N HIS D 195 41.42 -3.60 7.10
CA HIS D 195 42.44 -4.36 7.81
C HIS D 195 43.19 -5.28 6.86
N PRO D 196 44.52 -5.17 6.75
CA PRO D 196 45.24 -6.01 5.78
C PRO D 196 45.27 -7.50 6.13
N GLY D 197 45.00 -7.87 7.38
CA GLY D 197 44.98 -9.24 7.82
C GLY D 197 43.65 -9.95 7.71
N LEU D 198 42.63 -9.28 7.17
CA LEU D 198 41.29 -9.84 7.04
C LEU D 198 40.80 -9.77 5.60
N ASP D 199 40.05 -10.78 5.18
CA ASP D 199 39.26 -10.72 3.95
C ASP D 199 37.81 -10.97 4.36
N ALA D 200 36.92 -10.03 4.07
CA ALA D 200 35.62 -9.99 4.71
C ALA D 200 34.49 -9.77 3.72
N THR D 201 33.31 -10.25 4.09
CA THR D 201 32.05 -9.97 3.40
C THR D 201 31.00 -9.71 4.46
N ALA D 202 29.88 -9.13 4.04
CA ALA D 202 28.76 -8.91 4.96
C ALA D 202 27.46 -9.23 4.25
N ILE D 203 26.61 -10.01 4.91
CA ILE D 203 25.36 -10.50 4.33
C ILE D 203 24.19 -9.90 5.11
N GLN D 204 23.34 -9.16 4.42
CA GLN D 204 22.13 -8.65 5.05
C GLN D 204 21.09 -9.75 5.13
N THR D 205 20.41 -9.85 6.28
CA THR D 205 19.45 -10.92 6.54
C THR D 205 18.11 -10.33 6.96
N VAL D 206 17.06 -11.13 6.79
CA VAL D 206 15.76 -10.86 7.39
C VAL D 206 15.25 -12.17 8.00
N GLY D 207 14.18 -12.06 8.75
CA GLY D 207 13.61 -13.24 9.43
C GLY D 207 12.88 -12.80 10.69
N ARG D 208 12.78 -13.73 11.66
CA ARG D 208 12.09 -13.42 12.90
C ARG D 208 12.66 -12.19 13.60
N LYS D 209 13.96 -11.96 13.48
CA LYS D 209 14.60 -10.87 14.21
C LYS D 209 14.67 -9.57 13.43
N GLY D 210 14.07 -9.51 12.23
CA GLY D 210 14.07 -8.27 11.48
C GLY D 210 15.23 -8.16 10.52
N TRP D 211 15.35 -6.96 9.95
CA TRP D 211 16.40 -6.66 8.97
C TRP D 211 17.71 -6.38 9.70
N ASP D 212 18.68 -7.28 9.55
CA ASP D 212 19.97 -7.09 10.20
C ASP D 212 21.01 -7.74 9.30
N GLY D 213 22.05 -8.35 9.85
CA GLY D 213 23.04 -8.99 9.01
C GLY D 213 24.30 -9.27 9.79
N PHE D 214 25.23 -9.92 9.12
CA PHE D 214 26.45 -10.36 9.79
C PHE D 214 27.64 -10.13 8.88
N ALA D 215 28.81 -9.98 9.50
CA ALA D 215 30.07 -9.94 8.78
C ALA D 215 30.78 -11.27 8.96
N LEU D 216 31.43 -11.74 7.89
CA LEU D 216 32.23 -12.96 7.93
C LEU D 216 33.59 -12.65 7.30
N ALA D 217 34.67 -13.01 8.00
CA ALA D 217 36.02 -12.72 7.54
C ALA D 217 36.90 -13.95 7.71
N LEU D 218 37.88 -14.08 6.82
CA LEU D 218 38.98 -15.04 6.99
C LEU D 218 40.20 -14.30 7.49
N VAL D 219 40.91 -14.91 8.44
CA VAL D 219 42.18 -14.39 8.94
C VAL D 219 43.28 -14.78 7.95
N ARG D 220 43.93 -13.77 7.37
CA ARG D 220 45.01 -14.01 6.42
C ARG D 220 46.27 -14.46 7.15
N GLN E 5 2.67 -9.63 14.41
CA GLN E 5 3.06 -8.46 13.62
C GLN E 5 3.96 -7.52 14.42
N GLN E 6 4.60 -6.58 13.72
CA GLN E 6 5.51 -5.66 14.37
C GLN E 6 4.75 -4.71 15.30
N PRO E 7 5.37 -4.29 16.40
CA PRO E 7 4.66 -3.38 17.31
C PRO E 7 4.36 -2.05 16.64
N ASN E 8 3.25 -1.45 17.05
CA ASN E 8 2.84 -0.16 16.52
C ASN E 8 2.72 0.81 17.70
N PRO E 9 2.57 2.10 17.46
CA PRO E 9 2.52 3.08 18.57
C PRO E 9 1.37 2.80 19.54
N PRO E 10 0.16 2.46 19.08
CA PRO E 10 -0.87 2.09 20.06
C PRO E 10 -0.47 0.93 20.97
N ASP E 11 0.15 -0.12 20.42
CA ASP E 11 0.65 -1.20 21.27
C ASP E 11 1.66 -0.70 22.29
N VAL E 12 2.55 0.20 21.87
CA VAL E 12 3.54 0.72 22.80
C VAL E 12 2.88 1.54 23.91
N ASP E 13 1.87 2.36 23.54
CA ASP E 13 1.17 3.16 24.55
C ASP E 13 0.46 2.28 25.58
N ALA E 14 -0.05 1.12 25.14
CA ALA E 14 -0.68 0.21 26.09
C ALA E 14 0.33 -0.28 27.12
N PHE E 15 1.56 -0.59 26.68
CA PHE E 15 2.61 -0.98 27.62
C PHE E 15 2.99 0.17 28.54
N LEU E 16 3.07 1.40 28.00
CA LEU E 16 3.42 2.55 28.84
C LEU E 16 2.32 2.86 29.84
N ASP E 17 1.06 2.73 29.43
CA ASP E 17 -0.05 2.95 30.38
C ASP E 17 0.04 1.96 31.54
N SER E 18 0.23 0.68 31.23
CA SER E 18 0.35 -0.33 32.29
C SER E 18 1.57 -0.10 33.14
N THR E 19 2.67 0.34 32.54
CA THR E 19 3.93 0.40 33.27
C THR E 19 4.05 1.66 34.11
N LEU E 20 3.62 2.81 33.59
CA LEU E 20 3.89 4.09 34.23
C LEU E 20 2.68 4.77 34.82
N VAL E 21 1.46 4.38 34.46
CA VAL E 21 0.24 4.99 34.98
C VAL E 21 -0.53 4.02 35.88
N GLY E 22 -0.86 2.85 35.35
CA GLY E 22 -1.59 1.83 36.10
C GLY E 22 -3.10 2.02 36.09
N ASP E 23 -3.75 1.24 36.94
CA ASP E 23 -5.20 1.34 37.10
C ASP E 23 -5.57 2.71 37.68
N ASP E 24 -6.55 3.36 37.07
CA ASP E 24 -7.00 4.70 37.45
C ASP E 24 -8.53 4.68 37.54
N PRO E 25 -9.08 4.31 38.69
CA PRO E 25 -10.55 4.24 38.82
C PRO E 25 -11.24 5.56 38.50
N ALA E 26 -10.68 6.70 38.93
CA ALA E 26 -11.34 7.97 38.66
C ALA E 26 -11.39 8.24 37.17
N LEU E 27 -10.30 7.97 36.45
CA LEU E 27 -10.31 8.21 35.01
C LEU E 27 -11.16 7.16 34.30
N ALA E 28 -11.20 5.93 34.82
CA ALA E 28 -12.07 4.92 34.24
C ALA E 28 -13.54 5.32 34.35
N ALA E 29 -13.93 5.88 35.50
CA ALA E 29 -15.30 6.33 35.66
C ALA E 29 -15.61 7.52 34.76
N ALA E 30 -14.65 8.44 34.62
CA ALA E 30 -14.83 9.57 33.71
C ALA E 30 -15.11 9.10 32.28
N LEU E 31 -14.39 8.07 31.84
CA LEU E 31 -14.57 7.57 30.48
C LEU E 31 -15.96 6.97 30.30
N ALA E 32 -16.42 6.16 31.27
CA ALA E 32 -17.75 5.58 31.16
C ALA E 32 -18.83 6.65 31.19
N ALA E 33 -18.65 7.67 32.03
CA ALA E 33 -19.62 8.77 32.07
C ALA E 33 -19.58 9.57 30.77
N SER E 34 -18.39 9.81 30.23
CA SER E 34 -18.29 10.51 28.95
C SER E 34 -18.95 9.71 27.84
N ASP E 35 -18.73 8.40 27.81
CA ASP E 35 -19.39 7.56 26.82
C ASP E 35 -20.90 7.53 27.04
N ALA E 36 -21.34 7.57 28.31
CA ALA E 36 -22.77 7.55 28.61
C ALA E 36 -23.48 8.76 28.03
N ALA E 37 -22.84 9.93 28.08
CA ALA E 37 -23.39 11.15 27.51
C ALA E 37 -23.02 11.33 26.04
N GLU E 38 -22.44 10.29 25.41
CA GLU E 38 -22.11 10.30 23.98
C GLU E 38 -21.11 11.41 23.63
N LEU E 39 -20.17 11.67 24.54
CA LEU E 39 -19.12 12.63 24.23
C LEU E 39 -18.14 12.03 23.23
N PRO E 40 -17.66 12.83 22.27
CA PRO E 40 -16.64 12.30 21.35
C PRO E 40 -15.44 11.77 22.12
N ARG E 41 -14.93 10.61 21.67
CA ARG E 41 -13.83 9.92 22.35
C ARG E 41 -12.50 10.51 21.89
N ILE E 42 -12.26 11.77 22.28
CA ILE E 42 -11.09 12.50 21.80
C ILE E 42 -10.27 13.08 22.95
N ALA E 43 -10.44 12.57 24.15
CA ALA E 43 -9.67 13.08 25.27
C ALA E 43 -8.19 12.74 25.10
N VAL E 44 -7.35 13.46 25.85
CA VAL E 44 -5.93 13.16 25.87
C VAL E 44 -5.71 11.71 26.30
N SER E 45 -4.68 11.08 25.73
CA SER E 45 -4.29 9.76 26.18
C SER E 45 -3.78 9.83 27.62
N ALA E 46 -3.64 8.65 28.23
CA ALA E 46 -3.15 8.57 29.60
C ALA E 46 -1.73 9.13 29.70
N GLN E 47 -0.87 8.83 28.72
CA GLN E 47 0.49 9.35 28.78
C GLN E 47 0.51 10.86 28.59
N GLN E 48 -0.32 11.36 27.68
CA GLN E 48 -0.45 12.79 27.48
C GLN E 48 -0.99 13.46 28.73
N GLY E 49 -2.01 12.86 29.35
CA GLY E 49 -2.56 13.46 30.55
C GLY E 49 -1.58 13.48 31.70
N LYS E 50 -0.83 12.39 31.86
CA LYS E 50 0.20 12.37 32.90
C LYS E 50 1.27 13.41 32.63
N PHE E 51 1.59 13.62 31.35
CA PHE E 51 2.54 14.67 30.98
C PHE E 51 2.06 16.03 31.48
N LEU E 52 0.78 16.34 31.27
CA LEU E 52 0.25 17.62 31.72
C LEU E 52 0.33 17.74 33.23
N CYS E 53 -0.05 16.65 33.93
CA CYS E 53 0.05 16.61 35.38
C CYS E 53 1.47 16.87 35.86
N LEU E 54 2.44 16.17 35.27
CA LEU E 54 3.83 16.32 35.66
C LEU E 54 4.36 17.70 35.33
N LEU E 55 3.92 18.28 34.21
CA LEU E 55 4.36 19.62 33.84
C LEU E 55 3.88 20.65 34.86
N ALA E 56 2.60 20.54 35.25
CA ALA E 56 2.08 21.44 36.29
C ALA E 56 2.84 21.25 37.59
N GLY E 57 3.13 20.01 37.97
CA GLY E 57 3.88 19.77 39.19
C GLY E 57 5.31 20.29 39.11
N ALA E 58 5.94 20.12 37.95
CA ALA E 58 7.32 20.56 37.79
C ALA E 58 7.47 22.06 38.00
N ILE E 59 6.56 22.86 37.46
CA ILE E 59 6.61 24.32 37.66
C ILE E 59 5.87 24.76 38.91
N GLN E 60 5.35 23.83 39.70
CA GLN E 60 4.56 24.14 40.91
C GLN E 60 3.42 25.09 40.59
N ALA E 61 2.71 24.80 39.51
CA ALA E 61 1.61 25.65 39.09
C ALA E 61 0.53 25.73 40.15
N ARG E 62 0.04 26.95 40.41
CA ARG E 62 -1.06 27.16 41.33
C ARG E 62 -2.29 27.77 40.67
N ARG E 63 -2.15 28.38 39.49
CA ARG E 63 -3.28 28.89 38.73
C ARG E 63 -3.16 28.34 37.32
N VAL E 64 -4.12 27.52 36.92
CA VAL E 64 -4.12 26.86 35.61
C VAL E 64 -5.34 27.27 34.82
N LEU E 65 -5.14 27.62 33.54
CA LEU E 65 -6.23 27.91 32.63
C LEU E 65 -6.27 26.84 31.55
N GLU E 66 -7.44 26.23 31.38
CA GLU E 66 -7.68 25.27 30.31
C GLU E 66 -8.81 25.77 29.42
N ILE E 67 -8.63 25.63 28.11
CA ILE E 67 -9.63 26.04 27.14
C ILE E 67 -10.04 24.80 26.36
N GLY E 68 -11.26 24.33 26.60
CA GLY E 68 -11.76 23.10 25.99
C GLY E 68 -11.77 21.96 26.99
N THR E 69 -12.88 21.79 27.70
CA THR E 69 -12.96 20.83 28.81
C THR E 69 -13.35 19.42 28.40
N LEU E 70 -14.30 19.27 27.47
CA LEU E 70 -14.95 18.01 27.13
C LEU E 70 -15.46 17.34 28.41
N GLY E 71 -15.01 16.11 28.68
CA GLY E 71 -15.38 15.42 29.92
C GLY E 71 -14.45 15.64 31.08
N GLY E 72 -13.49 16.56 30.97
CA GLY E 72 -12.62 16.88 32.07
C GLY E 72 -11.45 15.94 32.26
N PHE E 73 -11.13 15.11 31.26
N PHE E 73 -11.15 15.09 31.27
CA PHE E 73 -10.03 14.16 31.40
CA PHE E 73 -10.02 14.18 31.38
C PHE E 73 -8.69 14.88 31.59
C PHE E 73 -8.73 14.95 31.62
N SER E 74 -8.35 15.79 30.66
CA SER E 74 -7.15 16.59 30.83
C SER E 74 -7.25 17.49 32.05
N THR E 75 -8.46 17.96 32.38
CA THR E 75 -8.68 18.83 33.54
C THR E 75 -8.32 18.12 34.84
N ILE E 76 -8.74 16.85 34.98
CA ILE E 76 -8.39 16.06 36.16
C ILE E 76 -6.88 15.95 36.29
N TRP E 77 -6.20 15.69 35.17
CA TRP E 77 -4.75 15.60 35.20
C TRP E 77 -4.12 16.94 35.62
N LEU E 78 -4.62 18.03 35.04
CA LEU E 78 -4.09 19.33 35.40
C LEU E 78 -4.30 19.61 36.89
N ALA E 79 -5.47 19.27 37.42
CA ALA E 79 -5.75 19.54 38.83
C ALA E 79 -4.96 18.63 39.74
N ARG E 80 -4.62 17.43 39.26
CA ARG E 80 -3.71 16.56 40.01
C ARG E 80 -2.33 17.19 40.12
N GLY E 81 -1.80 17.70 39.00
CA GLY E 81 -0.48 18.28 39.04
C GLY E 81 -0.43 19.58 39.82
N ALA E 82 -1.52 20.34 39.83
CA ALA E 82 -1.55 21.61 40.54
C ALA E 82 -1.55 21.42 42.05
N GLY E 83 -2.09 20.30 42.54
CA GLY E 83 -2.05 19.98 43.95
C GLY E 83 -3.22 20.56 44.74
N PRO E 84 -3.19 20.37 46.07
CA PRO E 84 -4.31 20.85 46.89
C PRO E 84 -4.42 22.36 46.93
N GLN E 85 -3.32 23.08 46.75
CA GLN E 85 -3.37 24.53 46.77
C GLN E 85 -3.59 25.14 45.39
N GLY E 86 -3.52 24.32 44.33
CA GLY E 86 -3.70 24.84 42.99
C GLY E 86 -5.17 24.98 42.62
N ARG E 87 -5.41 25.82 41.62
CA ARG E 87 -6.75 26.06 41.10
C ARG E 87 -6.71 25.95 39.58
N VAL E 88 -7.73 25.34 39.01
CA VAL E 88 -7.90 25.27 37.56
C VAL E 88 -9.20 25.96 37.19
N VAL E 89 -9.15 26.84 36.21
CA VAL E 89 -10.34 27.32 35.53
C VAL E 89 -10.32 26.73 34.13
N THR E 90 -11.40 26.06 33.76
CA THR E 90 -11.49 25.45 32.43
C THR E 90 -12.74 25.98 31.74
N LEU E 91 -12.61 26.25 30.44
CA LEU E 91 -13.64 26.91 29.65
C LEU E 91 -14.26 25.91 28.69
N GLU E 92 -15.59 25.81 28.72
CA GLU E 92 -16.29 24.80 27.93
C GLU E 92 -17.53 25.43 27.29
N TYR E 93 -17.67 25.19 25.97
CA TYR E 93 -18.73 25.73 25.13
C TYR E 93 -20.06 25.04 25.35
N GLN E 94 -20.07 23.70 25.43
CA GLN E 94 -21.30 22.94 25.49
C GLN E 94 -21.72 22.75 26.93
N PRO E 95 -22.92 23.18 27.33
CA PRO E 95 -23.40 22.89 28.70
C PRO E 95 -23.40 21.41 29.03
N LYS E 96 -23.76 20.55 28.08
CA LYS E 96 -23.74 19.11 28.32
C LYS E 96 -22.34 18.62 28.66
N HIS E 97 -21.34 19.05 27.89
CA HIS E 97 -19.96 18.69 28.22
C HIS E 97 -19.61 19.17 29.62
N ALA E 98 -20.01 20.40 29.96
CA ALA E 98 -19.69 20.96 31.26
C ALA E 98 -20.29 20.12 32.39
N GLU E 99 -21.53 19.65 32.22
CA GLU E 99 -22.16 18.85 33.26
C GLU E 99 -21.42 17.55 33.48
N VAL E 100 -21.04 16.87 32.39
CA VAL E 100 -20.26 15.64 32.49
C VAL E 100 -18.93 15.91 33.16
N ALA E 101 -18.26 16.99 32.77
CA ALA E 101 -16.97 17.33 33.37
C ALA E 101 -17.08 17.52 34.89
N ARG E 102 -18.12 18.23 35.34
CA ARG E 102 -18.27 18.46 36.78
C ARG E 102 -18.44 17.14 37.52
N VAL E 103 -19.20 16.21 36.95
CA VAL E 103 -19.41 14.93 37.62
C VAL E 103 -18.12 14.14 37.69
N ASN E 104 -17.32 14.18 36.63
CA ASN E 104 -16.05 13.47 36.62
C ASN E 104 -15.04 14.12 37.55
N LEU E 105 -15.05 15.45 37.62
CA LEU E 105 -14.17 16.16 38.55
C LEU E 105 -14.50 15.81 40.00
N GLN E 106 -15.79 15.69 40.32
CA GLN E 106 -16.19 15.28 41.67
C GLN E 106 -15.73 13.86 41.98
N ARG E 107 -15.85 12.94 41.01
CA ARG E 107 -15.36 11.59 41.24
C ARG E 107 -13.84 11.55 41.36
N ALA E 108 -13.14 12.46 40.70
CA ALA E 108 -11.69 12.47 40.81
C ALA E 108 -11.19 13.18 42.06
N GLY E 109 -12.10 13.72 42.88
CA GLY E 109 -11.70 14.35 44.13
C GLY E 109 -10.98 15.66 43.97
N VAL E 110 -11.22 16.38 42.87
CA VAL E 110 -10.53 17.63 42.60
C VAL E 110 -11.51 18.75 42.29
N ALA E 111 -12.81 18.47 42.42
CA ALA E 111 -13.82 19.47 42.10
C ALA E 111 -13.65 20.73 42.93
N ASP E 112 -13.09 20.58 44.14
CA ASP E 112 -12.79 21.71 45.00
C ASP E 112 -11.75 22.64 44.39
N ARG E 113 -10.95 22.16 43.45
CA ARG E 113 -9.85 22.95 42.86
C ARG E 113 -10.16 23.46 41.47
N VAL E 114 -11.33 23.15 40.91
CA VAL E 114 -11.63 23.42 39.50
C VAL E 114 -13.00 24.05 39.39
N GLU E 115 -13.08 25.13 38.62
CA GLU E 115 -14.36 25.69 38.19
C GLU E 115 -14.42 25.59 36.67
N VAL E 116 -15.49 25.01 36.17
CA VAL E 116 -15.79 25.03 34.75
C VAL E 116 -16.62 26.28 34.45
N VAL E 117 -16.18 27.05 33.45
CA VAL E 117 -16.86 28.29 33.07
C VAL E 117 -17.48 28.07 31.70
N VAL E 118 -18.80 28.13 31.64
CA VAL E 118 -19.55 27.74 30.45
C VAL E 118 -19.71 28.94 29.52
N GLY E 119 -19.55 28.70 28.21
CA GLY E 119 -19.76 29.72 27.21
C GLY E 119 -18.64 29.74 26.19
N PRO E 120 -18.82 30.52 25.12
CA PRO E 120 -17.72 30.68 24.16
C PRO E 120 -16.53 31.34 24.85
N ALA E 121 -15.35 30.71 24.71
CA ALA E 121 -14.18 31.19 25.43
C ALA E 121 -13.84 32.63 25.07
N LEU E 122 -14.07 33.04 23.81
CA LEU E 122 -13.82 34.43 23.44
C LEU E 122 -14.68 35.40 24.25
N ASP E 123 -15.83 34.93 24.75
CA ASP E 123 -16.69 35.77 25.58
C ASP E 123 -16.35 35.67 27.06
N THR E 124 -15.88 34.51 27.53
CA THR E 124 -15.60 34.32 28.95
C THR E 124 -14.18 34.72 29.34
N LEU E 125 -13.23 34.65 28.41
CA LEU E 125 -11.85 35.06 28.71
C LEU E 125 -11.75 36.48 29.24
N PRO E 126 -12.35 37.51 28.62
CA PRO E 126 -12.20 38.87 29.15
C PRO E 126 -12.79 39.05 30.55
N THR E 127 -13.69 38.16 30.98
CA THR E 127 -14.25 38.23 32.32
C THR E 127 -13.42 37.51 33.36
N LEU E 128 -12.45 36.71 32.95
CA LEU E 128 -11.71 35.87 33.89
C LEU E 128 -10.92 36.74 34.85
N ALA E 129 -11.10 36.48 36.14
CA ALA E 129 -10.44 37.29 37.16
C ALA E 129 -9.48 36.43 37.97
N GLY E 130 -9.09 36.94 39.14
CA GLY E 130 -8.15 36.22 39.99
C GLY E 130 -6.74 36.75 39.81
N GLY E 131 -5.81 35.86 39.50
CA GLY E 131 -4.43 36.26 39.28
C GLY E 131 -3.88 35.71 37.98
N PRO E 132 -2.62 36.02 37.71
CA PRO E 132 -1.97 35.51 36.49
C PRO E 132 -1.85 33.99 36.53
N PHE E 133 -1.97 33.38 35.36
CA PHE E 133 -1.86 31.94 35.25
C PHE E 133 -0.41 31.51 35.07
N ASP E 134 -0.09 30.35 35.65
CA ASP E 134 1.20 29.72 35.49
C ASP E 134 1.24 28.75 34.32
N LEU E 135 0.09 28.18 33.97
CA LEU E 135 -0.01 27.17 32.93
C LEU E 135 -1.32 27.35 32.18
N VAL E 136 -1.25 27.28 30.85
CA VAL E 136 -2.42 27.42 29.99
C VAL E 136 -2.40 26.27 29.01
N PHE E 137 -3.48 25.48 28.99
CA PHE E 137 -3.67 24.39 28.03
C PHE E 137 -4.77 24.78 27.06
N ILE E 138 -4.44 24.83 25.78
CA ILE E 138 -5.35 25.31 24.74
C ILE E 138 -5.75 24.11 23.88
N ASP E 139 -7.02 23.73 23.95
CA ASP E 139 -7.48 22.52 23.29
C ASP E 139 -8.96 22.62 22.98
N ALA E 140 -9.37 23.71 22.33
CA ALA E 140 -10.78 23.93 22.04
C ALA E 140 -10.97 24.01 20.54
N ASP E 141 -11.65 25.04 20.06
CA ASP E 141 -11.88 25.17 18.62
C ASP E 141 -10.60 25.71 17.95
N LYS E 142 -10.13 25.00 16.92
CA LYS E 142 -8.77 25.23 16.43
C LYS E 142 -8.62 26.58 15.73
N GLU E 143 -9.65 27.07 15.04
CA GLU E 143 -9.52 28.36 14.37
C GLU E 143 -9.30 29.51 15.35
N ASN E 144 -9.60 29.33 16.63
CA ASN E 144 -9.36 30.38 17.60
C ASN E 144 -8.09 30.16 18.42
N ASN E 145 -7.29 29.13 18.09
CA ASN E 145 -6.00 28.94 18.75
C ASN E 145 -5.26 30.25 18.89
N VAL E 146 -5.12 30.98 17.78
CA VAL E 146 -4.34 32.22 17.79
C VAL E 146 -4.95 33.23 18.77
N ALA E 147 -6.27 33.41 18.72
CA ALA E 147 -6.90 34.33 19.68
C ALA E 147 -6.69 33.87 21.12
N TYR E 148 -6.80 32.57 21.40
CA TYR E 148 -6.62 32.09 22.77
C TYR E 148 -5.17 32.24 23.24
N ILE E 149 -4.21 32.06 22.33
CA ILE E 149 -2.81 32.29 22.69
C ILE E 149 -2.59 33.74 23.09
N GLN E 150 -3.21 34.67 22.35
CA GLN E 150 -3.04 36.07 22.71
C GLN E 150 -3.71 36.39 24.04
N TRP E 151 -4.87 35.79 24.30
CA TRP E 151 -5.47 35.91 25.63
C TRP E 151 -4.59 35.26 26.69
N ALA E 152 -3.94 34.14 26.35
CA ALA E 152 -3.08 33.44 27.31
C ALA E 152 -1.91 34.32 27.72
N ILE E 153 -1.25 34.96 26.76
CA ILE E 153 -0.12 35.84 27.08
C ILE E 153 -0.58 36.95 28.01
N ARG E 154 -1.71 37.58 27.68
CA ARG E 154 -2.19 38.69 28.50
C ARG E 154 -2.52 38.25 29.92
N LEU E 155 -3.07 37.06 30.09
CA LEU E 155 -3.52 36.61 31.40
C LEU E 155 -2.46 35.80 32.15
N ALA E 156 -1.27 35.64 31.60
CA ALA E 156 -0.26 34.78 32.20
C ALA E 156 0.83 35.61 32.87
N ARG E 157 1.47 35.02 33.85
CA ARG E 157 2.70 35.59 34.37
C ARG E 157 3.82 35.39 33.35
N ARG E 158 4.86 36.21 33.46
CA ARG E 158 6.09 35.98 32.73
C ARG E 158 6.69 34.64 33.15
N GLY E 159 7.14 33.87 32.16
CA GLY E 159 7.65 32.53 32.42
C GLY E 159 6.60 31.44 32.41
N ALA E 160 5.33 31.79 32.24
CA ALA E 160 4.28 30.78 32.21
C ALA E 160 4.44 29.89 30.98
N VAL E 161 3.88 28.69 31.09
CA VAL E 161 3.91 27.69 30.02
C VAL E 161 2.57 27.67 29.31
N ILE E 162 2.59 27.72 27.98
CA ILE E 162 1.40 27.52 27.16
C ILE E 162 1.62 26.21 26.40
N VAL E 163 0.64 25.31 26.47
CA VAL E 163 0.64 24.08 25.68
C VAL E 163 -0.57 24.11 24.75
N VAL E 164 -0.33 23.82 23.46
CA VAL E 164 -1.40 23.76 22.46
C VAL E 164 -1.41 22.34 21.88
N ASP E 165 -2.57 21.70 21.93
CA ASP E 165 -2.73 20.33 21.47
C ASP E 165 -3.01 20.27 19.97
N ASN E 166 -2.65 19.13 19.37
CA ASN E 166 -3.11 18.75 18.02
C ASN E 166 -2.56 19.67 16.93
N VAL E 167 -1.27 19.99 16.98
CA VAL E 167 -0.74 21.00 16.06
C VAL E 167 -0.06 20.39 14.83
N ILE E 168 -0.11 19.06 14.69
CA ILE E 168 0.56 18.38 13.58
C ILE E 168 -0.42 17.68 12.65
N ARG E 169 -1.41 16.98 13.20
CA ARG E 169 -2.53 16.43 12.43
C ARG E 169 -2.05 15.55 11.26
N GLY E 170 -1.25 14.53 11.60
CA GLY E 170 -0.80 13.58 10.60
C GLY E 170 0.02 14.19 9.49
N GLY E 171 0.66 15.33 9.76
CA GLY E 171 1.43 16.02 8.75
C GLY E 171 0.62 16.88 7.81
N GLY E 172 -0.69 16.99 8.05
CA GLY E 172 -1.54 17.81 7.20
C GLY E 172 -1.18 19.28 7.20
N ILE E 173 -0.42 19.74 8.19
CA ILE E 173 0.03 21.12 8.19
C ILE E 173 0.92 21.45 6.98
N LEU E 174 1.43 20.43 6.29
CA LEU E 174 2.26 20.62 5.10
C LEU E 174 1.47 20.44 3.81
N ALA E 175 0.23 20.01 3.90
CA ALA E 175 -0.59 19.70 2.73
C ALA E 175 -1.54 20.85 2.42
N GLU E 176 -2.10 20.82 1.21
CA GLU E 176 -3.02 21.86 0.76
C GLU E 176 -4.47 21.43 0.87
N SER E 177 -4.76 20.38 1.62
CA SER E 177 -6.14 19.94 1.78
C SER E 177 -6.96 21.01 2.48
N ASP E 178 -8.25 21.07 2.14
CA ASP E 178 -9.24 21.92 2.81
C ASP E 178 -9.59 21.24 4.13
N ASP E 179 -8.64 21.31 5.06
CA ASP E 179 -8.68 20.56 6.31
C ASP E 179 -8.57 21.56 7.45
N ALA E 180 -9.69 21.79 8.15
CA ALA E 180 -9.77 22.92 9.07
C ALA E 180 -8.73 22.84 10.19
N ASP E 181 -8.54 21.66 10.79
CA ASP E 181 -7.62 21.58 11.92
C ASP E 181 -6.16 21.66 11.48
N ALA E 182 -5.83 21.14 10.29
CA ALA E 182 -4.47 21.27 9.79
C ALA E 182 -4.17 22.71 9.38
N VAL E 183 -5.11 23.35 8.68
CA VAL E 183 -4.91 24.75 8.31
C VAL E 183 -4.75 25.61 9.55
N ALA E 184 -5.57 25.37 10.57
CA ALA E 184 -5.47 26.15 11.81
C ALA E 184 -4.15 25.86 12.53
N ALA E 185 -3.73 24.59 12.55
CA ALA E 185 -2.47 24.25 13.22
C ALA E 185 -1.28 24.91 12.55
N ARG E 186 -1.26 24.91 11.21
CA ARG E 186 -0.16 25.56 10.51
C ARG E 186 -0.10 27.04 10.83
N ARG E 187 -1.25 27.71 10.81
CA ARG E 187 -1.30 29.14 11.17
C ARG E 187 -0.90 29.36 12.63
N THR E 188 -1.32 28.45 13.52
CA THR E 188 -0.95 28.57 14.94
C THR E 188 0.56 28.53 15.11
N LEU E 189 1.22 27.57 14.46
CA LEU E 189 2.66 27.43 14.62
C LEU E 189 3.38 28.63 14.06
N GLN E 190 2.93 29.13 12.90
CA GLN E 190 3.54 30.32 12.33
C GLN E 190 3.36 31.53 13.24
N MET E 191 2.18 31.67 13.87
CA MET E 191 1.99 32.80 14.78
C MET E 191 2.87 32.68 16.03
N MET E 192 2.98 31.47 16.60
CA MET E 192 3.83 31.30 17.78
C MET E 192 5.29 31.57 17.45
N GLY E 193 5.73 31.19 16.24
CA GLY E 193 7.11 31.43 15.86
C GLY E 193 7.42 32.90 15.68
N GLU E 194 6.43 33.70 15.28
CA GLU E 194 6.64 35.12 15.03
C GLU E 194 6.37 35.99 16.24
N HIS E 195 5.66 35.50 17.23
CA HIS E 195 5.31 36.35 18.38
C HIS E 195 6.54 36.67 19.22
N PRO E 196 6.91 37.95 19.38
CA PRO E 196 8.11 38.27 20.17
C PRO E 196 7.97 37.99 21.65
N GLY E 197 6.76 37.76 22.15
CA GLY E 197 6.57 37.43 23.54
C GLY E 197 6.60 35.96 23.88
N LEU E 198 6.76 35.10 22.87
CA LEU E 198 6.75 33.66 23.05
C LEU E 198 8.07 33.07 22.58
N ASP E 199 8.54 32.05 23.29
CA ASP E 199 9.57 31.16 22.79
C ASP E 199 8.98 29.76 22.76
N ALA E 200 9.01 29.12 21.59
CA ALA E 200 8.17 27.96 21.34
C ALA E 200 8.93 26.84 20.65
N THR E 201 8.47 25.61 20.90
CA THR E 201 8.91 24.41 20.19
C THR E 201 7.67 23.58 19.92
N ALA E 202 7.82 22.58 19.04
CA ALA E 202 6.72 21.67 18.76
C ALA E 202 7.27 20.26 18.62
N ILE E 203 6.67 19.31 19.33
CA ILE E 203 7.11 17.92 19.33
C ILE E 203 6.04 17.07 18.63
N GLN E 204 6.44 16.36 17.59
CA GLN E 204 5.55 15.40 16.93
C GLN E 204 5.45 14.13 17.77
N THR E 205 4.24 13.60 17.90
CA THR E 205 4.01 12.45 18.75
C THR E 205 3.22 11.39 18.00
N VAL E 206 3.37 10.15 18.46
CA VAL E 206 2.52 9.05 18.04
C VAL E 206 2.09 8.28 19.29
N GLY E 207 1.25 7.27 19.10
CA GLY E 207 0.68 6.55 20.21
C GLY E 207 -0.75 6.16 19.91
N ARG E 208 -1.57 5.99 20.95
N ARG E 208 -1.56 6.00 20.97
CA ARG E 208 -2.95 5.56 20.78
CA ARG E 208 -2.95 5.60 20.84
C ARG E 208 -3.73 6.48 19.82
C ARG E 208 -3.74 6.49 19.88
N LYS E 209 -3.43 7.78 19.83
CA LYS E 209 -4.19 8.73 19.03
C LYS E 209 -3.60 9.02 17.66
N GLY E 210 -2.54 8.33 17.27
CA GLY E 210 -2.01 8.52 15.93
C GLY E 210 -0.92 9.57 15.87
N TRP E 211 -0.57 9.95 14.65
CA TRP E 211 0.49 10.93 14.40
C TRP E 211 -0.07 12.33 14.59
N ASP E 212 0.37 13.00 15.67
CA ASP E 212 -0.06 14.36 15.92
C ASP E 212 1.07 15.09 16.65
N GLY E 213 0.77 16.00 17.55
CA GLY E 213 1.84 16.68 18.25
C GLY E 213 1.32 17.87 19.02
N PHE E 214 2.23 18.48 19.76
CA PHE E 214 1.86 19.61 20.60
C PHE E 214 2.90 20.72 20.47
N ALA E 215 2.46 21.95 20.71
CA ALA E 215 3.34 23.10 20.82
C ALA E 215 3.48 23.46 22.29
N LEU E 216 4.69 23.82 22.69
CA LEU E 216 4.97 24.25 24.05
C LEU E 216 5.74 25.55 23.97
N ALA E 217 5.29 26.55 24.73
CA ALA E 217 5.89 27.87 24.68
C ALA E 217 6.03 28.41 26.09
N LEU E 218 7.02 29.27 26.27
CA LEU E 218 7.16 30.07 27.48
C LEU E 218 6.78 31.50 27.15
N VAL E 219 6.05 32.13 28.06
CA VAL E 219 5.71 33.55 27.92
C VAL E 219 6.95 34.33 28.35
N ARG E 220 7.71 34.83 27.37
CA ARG E 220 8.88 35.64 27.67
C ARG E 220 8.48 37.05 28.11
N GLU E 221 7.36 37.54 27.60
CA GLU E 221 6.90 38.89 27.90
C GLU E 221 5.38 38.89 27.79
N ASN E 222 4.71 39.34 28.86
CA ASN E 222 3.26 39.43 28.86
C ASN E 222 2.76 40.87 28.69
N LEU E 223 3.64 41.79 28.30
CA LEU E 223 3.25 43.19 28.13
C LEU E 223 3.59 43.70 26.73
N GLN F 6 3.49 12.83 -0.09
CA GLN F 6 2.85 12.71 1.22
C GLN F 6 3.80 13.23 2.30
N PRO F 7 3.31 14.11 3.17
CA PRO F 7 4.16 14.62 4.26
C PRO F 7 4.63 13.50 5.16
N ASN F 8 5.86 13.61 5.62
CA ASN F 8 6.47 12.66 6.54
C ASN F 8 7.04 13.42 7.73
N PRO F 9 7.41 12.72 8.81
CA PRO F 9 7.86 13.43 10.02
C PRO F 9 9.13 14.25 9.79
N PRO F 10 10.13 13.76 9.04
CA PRO F 10 11.29 14.65 8.78
C PRO F 10 10.93 15.94 8.09
N ASP F 11 10.03 15.89 7.11
CA ASP F 11 9.59 17.11 6.42
C ASP F 11 8.88 18.05 7.37
N VAL F 12 8.05 17.51 8.28
CA VAL F 12 7.38 18.37 9.25
C VAL F 12 8.41 19.04 10.16
N ASP F 13 9.42 18.27 10.62
CA ASP F 13 10.46 18.85 11.47
C ASP F 13 11.22 19.96 10.74
N ALA F 14 11.44 19.82 9.43
CA ALA F 14 12.10 20.90 8.70
C ALA F 14 11.27 22.18 8.75
N PHE F 15 9.95 22.04 8.61
CA PHE F 15 9.05 23.17 8.74
C PHE F 15 9.06 23.73 10.16
N LEU F 16 9.01 22.86 11.18
CA LEU F 16 9.01 23.34 12.56
C LEU F 16 10.31 24.06 12.88
N ASP F 17 11.44 23.54 12.40
CA ASP F 17 12.72 24.20 12.64
C ASP F 17 12.73 25.61 12.06
N SER F 18 12.29 25.75 10.80
CA SER F 18 12.29 27.08 10.19
C SER F 18 11.32 28.01 10.89
N THR F 19 10.20 27.47 11.38
CA THR F 19 9.10 28.29 11.90
C THR F 19 9.30 28.69 13.36
N LEU F 20 9.85 27.81 14.20
CA LEU F 20 9.93 28.07 15.64
C LEU F 20 11.34 28.30 16.15
N VAL F 21 12.36 27.84 15.43
CA VAL F 21 13.76 28.02 15.82
C VAL F 21 14.45 29.02 14.92
N GLY F 22 14.34 28.85 13.61
CA GLY F 22 14.95 29.79 12.71
C GLY F 22 16.46 29.62 12.66
N ASP F 23 17.09 30.64 12.07
CA ASP F 23 18.54 30.65 11.96
C ASP F 23 19.18 30.64 13.34
N ASP F 24 20.19 29.78 13.51
CA ASP F 24 20.86 29.62 14.79
C ASP F 24 22.33 29.35 14.50
N PRO F 25 23.13 30.41 14.31
CA PRO F 25 24.53 30.20 13.90
C PRO F 25 25.37 29.45 14.91
N ALA F 26 25.09 29.59 16.22
CA ALA F 26 25.89 28.89 17.22
C ALA F 26 25.75 27.37 17.10
N LEU F 27 24.54 26.88 16.86
CA LEU F 27 24.42 25.44 16.71
C LEU F 27 24.87 24.98 15.33
N ALA F 28 24.70 25.82 14.30
CA ALA F 28 25.25 25.47 12.99
C ALA F 28 26.76 25.30 13.08
N ALA F 29 27.44 26.20 13.80
CA ALA F 29 28.87 26.05 14.01
C ALA F 29 29.18 24.81 14.84
N ALA F 30 28.35 24.53 15.84
CA ALA F 30 28.55 23.34 16.66
C ALA F 30 28.42 22.06 15.82
N LEU F 31 27.52 22.06 14.84
CA LEU F 31 27.40 20.91 13.96
C LEU F 31 28.63 20.77 13.06
N ALA F 32 29.09 21.90 12.50
CA ALA F 32 30.29 21.87 11.68
C ALA F 32 31.51 21.41 12.48
N ALA F 33 31.64 21.88 13.72
CA ALA F 33 32.78 21.45 14.53
C ALA F 33 32.68 19.97 14.90
N SER F 34 31.46 19.48 15.19
CA SER F 34 31.28 18.05 15.45
C SER F 34 31.59 17.22 14.22
N ASP F 35 31.11 17.65 13.05
CA ASP F 35 31.41 16.92 11.83
C ASP F 35 32.91 16.89 11.54
N ALA F 36 33.59 18.02 11.75
CA ALA F 36 35.03 18.08 11.51
C ALA F 36 35.79 17.10 12.40
N ALA F 37 35.30 16.91 13.63
CA ALA F 37 35.90 15.96 14.55
C ALA F 37 35.33 14.55 14.39
N GLU F 38 34.48 14.33 13.38
CA GLU F 38 33.94 13.01 13.07
C GLU F 38 33.09 12.46 14.22
N LEU F 39 32.40 13.34 14.92
CA LEU F 39 31.43 12.86 15.91
C LEU F 39 30.23 12.26 15.21
N PRO F 40 29.64 11.18 15.73
CA PRO F 40 28.42 10.64 15.14
C PRO F 40 27.27 11.64 15.19
N ARG F 41 26.44 11.63 14.14
CA ARG F 41 25.34 12.58 13.98
C ARG F 41 24.12 12.08 14.75
N ILE F 42 24.22 12.11 16.08
CA ILE F 42 23.17 11.56 16.91
C ILE F 42 22.71 12.57 17.96
N ALA F 43 23.03 13.84 17.77
CA ALA F 43 22.59 14.87 18.71
C ALA F 43 21.07 15.04 18.66
N VAL F 44 20.52 15.68 19.70
CA VAL F 44 19.09 15.99 19.70
C VAL F 44 18.76 16.85 18.47
N SER F 45 17.54 16.71 17.97
CA SER F 45 17.05 17.62 16.96
C SER F 45 16.82 19.00 17.56
N ALA F 46 16.60 19.99 16.67
CA ALA F 46 16.37 21.35 17.13
C ALA F 46 15.10 21.46 17.97
N GLN F 47 14.02 20.79 17.55
CA GLN F 47 12.80 20.83 18.35
C GLN F 47 13.01 20.16 19.69
N GLN F 48 13.77 19.04 19.70
CA GLN F 48 14.06 18.36 20.95
C GLN F 48 14.93 19.21 21.86
N GLY F 49 15.98 19.81 21.30
CA GLY F 49 16.83 20.66 22.11
C GLY F 49 16.08 21.85 22.67
N LYS F 50 15.23 22.48 21.84
CA LYS F 50 14.45 23.60 22.33
C LYS F 50 13.50 23.17 23.44
N PHE F 51 12.96 21.95 23.34
CA PHE F 51 12.13 21.44 24.42
C PHE F 51 12.90 21.42 25.74
N LEU F 52 14.14 20.88 25.72
CA LEU F 52 14.95 20.88 26.94
C LEU F 52 15.17 22.30 27.43
N CYS F 53 15.46 23.21 26.50
CA CYS F 53 15.68 24.61 26.86
C CYS F 53 14.45 25.20 27.56
N LEU F 54 13.27 25.02 26.96
CA LEU F 54 12.04 25.58 27.53
C LEU F 54 11.66 24.87 28.82
N LEU F 55 11.98 23.58 28.94
CA LEU F 55 11.73 22.86 30.18
C LEU F 55 12.57 23.42 31.33
N ALA F 56 13.87 23.62 31.08
CA ALA F 56 14.72 24.24 32.08
C ALA F 56 14.22 25.63 32.43
N GLY F 57 13.75 26.37 31.42
CA GLY F 57 13.22 27.70 31.68
C GLY F 57 11.92 27.67 32.48
N ALA F 58 11.04 26.71 32.19
CA ALA F 58 9.75 26.65 32.86
C ALA F 58 9.91 26.47 34.37
N ILE F 59 10.86 25.64 34.78
CA ILE F 59 11.05 25.33 36.20
C ILE F 59 12.11 26.22 36.84
N GLN F 60 12.59 27.22 36.09
CA GLN F 60 13.62 28.14 36.59
C GLN F 60 14.84 27.38 37.12
N ALA F 61 15.25 26.36 36.37
CA ALA F 61 16.37 25.53 36.79
C ALA F 61 17.65 26.34 36.90
N ARG F 62 18.35 26.16 38.02
CA ARG F 62 19.65 26.78 38.23
C ARG F 62 20.79 25.78 38.33
N ARG F 63 20.49 24.52 38.63
CA ARG F 63 21.49 23.47 38.70
C ARG F 63 21.01 22.33 37.80
N VAL F 64 21.70 22.11 36.68
CA VAL F 64 21.33 21.07 35.72
C VAL F 64 22.47 20.08 35.59
N LEU F 65 22.14 18.80 35.60
CA LEU F 65 23.09 17.72 35.37
C LEU F 65 22.72 17.01 34.07
N GLU F 66 23.70 16.86 33.18
CA GLU F 66 23.53 16.10 31.94
C GLU F 66 24.53 14.96 31.90
N ILE F 67 24.06 13.78 31.49
CA ILE F 67 24.90 12.60 31.36
C ILE F 67 24.92 12.22 29.88
N GLY F 68 26.07 12.43 29.23
CA GLY F 68 26.20 12.19 27.81
C GLY F 68 26.23 13.48 27.01
N THR F 69 27.43 14.03 26.83
CA THR F 69 27.59 15.36 26.26
C THR F 69 27.68 15.36 24.73
N LEU F 70 28.39 14.39 24.16
CA LEU F 70 28.77 14.39 22.74
C LEU F 70 29.41 15.72 22.38
N GLY F 71 28.82 16.46 21.45
CA GLY F 71 29.35 17.76 21.06
C GLY F 71 28.74 18.96 21.74
N GLY F 72 27.88 18.77 22.73
CA GLY F 72 27.29 19.87 23.47
C GLY F 72 26.03 20.47 22.89
N PHE F 73 25.43 19.82 21.88
N PHE F 73 25.42 19.82 21.90
CA PHE F 73 24.18 20.33 21.34
CA PHE F 73 24.17 20.34 21.32
C PHE F 73 23.12 20.46 22.42
C PHE F 73 23.09 20.45 22.39
N SER F 74 22.76 19.33 23.05
CA SER F 74 21.78 19.36 24.12
C SER F 74 22.25 20.24 25.26
N THR F 75 23.57 20.24 25.53
CA THR F 75 24.13 21.06 26.60
C THR F 75 23.88 22.55 26.34
N ILE F 76 24.09 22.99 25.09
CA ILE F 76 23.88 24.41 24.76
C ILE F 76 22.42 24.80 25.02
N TRP F 77 21.49 23.95 24.59
CA TRP F 77 20.07 24.21 24.82
C TRP F 77 19.75 24.26 26.31
N LEU F 78 20.30 23.32 27.09
CA LEU F 78 20.05 23.29 28.52
C LEU F 78 20.60 24.55 29.19
N ALA F 79 21.79 24.99 28.76
CA ALA F 79 22.41 26.19 29.34
C ALA F 79 21.61 27.43 28.96
N ARG F 80 21.08 27.47 27.74
CA ARG F 80 20.21 28.57 27.34
C ARG F 80 18.97 28.63 28.22
N GLY F 81 18.38 27.48 28.51
CA GLY F 81 17.17 27.45 29.31
C GLY F 81 17.43 27.76 30.78
N ALA F 82 18.55 27.31 31.31
CA ALA F 82 18.88 27.60 32.70
C ALA F 82 19.22 29.07 32.89
N GLY F 83 19.62 29.76 31.83
CA GLY F 83 19.83 31.17 31.88
C GLY F 83 21.16 31.55 32.49
N PRO F 84 21.43 32.85 32.52
CA PRO F 84 22.74 33.34 33.00
C PRO F 84 23.00 33.05 34.45
N GLN F 85 21.95 32.85 35.25
CA GLN F 85 22.13 32.46 36.62
C GLN F 85 22.31 30.94 36.81
N GLY F 86 22.04 30.13 35.82
CA GLY F 86 22.14 28.71 36.05
C GLY F 86 23.48 28.12 35.69
N ARG F 87 23.73 26.91 36.18
CA ARG F 87 24.88 26.18 35.70
C ARG F 87 24.42 24.77 35.33
N VAL F 88 25.12 24.23 34.34
CA VAL F 88 25.00 22.86 33.86
C VAL F 88 26.33 22.16 34.10
N VAL F 89 26.26 20.96 34.67
CA VAL F 89 27.38 20.04 34.74
C VAL F 89 27.04 18.90 33.81
N THR F 90 27.91 18.63 32.84
CA THR F 90 27.68 17.56 31.86
C THR F 90 28.85 16.58 31.84
N LEU F 91 28.52 15.29 31.78
CA LEU F 91 29.48 14.19 31.91
C LEU F 91 29.70 13.50 30.57
N GLU F 92 30.96 13.25 30.22
CA GLU F 92 31.35 12.70 28.93
C GLU F 92 32.56 11.77 29.07
N TYR F 93 32.52 10.57 28.46
CA TYR F 93 33.65 9.64 28.54
C TYR F 93 34.74 9.97 27.54
N GLN F 94 34.41 10.46 26.37
CA GLN F 94 35.41 10.63 25.32
C GLN F 94 36.09 11.99 25.44
N PRO F 95 37.39 12.04 25.71
CA PRO F 95 38.10 13.33 25.74
C PRO F 95 37.94 14.11 24.45
N LYS F 96 37.90 13.42 23.31
CA LYS F 96 37.72 14.11 22.05
C LYS F 96 36.34 14.77 22.00
N HIS F 97 35.31 14.08 22.50
CA HIS F 97 33.99 14.68 22.57
C HIS F 97 33.98 15.90 23.48
N ALA F 98 34.60 15.78 24.66
CA ALA F 98 34.63 16.90 25.61
C ALA F 98 35.32 18.12 25.03
N GLU F 99 36.42 17.92 24.29
CA GLU F 99 37.14 19.05 23.72
C GLU F 99 36.26 19.76 22.69
N VAL F 100 35.55 18.99 21.86
CA VAL F 100 34.60 19.58 20.90
C VAL F 100 33.49 20.32 21.63
N ALA F 101 32.93 19.69 22.66
CA ALA F 101 31.84 20.31 23.40
C ALA F 101 32.26 21.63 24.03
N ARG F 102 33.46 21.67 24.61
CA ARG F 102 33.94 22.90 25.25
C ARG F 102 34.04 24.03 24.24
N VAL F 103 34.63 23.74 23.07
CA VAL F 103 34.72 24.74 22.01
C VAL F 103 33.33 25.21 21.60
N ASN F 104 32.40 24.25 21.43
CA ASN F 104 31.06 24.59 21.00
C ASN F 104 30.34 25.42 22.05
N LEU F 105 30.53 25.08 23.33
CA LEU F 105 29.87 25.84 24.40
C LEU F 105 30.42 27.27 24.46
N GLN F 106 31.73 27.44 24.28
CA GLN F 106 32.30 28.78 24.27
C GLN F 106 31.76 29.58 23.09
N ARG F 107 31.68 28.97 21.91
CA ARG F 107 31.16 29.68 20.74
C ARG F 107 29.72 30.08 20.93
N ALA F 108 28.95 29.32 21.70
CA ALA F 108 27.53 29.61 21.92
C ALA F 108 27.30 30.59 23.05
N GLY F 109 28.36 31.08 23.71
CA GLY F 109 28.21 32.09 24.74
C GLY F 109 27.73 31.58 26.09
N VAL F 110 27.86 30.28 26.36
CA VAL F 110 27.36 29.71 27.60
C VAL F 110 28.48 29.12 28.46
N ALA F 111 29.73 29.45 28.15
CA ALA F 111 30.85 28.88 28.91
C ALA F 111 30.78 29.25 30.39
N ASP F 112 30.34 30.47 30.72
CA ASP F 112 30.25 30.83 32.14
C ASP F 112 29.27 29.96 32.90
N ARG F 113 28.40 29.23 32.19
CA ARG F 113 27.35 28.48 32.82
C ARG F 113 27.58 26.97 32.86
N VAL F 114 28.58 26.44 32.16
CA VAL F 114 28.68 25.00 31.95
C VAL F 114 30.09 24.51 32.28
N GLU F 115 30.17 23.33 32.89
CA GLU F 115 31.44 22.63 33.06
C GLU F 115 31.29 21.20 32.57
N VAL F 116 32.23 20.77 31.75
CA VAL F 116 32.27 19.42 31.20
C VAL F 116 33.22 18.59 32.08
N VAL F 117 32.70 17.50 32.64
CA VAL F 117 33.47 16.62 33.51
C VAL F 117 33.74 15.34 32.76
N VAL F 118 35.01 15.01 32.56
CA VAL F 118 35.43 13.91 31.69
C VAL F 118 35.62 12.64 32.51
N GLY F 119 35.08 11.52 32.01
CA GLY F 119 35.23 10.23 32.67
C GLY F 119 33.95 9.42 32.58
N PRO F 120 34.01 8.14 32.96
CA PRO F 120 32.77 7.36 33.04
C PRO F 120 31.87 7.97 34.09
N ALA F 121 30.60 8.16 33.73
CA ALA F 121 29.69 8.87 34.63
C ALA F 121 29.56 8.17 35.98
N LEU F 122 29.58 6.83 35.99
CA LEU F 122 29.51 6.11 37.26
C LEU F 122 30.71 6.38 38.15
N ASP F 123 31.85 6.80 37.57
CA ASP F 123 33.01 7.18 38.36
C ASP F 123 32.99 8.65 38.75
N THR F 124 32.39 9.51 37.93
CA THR F 124 32.40 10.94 38.21
C THR F 124 31.21 11.40 39.04
N LEU F 125 30.07 10.72 38.92
CA LEU F 125 28.89 11.06 39.73
C LEU F 125 29.17 11.11 41.23
N PRO F 126 29.89 10.17 41.86
CA PRO F 126 30.14 10.28 43.31
C PRO F 126 31.00 11.46 43.73
N THR F 127 31.69 12.13 42.81
CA THR F 127 32.52 13.26 43.19
C THR F 127 31.82 14.60 42.99
N LEU F 128 30.64 14.61 42.40
CA LEU F 128 29.94 15.85 42.09
C LEU F 128 29.38 16.53 43.34
N ALA F 129 29.66 17.81 43.49
CA ALA F 129 29.14 18.59 44.62
C ALA F 129 28.36 19.77 44.07
N GLY F 130 28.40 20.91 44.76
CA GLY F 130 27.71 22.10 44.31
C GLY F 130 26.25 22.22 44.75
N GLY F 131 25.66 21.17 45.29
CA GLY F 131 24.29 21.21 45.73
C GLY F 131 23.34 20.50 44.79
N PRO F 132 22.06 20.46 45.16
CA PRO F 132 21.11 19.59 44.49
C PRO F 132 20.68 20.11 43.12
N PHE F 133 20.41 19.17 42.24
CA PHE F 133 20.05 19.50 40.87
C PHE F 133 18.54 19.69 40.73
N ASP F 134 18.16 20.60 39.83
CA ASP F 134 16.77 20.85 39.49
C ASP F 134 16.31 20.03 38.31
N LEU F 135 17.23 19.65 37.44
CA LEU F 135 16.92 18.99 36.18
C LEU F 135 18.06 18.06 35.84
N VAL F 136 17.74 16.82 35.49
CA VAL F 136 18.73 15.84 35.09
C VAL F 136 18.32 15.29 33.73
N PHE F 137 19.22 15.37 32.76
CA PHE F 137 19.02 14.83 31.42
C PHE F 137 19.96 13.65 31.24
N ILE F 138 19.39 12.45 31.02
CA ILE F 138 20.15 11.22 30.97
C ILE F 138 20.15 10.73 29.53
N ASP F 139 21.32 10.75 28.90
CA ASP F 139 21.41 10.49 27.46
C ASP F 139 22.80 9.94 27.12
N ALA F 140 23.24 8.91 27.84
CA ALA F 140 24.57 8.38 27.66
C ALA F 140 24.52 6.91 27.23
N ASP F 141 25.25 6.04 27.92
CA ASP F 141 25.20 4.61 27.66
C ASP F 141 23.93 4.05 28.28
N LYS F 142 23.06 3.48 27.44
CA LYS F 142 21.71 3.17 27.91
C LYS F 142 21.72 2.04 28.92
N GLU F 143 22.71 1.13 28.85
CA GLU F 143 22.80 0.05 29.82
C GLU F 143 23.01 0.58 31.24
N ASN F 144 23.42 1.83 31.40
CA ASN F 144 23.56 2.41 32.72
C ASN F 144 22.44 3.39 33.05
N ASN F 145 21.37 3.43 32.25
CA ASN F 145 20.23 4.30 32.51
C ASN F 145 19.79 4.21 33.97
N VAL F 146 19.58 2.99 34.45
CA VAL F 146 19.00 2.77 35.77
C VAL F 146 19.94 3.27 36.85
N ALA F 147 21.23 2.95 36.73
CA ALA F 147 22.21 3.48 37.68
C ALA F 147 22.22 5.00 37.67
N TYR F 148 22.12 5.61 36.49
CA TYR F 148 22.13 7.07 36.40
C TYR F 148 20.87 7.66 37.01
N ILE F 149 19.73 6.98 36.87
CA ILE F 149 18.50 7.48 37.47
C ILE F 149 18.61 7.43 39.00
N GLN F 150 19.18 6.36 39.54
CA GLN F 150 19.39 6.31 40.99
C GLN F 150 20.31 7.42 41.46
N TRP F 151 21.37 7.71 40.70
CA TRP F 151 22.23 8.84 41.04
C TRP F 151 21.47 10.15 40.94
N ALA F 152 20.62 10.29 39.92
CA ALA F 152 19.84 11.51 39.79
C ALA F 152 18.98 11.76 41.03
N ILE F 153 18.33 10.70 41.52
CA ILE F 153 17.57 10.82 42.76
C ILE F 153 18.48 11.23 43.90
N ARG F 154 19.69 10.64 43.96
CA ARG F 154 20.61 10.95 45.06
C ARG F 154 20.99 12.41 45.06
N LEU F 155 21.17 12.99 43.87
CA LEU F 155 21.72 14.33 43.74
C LEU F 155 20.69 15.41 43.44
N ALA F 156 19.41 15.08 43.35
CA ALA F 156 18.41 16.06 42.94
C ALA F 156 17.61 16.56 44.14
N ARG F 157 17.02 17.75 43.98
CA ARG F 157 16.07 18.24 44.96
C ARG F 157 14.71 17.59 44.74
N ARG F 158 13.89 17.60 45.79
CA ARG F 158 12.52 17.12 45.63
C ARG F 158 11.81 17.97 44.58
N GLY F 159 11.02 17.32 43.74
CA GLY F 159 10.36 17.99 42.65
C GLY F 159 11.20 18.21 41.41
N ALA F 160 12.46 17.79 41.42
CA ALA F 160 13.30 17.91 40.23
C ALA F 160 12.74 17.05 39.11
N VAL F 161 13.12 17.42 37.89
CA VAL F 161 12.69 16.71 36.67
C VAL F 161 13.84 15.87 36.15
N ILE F 162 13.53 14.61 35.82
CA ILE F 162 14.46 13.71 35.16
C ILE F 162 13.91 13.42 33.77
N VAL F 163 14.75 13.59 32.76
CA VAL F 163 14.41 13.25 31.38
C VAL F 163 15.41 12.21 30.87
N VAL F 164 14.88 11.11 30.30
CA VAL F 164 15.69 10.06 29.71
C VAL F 164 15.36 10.00 28.22
N ASP F 165 16.37 10.10 27.37
CA ASP F 165 16.18 10.11 25.92
C ASP F 165 16.13 8.69 25.36
N ASN F 166 15.46 8.55 24.22
CA ASN F 166 15.56 7.34 23.36
C ASN F 166 14.98 6.10 24.04
N VAL F 167 13.77 6.22 24.61
CA VAL F 167 13.24 5.11 25.40
C VAL F 167 12.28 4.21 24.63
N ILE F 168 12.06 4.44 23.32
CA ILE F 168 11.10 3.68 22.54
C ILE F 168 11.76 2.87 21.42
N ARG F 169 12.75 3.43 20.75
CA ARG F 169 13.57 2.70 19.78
C ARG F 169 12.72 1.99 18.72
N GLY F 170 11.83 2.75 18.07
CA GLY F 170 11.06 2.17 16.97
C GLY F 170 10.17 1.01 17.36
N GLY F 171 9.73 0.97 18.62
CA GLY F 171 8.93 -0.13 19.11
C GLY F 171 9.72 -1.33 19.56
N GLY F 172 11.06 -1.27 19.50
CA GLY F 172 11.87 -2.41 19.91
C GLY F 172 11.72 -2.78 21.37
N ILE F 173 11.21 -1.88 22.21
CA ILE F 173 11.00 -2.25 23.60
C ILE F 173 9.89 -3.29 23.75
N LEU F 174 9.03 -3.46 22.74
CA LEU F 174 7.99 -4.49 22.71
C LEU F 174 8.28 -5.64 21.75
N ALA F 175 9.30 -5.54 20.91
CA ALA F 175 9.40 -6.42 19.75
C ALA F 175 10.42 -7.54 19.88
N GLU F 176 11.07 -7.70 21.02
CA GLU F 176 12.05 -8.78 21.16
C GLU F 176 13.10 -8.65 20.07
N SER F 177 13.67 -7.45 20.00
CA SER F 177 14.63 -7.05 18.98
C SER F 177 16.04 -7.15 19.56
N ASP F 178 16.96 -7.66 18.74
CA ASP F 178 18.34 -7.80 19.21
C ASP F 178 18.98 -6.43 19.30
N ASP F 179 18.54 -5.65 20.30
CA ASP F 179 18.89 -4.24 20.45
C ASP F 179 19.18 -4.01 21.93
N ALA F 180 20.46 -3.95 22.28
CA ALA F 180 20.84 -3.85 23.69
C ALA F 180 20.21 -2.62 24.34
N ASP F 181 20.13 -1.52 23.60
CA ASP F 181 19.56 -0.30 24.15
C ASP F 181 18.04 -0.33 24.21
N ALA F 182 17.38 -1.18 23.40
CA ALA F 182 15.95 -1.39 23.56
C ALA F 182 15.67 -2.20 24.83
N VAL F 183 16.50 -3.22 25.08
CA VAL F 183 16.39 -3.94 26.35
C VAL F 183 16.58 -2.98 27.51
N ALA F 184 17.60 -2.13 27.42
CA ALA F 184 17.84 -1.15 28.47
C ALA F 184 16.66 -0.22 28.63
N ALA F 185 16.07 0.24 27.51
CA ALA F 185 14.94 1.16 27.57
C ALA F 185 13.73 0.50 28.23
N ARG F 186 13.42 -0.74 27.85
CA ARG F 186 12.31 -1.43 28.48
C ARG F 186 12.53 -1.55 30.00
N ARG F 187 13.73 -1.96 30.41
CA ARG F 187 14.02 -2.07 31.83
C ARG F 187 14.02 -0.70 32.51
N THR F 188 14.46 0.35 31.81
CA THR F 188 14.42 1.70 32.37
C THR F 188 13.00 2.12 32.67
N LEU F 189 12.09 1.91 31.71
CA LEU F 189 10.70 2.29 31.90
C LEU F 189 10.08 1.49 33.04
N GLN F 190 10.39 0.20 33.11
CA GLN F 190 9.88 -0.58 34.23
C GLN F 190 10.47 -0.11 35.55
N MET F 191 11.76 0.27 35.55
CA MET F 191 12.33 0.73 36.81
C MET F 191 11.66 2.04 37.24
N MET F 192 11.40 2.94 36.30
CA MET F 192 10.79 4.21 36.67
C MET F 192 9.37 4.00 37.17
N GLY F 193 8.62 3.10 36.53
CA GLY F 193 7.24 2.86 36.93
C GLY F 193 7.11 2.27 38.32
N GLU F 194 8.03 1.39 38.69
CA GLU F 194 7.96 0.70 39.98
C GLU F 194 8.55 1.53 41.11
N HIS F 195 9.34 2.55 40.80
CA HIS F 195 10.05 3.29 41.85
C HIS F 195 9.09 4.19 42.62
N PRO F 196 8.98 4.04 43.94
CA PRO F 196 8.07 4.91 44.70
C PRO F 196 8.52 6.35 44.78
N GLY F 197 9.80 6.64 44.50
CA GLY F 197 10.29 8.00 44.53
C GLY F 197 10.20 8.75 43.23
N LEU F 198 9.69 8.11 42.17
CA LEU F 198 9.54 8.73 40.86
C LEU F 198 8.10 8.63 40.40
N ASP F 199 7.61 9.68 39.75
CA ASP F 199 6.34 9.66 39.05
C ASP F 199 6.62 10.04 37.60
N ALA F 200 6.27 9.13 36.68
CA ALA F 200 6.82 9.19 35.33
C ALA F 200 5.75 9.04 34.26
N THR F 201 6.06 9.56 33.08
CA THR F 201 5.31 9.36 31.85
C THR F 201 6.32 9.14 30.72
N ALA F 202 5.85 8.63 29.59
CA ALA F 202 6.71 8.48 28.43
C ALA F 202 5.95 8.88 27.18
N ILE F 203 6.56 9.73 26.37
CA ILE F 203 5.92 10.26 25.16
C ILE F 203 6.66 9.72 23.96
N GLN F 204 5.93 9.01 23.10
CA GLN F 204 6.49 8.55 21.84
C GLN F 204 6.54 9.70 20.85
N THR F 205 7.65 9.82 20.13
CA THR F 205 7.88 10.92 19.22
C THR F 205 8.25 10.39 17.84
N VAL F 206 8.05 11.23 16.84
CA VAL F 206 8.59 11.04 15.50
C VAL F 206 9.21 12.36 15.06
N GLY F 207 9.88 12.31 13.92
CA GLY F 207 10.55 13.49 13.40
C GLY F 207 11.76 13.06 12.58
N ARG F 208 12.74 13.97 12.51
CA ARG F 208 13.93 13.71 11.70
C ARG F 208 14.69 12.48 12.20
N LYS F 209 14.61 12.18 13.49
CA LYS F 209 15.35 11.05 14.05
C LYS F 209 14.54 9.75 14.08
N GLY F 210 13.36 9.73 13.52
CA GLY F 210 12.60 8.51 13.51
C GLY F 210 11.68 8.34 14.70
N TRP F 211 11.10 7.14 14.78
CA TRP F 211 10.15 6.82 15.84
C TRP F 211 10.93 6.47 17.10
N ASP F 212 10.85 7.33 18.11
CA ASP F 212 11.53 7.07 19.38
C ASP F 212 10.68 7.69 20.49
N GLY F 213 11.30 8.25 21.51
CA GLY F 213 10.53 8.84 22.58
C GLY F 213 11.39 9.09 23.80
N PHE F 214 10.76 9.70 24.81
CA PHE F 214 11.48 10.07 26.01
C PHE F 214 10.63 9.78 27.23
N ALA F 215 11.31 9.55 28.35
CA ALA F 215 10.67 9.43 29.64
C ALA F 215 10.92 10.72 30.40
N LEU F 216 9.89 11.17 31.12
CA LEU F 216 9.97 12.34 31.99
C LEU F 216 9.41 11.98 33.36
N ALA F 217 10.16 12.27 34.42
CA ALA F 217 9.77 11.92 35.78
C ALA F 217 9.98 13.12 36.69
N LEU F 218 9.15 13.19 37.73
CA LEU F 218 9.34 14.08 38.86
C LEU F 218 9.89 13.28 40.03
N VAL F 219 10.86 13.85 40.73
CA VAL F 219 11.40 13.22 41.93
C VAL F 219 10.47 13.51 43.09
N ARG F 220 9.80 12.47 43.60
CA ARG F 220 8.97 12.65 44.78
C ARG F 220 9.80 12.73 46.06
N GLU F 221 10.92 12.01 46.09
CA GLU F 221 11.75 11.91 47.30
C GLU F 221 13.19 12.36 47.05
N GLN G 6 -9.02 2.88 7.68
CA GLN G 6 -9.76 2.00 6.80
C GLN G 6 -11.23 2.34 6.42
N PRO G 7 -11.77 3.52 6.78
CA PRO G 7 -13.12 3.84 6.28
C PRO G 7 -13.11 3.92 4.77
N ASN G 8 -14.19 3.46 4.16
CA ASN G 8 -14.36 3.47 2.72
C ASN G 8 -15.68 4.12 2.37
N PRO G 9 -15.92 4.46 1.11
CA PRO G 9 -17.14 5.19 0.75
C PRO G 9 -18.42 4.38 1.00
N PRO G 10 -18.45 3.07 0.73
CA PRO G 10 -19.68 2.33 1.11
C PRO G 10 -20.00 2.40 2.60
N ASP G 11 -18.99 2.28 3.47
CA ASP G 11 -19.21 2.38 4.90
C ASP G 11 -19.75 3.76 5.28
N VAL G 12 -19.23 4.81 4.65
CA VAL G 12 -19.74 6.16 4.93
C VAL G 12 -21.21 6.27 4.51
N ASP G 13 -21.54 5.75 3.31
CA ASP G 13 -22.92 5.79 2.85
C ASP G 13 -23.86 5.04 3.79
N ALA G 14 -23.41 3.92 4.37
CA ALA G 14 -24.26 3.24 5.34
C ALA G 14 -24.55 4.13 6.54
N PHE G 15 -23.52 4.85 7.01
CA PHE G 15 -23.72 5.83 8.08
C PHE G 15 -24.66 6.94 7.65
N LEU G 16 -24.46 7.48 6.44
CA LEU G 16 -25.33 8.56 5.98
C LEU G 16 -26.77 8.09 5.83
N ASP G 17 -26.98 6.87 5.33
CA ASP G 17 -28.33 6.32 5.21
C ASP G 17 -29.01 6.25 6.58
N SER G 18 -28.32 5.70 7.59
CA SER G 18 -28.90 5.61 8.93
C SER G 18 -29.18 6.97 9.51
N THR G 19 -28.29 7.93 9.24
CA THR G 19 -28.33 9.20 9.96
C THR G 19 -29.31 10.18 9.32
N LEU G 20 -29.39 10.20 7.98
CA LEU G 20 -30.14 11.22 7.26
C LEU G 20 -31.40 10.72 6.58
N VAL G 21 -31.52 9.41 6.30
CA VAL G 21 -32.68 8.85 5.64
C VAL G 21 -33.51 8.03 6.61
N GLY G 22 -32.86 7.12 7.34
CA GLY G 22 -33.56 6.29 8.30
C GLY G 22 -34.35 5.20 7.61
N ASP G 23 -35.19 4.55 8.41
N ASP G 23 -35.21 4.56 8.40
CA ASP G 23 -36.00 3.43 7.91
CA ASP G 23 -36.02 3.44 7.92
C ASP G 23 -36.92 3.89 6.79
C ASP G 23 -36.94 3.87 6.81
N ASP G 24 -37.00 3.07 5.74
CA ASP G 24 -37.80 3.38 4.56
C ASP G 24 -38.47 2.09 4.10
N PRO G 25 -39.59 1.72 4.74
CA PRO G 25 -40.23 0.44 4.39
C PRO G 25 -40.74 0.38 2.97
N ALA G 26 -41.17 1.51 2.42
CA ALA G 26 -41.65 1.52 1.04
C ALA G 26 -40.54 1.13 0.07
N LEU G 27 -39.34 1.63 0.30
CA LEU G 27 -38.22 1.28 -0.58
C LEU G 27 -37.68 -0.11 -0.29
N ALA G 28 -37.77 -0.58 0.98
CA ALA G 28 -37.44 -1.97 1.25
C ALA G 28 -38.38 -2.89 0.48
N ALA G 29 -39.67 -2.57 0.46
CA ALA G 29 -40.62 -3.36 -0.31
C ALA G 29 -40.35 -3.25 -1.80
N ALA G 30 -39.95 -2.06 -2.27
CA ALA G 30 -39.62 -1.88 -3.68
C ALA G 30 -38.43 -2.73 -4.10
N LEU G 31 -37.42 -2.82 -3.23
CA LEU G 31 -36.28 -3.69 -3.50
C LEU G 31 -36.71 -5.14 -3.60
N ALA G 32 -37.57 -5.60 -2.68
CA ALA G 32 -38.06 -6.98 -2.74
C ALA G 32 -38.79 -7.28 -4.04
N ALA G 33 -39.65 -6.35 -4.49
CA ALA G 33 -40.37 -6.58 -5.74
C ALA G 33 -39.42 -6.55 -6.93
N SER G 34 -38.40 -5.68 -6.85
CA SER G 34 -37.37 -5.63 -7.88
C SER G 34 -36.55 -6.92 -7.89
N ASP G 35 -36.14 -7.39 -6.71
CA ASP G 35 -35.38 -8.65 -6.65
C ASP G 35 -36.21 -9.80 -7.19
N ALA G 36 -37.49 -9.86 -6.80
CA ALA G 36 -38.35 -10.95 -7.26
C ALA G 36 -38.49 -10.98 -8.78
N ALA G 37 -38.47 -9.82 -9.42
CA ALA G 37 -38.54 -9.75 -10.87
C ALA G 37 -37.15 -9.82 -11.51
N GLU G 38 -36.11 -10.05 -10.72
CA GLU G 38 -34.73 -10.18 -11.20
C GLU G 38 -34.23 -8.89 -11.87
N LEU G 39 -34.67 -7.73 -11.39
CA LEU G 39 -34.13 -6.48 -11.89
C LEU G 39 -32.68 -6.32 -11.43
N PRO G 40 -31.81 -5.77 -12.27
CA PRO G 40 -30.44 -5.48 -11.83
C PRO G 40 -30.44 -4.46 -10.70
N ARG G 41 -29.51 -4.64 -9.76
CA ARG G 41 -29.42 -3.76 -8.60
C ARG G 41 -28.59 -2.53 -8.98
N ILE G 42 -29.20 -1.66 -9.79
CA ILE G 42 -28.49 -0.49 -10.31
C ILE G 42 -29.26 0.80 -10.04
N ALA G 43 -30.24 0.74 -9.13
CA ALA G 43 -31.02 1.92 -8.78
C ALA G 43 -30.16 2.94 -8.04
N VAL G 44 -30.69 4.18 -7.95
CA VAL G 44 -30.01 5.19 -7.17
C VAL G 44 -29.87 4.71 -5.72
N SER G 45 -28.77 5.13 -5.10
CA SER G 45 -28.61 4.90 -3.66
C SER G 45 -29.58 5.78 -2.88
N ALA G 46 -29.70 5.52 -1.57
CA ALA G 46 -30.62 6.34 -0.76
C ALA G 46 -30.19 7.80 -0.73
N GLN G 47 -28.89 8.08 -0.60
CA GLN G 47 -28.45 9.48 -0.58
C GLN G 47 -28.71 10.16 -1.92
N GLN G 48 -28.49 9.42 -3.01
CA GLN G 48 -28.75 9.95 -4.34
C GLN G 48 -30.23 10.21 -4.57
N GLY G 49 -31.08 9.26 -4.17
CA GLY G 49 -32.51 9.47 -4.28
C GLY G 49 -33.00 10.63 -3.43
N LYS G 50 -32.51 10.72 -2.18
CA LYS G 50 -32.86 11.85 -1.33
C LYS G 50 -32.40 13.16 -1.96
N PHE G 51 -31.25 13.14 -2.63
CA PHE G 51 -30.81 14.34 -3.34
C PHE G 51 -31.83 14.76 -4.40
N LEU G 52 -32.28 13.80 -5.23
CA LEU G 52 -33.31 14.10 -6.22
C LEU G 52 -34.57 14.62 -5.56
N CYS G 53 -34.96 14.01 -4.44
CA CYS G 53 -36.14 14.44 -3.70
C CYS G 53 -35.99 15.90 -3.27
N LEU G 54 -34.88 16.21 -2.62
CA LEU G 54 -34.66 17.54 -2.08
C LEU G 54 -34.43 18.56 -3.19
N LEU G 55 -33.85 18.15 -4.32
CA LEU G 55 -33.69 19.05 -5.45
C LEU G 55 -35.04 19.48 -6.02
N ALA G 56 -35.95 18.51 -6.22
CA ALA G 56 -37.31 18.86 -6.63
C ALA G 56 -38.00 19.75 -5.61
N GLY G 57 -37.82 19.45 -4.31
CA GLY G 57 -38.41 20.32 -3.31
C GLY G 57 -37.81 21.71 -3.32
N ALA G 58 -36.50 21.80 -3.56
CA ALA G 58 -35.82 23.09 -3.56
C ALA G 58 -36.36 24.02 -4.64
N ILE G 59 -36.61 23.47 -5.83
CA ILE G 59 -37.09 24.30 -6.95
C ILE G 59 -38.60 24.29 -7.03
N GLN G 60 -39.27 23.66 -6.07
CA GLN G 60 -40.72 23.55 -6.06
C GLN G 60 -41.24 22.93 -7.34
N ALA G 61 -40.55 21.89 -7.81
CA ALA G 61 -40.93 21.21 -9.04
C ALA G 61 -42.31 20.62 -8.89
N ARG G 62 -43.17 20.90 -9.85
CA ARG G 62 -44.50 20.30 -9.89
C ARG G 62 -44.68 19.39 -11.07
N ARG G 63 -43.89 19.53 -12.13
CA ARG G 63 -43.94 18.59 -13.25
C ARG G 63 -42.54 18.09 -13.51
N VAL G 64 -42.35 16.78 -13.39
CA VAL G 64 -41.03 16.16 -13.47
C VAL G 64 -41.05 15.14 -14.58
N LEU G 65 -39.99 15.11 -15.39
CA LEU G 65 -39.80 14.12 -16.44
C LEU G 65 -38.61 13.26 -16.07
N GLU G 66 -38.81 11.94 -16.07
CA GLU G 66 -37.74 10.98 -15.83
C GLU G 66 -37.65 10.04 -17.01
N ILE G 67 -36.43 9.79 -17.47
CA ILE G 67 -36.18 8.87 -18.59
C ILE G 67 -35.35 7.73 -18.05
N GLY G 68 -35.96 6.54 -17.97
CA GLY G 68 -35.32 5.37 -17.38
C GLY G 68 -35.86 5.05 -16.00
N THR G 69 -36.92 4.25 -15.93
CA THR G 69 -37.63 4.03 -14.66
C THR G 69 -37.04 2.88 -13.84
N LEU G 70 -36.65 1.80 -14.51
CA LEU G 70 -36.34 0.52 -13.87
C LEU G 70 -37.47 0.14 -12.91
N GLY G 71 -37.17 -0.01 -11.62
CA GLY G 71 -38.20 -0.38 -10.67
C GLY G 71 -38.84 0.79 -9.97
N GLY G 72 -38.54 2.01 -10.39
CA GLY G 72 -39.18 3.17 -9.82
C GLY G 72 -38.55 3.75 -8.56
N PHE G 73 -37.32 3.35 -8.21
CA PHE G 73 -36.68 3.92 -7.02
C PHE G 73 -36.49 5.43 -7.17
N SER G 74 -35.77 5.85 -8.21
CA SER G 74 -35.59 7.29 -8.42
C SER G 74 -36.93 7.98 -8.59
N THR G 75 -37.89 7.30 -9.23
CA THR G 75 -39.22 7.86 -9.42
C THR G 75 -39.90 8.15 -8.10
N ILE G 76 -39.83 7.20 -7.16
CA ILE G 76 -40.47 7.41 -5.85
C ILE G 76 -39.87 8.63 -5.17
N TRP G 77 -38.54 8.76 -5.22
CA TRP G 77 -37.86 9.91 -4.62
C TRP G 77 -38.30 11.20 -5.29
N LEU G 78 -38.36 11.22 -6.62
CA LEU G 78 -38.82 12.42 -7.30
C LEU G 78 -40.26 12.76 -6.94
N ALA G 79 -41.13 11.73 -6.81
CA ALA G 79 -42.53 12.00 -6.48
C ALA G 79 -42.66 12.53 -5.05
N ARG G 80 -41.85 12.00 -4.12
CA ARG G 80 -41.84 12.52 -2.77
C ARG G 80 -41.43 13.99 -2.77
N GLY G 81 -40.43 14.35 -3.57
CA GLY G 81 -39.97 15.72 -3.61
C GLY G 81 -40.94 16.66 -4.28
N ALA G 82 -41.66 16.17 -5.31
CA ALA G 82 -42.67 16.97 -5.99
C ALA G 82 -43.88 17.23 -5.12
N GLY G 83 -44.09 16.40 -4.09
CA GLY G 83 -45.13 16.65 -3.12
C GLY G 83 -46.50 16.22 -3.58
N PRO G 84 -47.50 16.41 -2.73
CA PRO G 84 -48.86 15.97 -3.08
C PRO G 84 -49.42 16.64 -4.32
N GLN G 85 -48.96 17.84 -4.70
CA GLN G 85 -49.43 18.43 -5.94
C GLN G 85 -48.65 17.97 -7.14
N GLY G 86 -47.48 17.36 -6.94
CA GLY G 86 -46.58 17.16 -8.05
C GLY G 86 -46.96 15.98 -8.90
N ARG G 87 -46.49 16.03 -10.16
CA ARG G 87 -46.75 15.03 -11.20
C ARG G 87 -45.45 14.65 -11.90
N VAL G 88 -45.20 13.34 -11.92
CA VAL G 88 -44.01 12.76 -12.52
C VAL G 88 -44.44 11.91 -13.70
N VAL G 89 -43.80 12.16 -14.85
CA VAL G 89 -43.92 11.32 -16.03
C VAL G 89 -42.59 10.60 -16.18
N THR G 90 -42.63 9.27 -16.22
CA THR G 90 -41.39 8.50 -16.30
C THR G 90 -41.51 7.54 -17.48
N LEU G 91 -40.42 7.42 -18.24
CA LEU G 91 -40.39 6.67 -19.49
C LEU G 91 -39.59 5.39 -19.29
N GLU G 92 -40.13 4.27 -19.73
CA GLU G 92 -39.49 2.97 -19.52
C GLU G 92 -39.70 2.11 -20.75
N TYR G 93 -38.62 1.52 -21.25
CA TYR G 93 -38.73 0.72 -22.46
C TYR G 93 -39.27 -0.69 -22.19
N GLN G 94 -38.93 -1.27 -21.03
CA GLN G 94 -39.27 -2.67 -20.76
C GLN G 94 -40.62 -2.76 -20.06
N PRO G 95 -41.61 -3.43 -20.66
CA PRO G 95 -42.90 -3.61 -19.95
C PRO G 95 -42.74 -4.27 -18.60
N LYS G 96 -41.80 -5.21 -18.44
CA LYS G 96 -41.64 -5.89 -17.16
C LYS G 96 -41.14 -4.93 -16.11
N HIS G 97 -40.23 -4.02 -16.48
CA HIS G 97 -39.77 -3.00 -15.55
C HIS G 97 -40.92 -2.09 -15.15
N ALA G 98 -41.72 -1.67 -16.14
CA ALA G 98 -42.84 -0.79 -15.83
C ALA G 98 -43.81 -1.44 -14.85
N GLU G 99 -44.05 -2.75 -14.98
CA GLU G 99 -45.00 -3.43 -14.11
C GLU G 99 -44.51 -3.44 -12.67
N VAL G 100 -43.22 -3.74 -12.47
CA VAL G 100 -42.64 -3.66 -11.13
C VAL G 100 -42.71 -2.24 -10.59
N ALA G 101 -42.40 -1.26 -11.44
CA ALA G 101 -42.41 0.12 -10.98
C ALA G 101 -43.79 0.53 -10.50
N ARG G 102 -44.84 0.12 -11.22
CA ARG G 102 -46.19 0.50 -10.82
C ARG G 102 -46.57 -0.13 -9.48
N VAL G 103 -46.20 -1.39 -9.26
CA VAL G 103 -46.39 -2.01 -7.95
C VAL G 103 -45.68 -1.21 -6.87
N ASN G 104 -44.43 -0.81 -7.14
CA ASN G 104 -43.63 -0.10 -6.15
C ASN G 104 -44.16 1.30 -5.88
N LEU G 105 -44.63 1.99 -6.91
CA LEU G 105 -45.21 3.32 -6.71
C LEU G 105 -46.49 3.23 -5.88
N GLN G 106 -47.31 2.22 -6.14
CA GLN G 106 -48.53 2.03 -5.37
C GLN G 106 -48.20 1.80 -3.89
N ARG G 107 -47.27 0.89 -3.62
N ARG G 107 -47.27 0.89 -3.61
CA ARG G 107 -46.89 0.59 -2.24
CA ARG G 107 -46.91 0.59 -2.22
C ARG G 107 -46.25 1.79 -1.55
C ARG G 107 -46.20 1.76 -1.55
N ALA G 108 -45.54 2.64 -2.31
CA ALA G 108 -44.92 3.82 -1.74
C ALA G 108 -45.91 4.96 -1.52
N GLY G 109 -47.16 4.77 -1.89
CA GLY G 109 -48.18 5.79 -1.66
C GLY G 109 -48.16 6.96 -2.61
N VAL G 110 -47.51 6.82 -3.76
CA VAL G 110 -47.37 7.94 -4.69
C VAL G 110 -47.92 7.63 -6.08
N ALA G 111 -48.69 6.55 -6.21
CA ALA G 111 -49.17 6.15 -7.54
C ALA G 111 -49.99 7.24 -8.20
N ASP G 112 -50.78 7.99 -7.43
CA ASP G 112 -51.60 9.04 -8.02
C ASP G 112 -50.79 10.20 -8.56
N ARG G 113 -49.50 10.30 -8.22
CA ARG G 113 -48.64 11.38 -8.67
C ARG G 113 -47.81 11.01 -9.89
N VAL G 114 -47.81 9.74 -10.31
CA VAL G 114 -46.85 9.24 -11.30
C VAL G 114 -47.57 8.51 -12.42
N GLU G 115 -47.15 8.80 -13.65
CA GLU G 115 -47.54 8.06 -14.85
C GLU G 115 -46.29 7.41 -15.43
N VAL G 116 -46.33 6.09 -15.60
CA VAL G 116 -45.27 5.34 -16.27
C VAL G 116 -45.70 5.14 -17.72
N VAL G 117 -44.91 5.65 -18.66
CA VAL G 117 -45.22 5.59 -20.09
C VAL G 117 -44.25 4.59 -20.72
N VAL G 118 -44.80 3.52 -21.31
CA VAL G 118 -43.99 2.38 -21.75
C VAL G 118 -43.63 2.55 -23.21
N GLY G 119 -42.35 2.32 -23.53
CA GLY G 119 -41.87 2.38 -24.89
C GLY G 119 -40.50 3.03 -24.94
N PRO G 120 -39.84 2.94 -26.10
CA PRO G 120 -38.58 3.68 -26.28
C PRO G 120 -38.84 5.17 -26.16
N ALA G 121 -38.00 5.83 -25.34
CA ALA G 121 -38.22 7.24 -24.99
C ALA G 121 -38.23 8.13 -26.23
N LEU G 122 -37.38 7.83 -27.22
CA LEU G 122 -37.43 8.64 -28.45
C LEU G 122 -38.77 8.54 -29.16
N ASP G 123 -39.53 7.47 -28.93
CA ASP G 123 -40.86 7.37 -29.53
C ASP G 123 -41.95 7.96 -28.65
N THR G 124 -41.78 7.95 -27.33
CA THR G 124 -42.85 8.45 -26.46
C THR G 124 -42.68 9.93 -26.13
N LEU G 125 -41.45 10.43 -26.11
CA LEU G 125 -41.20 11.85 -25.86
C LEU G 125 -42.03 12.77 -26.74
N PRO G 126 -42.16 12.55 -28.06
CA PRO G 126 -43.00 13.45 -28.87
C PRO G 126 -44.49 13.39 -28.53
N THR G 127 -44.93 12.40 -27.76
CA THR G 127 -46.35 12.29 -27.43
C THR G 127 -46.71 12.91 -26.09
N LEU G 128 -45.74 13.37 -25.31
CA LEU G 128 -46.05 13.93 -23.99
C LEU G 128 -46.76 15.26 -24.19
N ALA G 129 -47.99 15.36 -23.71
CA ALA G 129 -48.83 16.55 -23.92
C ALA G 129 -49.39 17.07 -22.60
N GLY G 130 -48.55 17.72 -21.81
CA GLY G 130 -49.02 18.21 -20.53
C GLY G 130 -48.49 19.58 -20.18
N GLY G 131 -47.48 20.03 -20.90
CA GLY G 131 -46.88 21.31 -20.62
C GLY G 131 -45.46 21.17 -20.11
N PRO G 132 -44.83 22.29 -19.80
CA PRO G 132 -43.38 22.28 -19.60
C PRO G 132 -42.97 21.67 -18.26
N PHE G 133 -41.85 20.97 -18.28
CA PHE G 133 -41.33 20.29 -17.10
C PHE G 133 -40.40 21.21 -16.33
N ASP G 134 -40.42 21.06 -15.01
CA ASP G 134 -39.55 21.81 -14.10
C ASP G 134 -38.22 21.13 -13.88
N LEU G 135 -38.20 19.81 -14.00
CA LEU G 135 -37.03 19.02 -13.64
C LEU G 135 -37.03 17.81 -14.54
N VAL G 136 -35.87 17.49 -15.14
CA VAL G 136 -35.73 16.34 -16.01
C VAL G 136 -34.55 15.50 -15.51
N PHE G 137 -34.80 14.23 -15.23
CA PHE G 137 -33.77 13.29 -14.79
C PHE G 137 -33.55 12.27 -15.92
N ILE G 138 -32.33 12.23 -16.45
CA ILE G 138 -32.00 11.43 -17.63
C ILE G 138 -31.14 10.27 -17.16
N ASP G 139 -31.68 9.05 -17.26
CA ASP G 139 -31.00 7.89 -16.68
C ASP G 139 -31.42 6.61 -17.40
N ALA G 140 -31.35 6.62 -18.74
CA ALA G 140 -31.79 5.47 -19.52
C ALA G 140 -30.63 4.89 -20.32
N ASP G 141 -30.82 4.71 -21.63
CA ASP G 141 -29.74 4.23 -22.50
C ASP G 141 -28.78 5.38 -22.79
N LYS G 142 -27.51 5.23 -22.39
CA LYS G 142 -26.62 6.39 -22.36
C LYS G 142 -26.27 6.89 -23.76
N GLU G 143 -26.26 6.00 -24.77
CA GLU G 143 -25.96 6.45 -26.14
C GLU G 143 -26.99 7.45 -26.64
N ASN G 144 -28.15 7.54 -26.00
CA ASN G 144 -29.15 8.54 -26.38
C ASN G 144 -29.22 9.73 -25.42
N ASN G 145 -28.25 9.87 -24.49
CA ASN G 145 -28.21 11.02 -23.58
C ASN G 145 -28.43 12.34 -24.33
N VAL G 146 -27.68 12.55 -25.41
CA VAL G 146 -27.71 13.85 -26.08
C VAL G 146 -29.08 14.10 -26.70
N ALA G 147 -29.66 13.09 -27.37
CA ALA G 147 -31.01 13.25 -27.90
C ALA G 147 -32.00 13.59 -26.79
N TYR G 148 -31.86 12.95 -25.63
CA TYR G 148 -32.77 13.21 -24.51
C TYR G 148 -32.57 14.61 -23.97
N ILE G 149 -31.32 15.09 -23.96
CA ILE G 149 -31.07 16.45 -23.50
C ILE G 149 -31.72 17.45 -24.45
N GLN G 150 -31.61 17.22 -25.76
CA GLN G 150 -32.29 18.09 -26.71
C GLN G 150 -33.79 18.06 -26.50
N TRP G 151 -34.35 16.87 -26.23
CA TRP G 151 -35.78 16.78 -25.93
C TRP G 151 -36.12 17.49 -24.62
N ALA G 152 -35.26 17.35 -23.61
CA ALA G 152 -35.50 18.01 -22.34
C ALA G 152 -35.60 19.52 -22.51
N ILE G 153 -34.67 20.09 -23.28
CA ILE G 153 -34.71 21.53 -23.54
C ILE G 153 -36.02 21.92 -24.21
N ARG G 154 -36.46 21.16 -25.20
CA ARG G 154 -37.70 21.49 -25.90
C ARG G 154 -38.91 21.41 -24.98
N LEU G 155 -38.91 20.46 -24.04
CA LEU G 155 -40.07 20.19 -23.20
C LEU G 155 -39.98 20.86 -21.84
N ALA G 156 -38.90 21.57 -21.54
CA ALA G 156 -38.71 22.17 -20.24
C ALA G 156 -39.00 23.67 -20.28
N ARG G 157 -39.34 24.21 -19.12
CA ARG G 157 -39.44 25.66 -19.03
C ARG G 157 -38.04 26.25 -18.89
N ARG G 158 -37.93 27.54 -19.20
CA ARG G 158 -36.70 28.26 -18.87
C ARG G 158 -36.46 28.18 -17.37
N GLY G 159 -35.21 28.00 -16.99
CA GLY G 159 -34.84 27.83 -15.59
C GLY G 159 -34.99 26.42 -15.05
N ALA G 160 -35.51 25.48 -15.84
CA ALA G 160 -35.59 24.10 -15.39
C ALA G 160 -34.20 23.51 -15.19
N VAL G 161 -34.15 22.46 -14.40
CA VAL G 161 -32.92 21.74 -14.09
C VAL G 161 -32.90 20.43 -14.88
N ILE G 162 -31.77 20.12 -15.49
CA ILE G 162 -31.54 18.81 -16.09
C ILE G 162 -30.44 18.11 -15.30
N VAL G 163 -30.70 16.87 -14.89
CA VAL G 163 -29.73 16.04 -14.20
C VAL G 163 -29.48 14.80 -15.04
N VAL G 164 -28.21 14.49 -15.30
CA VAL G 164 -27.82 13.30 -16.05
C VAL G 164 -26.98 12.42 -15.13
N ASP G 165 -27.39 11.16 -14.99
CA ASP G 165 -26.68 10.24 -14.10
C ASP G 165 -25.53 9.53 -14.81
N ASN G 166 -24.52 9.13 -14.02
CA ASN G 166 -23.47 8.17 -14.44
C ASN G 166 -22.55 8.74 -15.52
N VAL G 167 -22.06 9.97 -15.32
CA VAL G 167 -21.28 10.63 -16.36
C VAL G 167 -19.77 10.53 -16.16
N ILE G 168 -19.29 9.79 -15.16
CA ILE G 168 -17.87 9.71 -14.86
C ILE G 168 -17.33 8.29 -15.04
N ARG G 169 -18.07 7.27 -14.61
CA ARG G 169 -17.75 5.85 -14.83
C ARG G 169 -16.31 5.51 -14.43
N GLY G 170 -15.97 5.83 -13.18
CA GLY G 170 -14.67 5.44 -12.67
C GLY G 170 -13.52 6.05 -13.43
N GLY G 171 -13.73 7.22 -14.02
CA GLY G 171 -12.69 7.83 -14.82
C GLY G 171 -12.61 7.35 -16.25
N GLY G 172 -13.48 6.41 -16.67
CA GLY G 172 -13.41 5.88 -18.02
C GLY G 172 -13.64 6.93 -19.10
N ILE G 173 -14.25 8.06 -18.76
CA ILE G 173 -14.41 9.11 -19.75
C ILE G 173 -13.07 9.70 -20.16
N LEU G 174 -12.01 9.46 -19.38
CA LEU G 174 -10.66 9.91 -19.71
C LEU G 174 -9.76 8.79 -20.19
N ALA G 175 -10.19 7.55 -20.08
CA ALA G 175 -9.39 6.37 -20.34
C ALA G 175 -9.77 5.74 -21.67
N GLU G 176 -8.78 5.33 -22.44
CA GLU G 176 -9.07 4.50 -23.61
C GLU G 176 -9.82 3.24 -23.18
N SER G 177 -11.00 3.41 -22.58
CA SER G 177 -11.74 2.32 -21.97
C SER G 177 -12.82 1.84 -22.93
N ASP G 178 -12.88 0.52 -23.15
CA ASP G 178 -13.85 -0.14 -24.03
C ASP G 178 -15.19 -0.21 -23.31
N ASP G 179 -15.81 0.96 -23.18
CA ASP G 179 -16.99 1.17 -22.37
C ASP G 179 -17.90 2.10 -23.17
N ALA G 180 -18.92 1.55 -23.81
CA ALA G 180 -19.75 2.37 -24.69
C ALA G 180 -20.36 3.54 -23.92
N ASP G 181 -20.76 3.31 -22.68
CA ASP G 181 -21.41 4.37 -21.92
C ASP G 181 -20.42 5.40 -21.40
N ALA G 182 -19.13 5.05 -21.31
CA ALA G 182 -18.12 6.07 -21.03
C ALA G 182 -17.89 6.95 -22.26
N VAL G 183 -17.89 6.36 -23.45
CA VAL G 183 -17.85 7.16 -24.67
C VAL G 183 -19.06 8.08 -24.70
N ALA G 184 -20.24 7.52 -24.43
CA ALA G 184 -21.46 8.32 -24.42
C ALA G 184 -21.37 9.43 -23.38
N ALA G 185 -20.89 9.12 -22.17
CA ALA G 185 -20.83 10.13 -21.12
C ALA G 185 -19.88 11.25 -21.49
N ARG G 186 -18.72 10.92 -22.06
CA ARG G 186 -17.78 11.97 -22.44
C ARG G 186 -18.40 12.90 -23.47
N ARG G 187 -19.09 12.33 -24.45
CA ARG G 187 -19.71 13.14 -25.48
C ARG G 187 -20.86 13.97 -24.93
N THR G 188 -21.64 13.46 -23.98
CA THR G 188 -22.71 14.32 -23.48
C THR G 188 -22.15 15.47 -22.66
N LEU G 189 -21.07 15.25 -21.89
CA LEU G 189 -20.46 16.38 -21.17
C LEU G 189 -19.97 17.44 -22.15
N GLN G 190 -19.35 17.02 -23.25
CA GLN G 190 -18.90 17.99 -24.24
C GLN G 190 -20.08 18.69 -24.90
N MET G 191 -21.16 17.95 -25.15
CA MET G 191 -22.35 18.57 -25.75
C MET G 191 -22.96 19.59 -24.80
N MET G 192 -23.02 19.27 -23.51
CA MET G 192 -23.63 20.18 -22.55
C MET G 192 -22.80 21.44 -22.39
N GLY G 193 -21.48 21.31 -22.40
CA GLY G 193 -20.63 22.49 -22.28
C GLY G 193 -20.75 23.40 -23.49
N GLU G 194 -20.90 22.81 -24.69
CA GLU G 194 -20.95 23.60 -25.91
C GLU G 194 -22.32 24.18 -26.19
N HIS G 195 -23.37 23.65 -25.58
CA HIS G 195 -24.73 24.06 -25.92
C HIS G 195 -25.02 25.47 -25.38
N PRO G 196 -25.40 26.42 -26.24
CA PRO G 196 -25.62 27.80 -25.75
C PRO G 196 -26.84 27.94 -24.86
N GLY G 197 -27.75 26.97 -24.84
CA GLY G 197 -28.93 27.02 -24.01
C GLY G 197 -28.80 26.38 -22.66
N LEU G 198 -27.62 25.85 -22.32
CA LEU G 198 -27.37 25.15 -21.07
C LEU G 198 -26.18 25.76 -20.34
N ASP G 199 -26.28 25.80 -19.01
CA ASP G 199 -25.13 26.07 -18.14
C ASP G 199 -25.01 24.88 -17.20
N ALA G 200 -23.85 24.23 -17.21
CA ALA G 200 -23.72 22.90 -16.63
C ALA G 200 -22.51 22.79 -15.73
N THR G 201 -22.59 21.86 -14.78
CA THR G 201 -21.46 21.44 -13.96
C THR G 201 -21.52 19.93 -13.83
N ALA G 202 -20.42 19.34 -13.37
CA ALA G 202 -20.42 17.90 -13.16
C ALA G 202 -19.68 17.61 -11.87
N ILE G 203 -20.29 16.80 -11.01
CA ILE G 203 -19.78 16.51 -9.70
C ILE G 203 -19.41 15.03 -9.66
N GLN G 204 -18.14 14.73 -9.38
CA GLN G 204 -17.73 13.34 -9.21
C GLN G 204 -18.12 12.86 -7.82
N THR G 205 -18.63 11.63 -7.74
CA THR G 205 -19.13 11.10 -6.48
C THR G 205 -18.50 9.76 -6.19
N VAL G 206 -18.52 9.40 -4.91
CA VAL G 206 -18.23 8.05 -4.46
C VAL G 206 -19.29 7.64 -3.45
N GLY G 207 -19.27 6.36 -3.10
CA GLY G 207 -20.22 5.83 -2.14
C GLY G 207 -20.51 4.37 -2.45
N ARG G 208 -21.74 3.96 -2.12
CA ARG G 208 -22.16 2.58 -2.32
C ARG G 208 -21.90 2.08 -3.74
N LYS G 209 -22.09 2.95 -4.72
CA LYS G 209 -22.07 2.53 -6.13
C LYS G 209 -20.71 2.76 -6.79
N GLY G 210 -19.71 3.17 -6.04
CA GLY G 210 -18.38 3.38 -6.62
C GLY G 210 -18.16 4.79 -7.13
N TRP G 211 -17.03 4.96 -7.82
CA TRP G 211 -16.62 6.26 -8.33
C TRP G 211 -17.39 6.55 -9.62
N ASP G 212 -18.26 7.56 -9.56
CA ASP G 212 -19.06 7.95 -10.71
C ASP G 212 -19.33 9.45 -10.60
N GLY G 213 -20.50 9.89 -11.01
CA GLY G 213 -20.80 11.31 -10.91
C GLY G 213 -22.00 11.68 -11.77
N PHE G 214 -22.38 12.94 -11.68
CA PHE G 214 -23.56 13.41 -12.37
C PHE G 214 -23.35 14.78 -12.97
N ALA G 215 -24.11 15.07 -14.04
CA ALA G 215 -24.16 16.41 -14.60
C ALA G 215 -25.44 17.10 -14.18
N LEU G 216 -25.35 18.39 -13.90
CA LEU G 216 -26.50 19.21 -13.58
C LEU G 216 -26.44 20.47 -14.45
N ALA G 217 -27.54 20.78 -15.11
CA ALA G 217 -27.59 21.95 -15.98
C ALA G 217 -28.86 22.74 -15.72
N LEU G 218 -28.77 24.04 -15.93
CA LEU G 218 -29.93 24.93 -15.98
C LEU G 218 -30.23 25.22 -17.43
N VAL G 219 -31.52 25.21 -17.78
CA VAL G 219 -31.95 25.61 -19.12
C VAL G 219 -31.99 27.13 -19.11
N ARG G 220 -30.99 27.78 -19.72
CA ARG G 220 -31.01 29.23 -19.79
C ARG G 220 -31.93 29.71 -20.90
N GLU G 221 -32.10 28.92 -21.97
CA GLU G 221 -33.02 29.26 -23.03
C GLU G 221 -33.48 27.99 -23.73
N ASN G 222 -34.77 27.95 -24.07
CA ASN G 222 -35.35 26.80 -24.74
C ASN G 222 -35.68 27.12 -26.19
N GLN H 5 -0.84 5.36 -15.07
CA GLN H 5 -1.42 6.37 -15.96
C GLN H 5 -2.94 6.32 -15.96
N GLN H 6 -3.51 5.46 -15.10
CA GLN H 6 -4.95 5.40 -14.98
C GLN H 6 -5.48 6.76 -14.52
N PRO H 7 -6.63 7.22 -15.04
CA PRO H 7 -7.17 8.51 -14.62
C PRO H 7 -7.53 8.53 -13.14
N ASN H 8 -7.34 9.70 -12.54
CA ASN H 8 -7.69 9.88 -11.14
C ASN H 8 -8.64 11.07 -11.06
N PRO H 9 -9.29 11.32 -9.93
CA PRO H 9 -10.31 12.37 -9.87
C PRO H 9 -9.77 13.76 -10.16
N PRO H 10 -8.55 14.13 -9.70
CA PRO H 10 -8.00 15.42 -10.15
C PRO H 10 -7.87 15.54 -11.66
N ASP H 11 -7.43 14.47 -12.34
CA ASP H 11 -7.36 14.50 -13.81
C ASP H 11 -8.74 14.74 -14.43
N VAL H 12 -9.75 14.04 -13.92
CA VAL H 12 -11.12 14.20 -14.44
C VAL H 12 -11.62 15.62 -14.21
N ASP H 13 -11.35 16.18 -13.02
CA ASP H 13 -11.79 17.55 -12.75
C ASP H 13 -11.15 18.53 -13.71
N ALA H 14 -9.89 18.31 -14.08
CA ALA H 14 -9.26 19.19 -15.07
C ALA H 14 -10.01 19.13 -16.39
N PHE H 15 -10.44 17.93 -16.81
CA PHE H 15 -11.24 17.79 -18.01
C PHE H 15 -12.58 18.49 -17.86
N LEU H 16 -13.27 18.29 -16.73
CA LEU H 16 -14.57 18.91 -16.51
C LEU H 16 -14.45 20.43 -16.51
N ASP H 17 -13.40 20.96 -15.87
CA ASP H 17 -13.20 22.41 -15.86
C ASP H 17 -13.09 22.95 -17.28
N SER H 18 -12.21 22.35 -18.09
CA SER H 18 -12.05 22.81 -19.47
C SER H 18 -13.36 22.69 -20.25
N THR H 19 -14.13 21.63 -19.98
CA THR H 19 -15.27 21.31 -20.83
C THR H 19 -16.51 22.13 -20.44
N LEU H 20 -16.71 22.36 -19.14
CA LEU H 20 -17.96 22.92 -18.65
C LEU H 20 -17.83 24.33 -18.10
N VAL H 21 -16.63 24.75 -17.73
CA VAL H 21 -16.38 26.08 -17.21
C VAL H 21 -15.58 26.92 -18.21
N GLY H 22 -14.47 26.38 -18.70
CA GLY H 22 -13.67 27.11 -19.66
C GLY H 22 -12.85 28.21 -19.00
N ASP H 23 -12.27 29.07 -19.84
CA ASP H 23 -11.45 30.16 -19.35
C ASP H 23 -12.29 31.18 -18.60
N ASP H 24 -11.82 31.58 -17.42
CA ASP H 24 -12.57 32.49 -16.55
C ASP H 24 -11.56 33.43 -15.92
N PRO H 25 -11.20 34.52 -16.60
CA PRO H 25 -10.12 35.39 -16.10
C PRO H 25 -10.41 36.01 -14.74
N ALA H 26 -11.67 36.30 -14.44
CA ALA H 26 -11.99 36.89 -13.14
C ALA H 26 -11.67 35.93 -12.00
N LEU H 27 -11.96 34.64 -12.20
CA LEU H 27 -11.66 33.65 -11.16
C LEU H 27 -10.18 33.29 -11.12
N ALA H 28 -9.51 33.26 -12.28
CA ALA H 28 -8.06 33.06 -12.29
C ALA H 28 -7.37 34.15 -11.49
N ALA H 29 -7.80 35.40 -11.68
CA ALA H 29 -7.20 36.52 -10.97
C ALA H 29 -7.47 36.45 -9.48
N ALA H 30 -8.67 36.02 -9.09
CA ALA H 30 -8.99 35.90 -7.67
C ALA H 30 -8.10 34.87 -7.00
N LEU H 31 -7.85 33.75 -7.68
CA LEU H 31 -6.96 32.74 -7.11
C LEU H 31 -5.53 33.26 -7.04
N ALA H 32 -5.11 34.01 -8.06
CA ALA H 32 -3.75 34.55 -8.06
C ALA H 32 -3.56 35.58 -6.95
N ALA H 33 -4.54 36.46 -6.76
CA ALA H 33 -4.45 37.45 -5.67
C ALA H 33 -4.54 36.78 -4.30
N SER H 34 -5.34 35.72 -4.19
CA SER H 34 -5.37 34.98 -2.93
C SER H 34 -4.02 34.37 -2.63
N ASP H 35 -3.38 33.78 -3.65
CA ASP H 35 -2.04 33.23 -3.50
C ASP H 35 -1.05 34.32 -3.13
N ALA H 36 -1.14 35.47 -3.79
CA ALA H 36 -0.22 36.56 -3.52
C ALA H 36 -0.35 37.06 -2.08
N ALA H 37 -1.55 37.03 -1.51
CA ALA H 37 -1.79 37.43 -0.13
C ALA H 37 -1.61 36.28 0.86
N GLU H 38 -1.13 35.13 0.39
CA GLU H 38 -0.84 33.96 1.24
C GLU H 38 -2.09 33.40 1.91
N LEU H 39 -3.24 33.49 1.24
CA LEU H 39 -4.42 32.80 1.74
C LEU H 39 -4.25 31.29 1.58
N PRO H 40 -4.77 30.50 2.51
CA PRO H 40 -4.74 29.04 2.31
C PRO H 40 -5.51 28.69 1.05
N ARG H 41 -4.97 27.73 0.30
CA ARG H 41 -5.55 27.38 -1.00
C ARG H 41 -6.63 26.32 -0.82
N ILE H 42 -7.72 26.75 -0.18
CA ILE H 42 -8.78 25.85 0.24
C ILE H 42 -10.14 26.26 -0.32
N ALA H 43 -10.16 27.09 -1.36
CA ALA H 43 -11.41 27.47 -2.00
C ALA H 43 -12.07 26.25 -2.63
N VAL H 44 -13.38 26.39 -2.89
CA VAL H 44 -14.09 25.34 -3.62
C VAL H 44 -13.44 25.16 -4.98
N SER H 45 -13.54 23.94 -5.51
CA SER H 45 -13.11 23.72 -6.87
C SER H 45 -14.05 24.43 -7.86
N ALA H 46 -13.64 24.48 -9.13
CA ALA H 46 -14.47 25.13 -10.14
C ALA H 46 -15.81 24.40 -10.32
N GLN H 47 -15.80 23.06 -10.33
CA GLN H 47 -17.07 22.35 -10.47
C GLN H 47 -17.97 22.59 -9.27
N GLN H 48 -17.37 22.61 -8.06
CA GLN H 48 -18.14 22.85 -6.84
C GLN H 48 -18.74 24.25 -6.85
N GLY H 49 -17.92 25.24 -7.22
CA GLY H 49 -18.44 26.61 -7.30
C GLY H 49 -19.54 26.75 -8.32
N LYS H 50 -19.39 26.13 -9.49
CA LYS H 50 -20.46 26.19 -10.49
C LYS H 50 -21.74 25.54 -9.97
N PHE H 51 -21.60 24.44 -9.22
CA PHE H 51 -22.76 23.82 -8.59
C PHE H 51 -23.50 24.83 -7.70
N LEU H 52 -22.76 25.56 -6.86
CA LEU H 52 -23.41 26.59 -6.03
C LEU H 52 -24.11 27.63 -6.89
N CYS H 53 -23.44 28.07 -7.96
CA CYS H 53 -24.03 29.04 -8.87
C CYS H 53 -25.32 28.52 -9.49
N LEU H 54 -25.30 27.28 -10.00
CA LEU H 54 -26.49 26.74 -10.64
C LEU H 54 -27.59 26.45 -9.63
N LEU H 55 -27.24 26.05 -8.40
CA LEU H 55 -28.26 25.88 -7.38
C LEU H 55 -28.93 27.21 -7.05
N ALA H 56 -28.16 28.28 -6.90
CA ALA H 56 -28.76 29.59 -6.66
C ALA H 56 -29.67 29.99 -7.82
N GLY H 57 -29.24 29.74 -9.06
CA GLY H 57 -30.09 30.04 -10.20
C GLY H 57 -31.34 29.17 -10.26
N ALA H 58 -31.21 27.90 -9.89
CA ALA H 58 -32.32 26.96 -10.01
C ALA H 58 -33.49 27.37 -9.12
N ILE H 59 -33.20 27.83 -7.91
CA ILE H 59 -34.25 28.19 -6.96
C ILE H 59 -34.59 29.68 -7.08
N GLN H 60 -33.98 30.37 -8.07
CA GLN H 60 -34.18 31.81 -8.24
C GLN H 60 -33.86 32.57 -6.96
N ALA H 61 -32.76 32.19 -6.30
CA ALA H 61 -32.39 32.84 -5.05
C ALA H 61 -32.11 34.33 -5.25
N ARG H 62 -32.71 35.16 -4.39
CA ARG H 62 -32.43 36.59 -4.42
C ARG H 62 -31.67 37.06 -3.20
N ARG H 63 -31.67 36.29 -2.12
N ARG H 63 -31.67 36.30 -2.11
CA ARG H 63 -30.95 36.63 -0.90
CA ARG H 63 -30.91 36.65 -0.91
C ARG H 63 -30.13 35.41 -0.48
C ARG H 63 -30.13 35.43 -0.47
N VAL H 64 -28.81 35.53 -0.53
CA VAL H 64 -27.91 34.42 -0.25
C VAL H 64 -27.06 34.79 0.97
N LEU H 65 -26.90 33.84 1.89
CA LEU H 65 -26.03 34.00 3.05
C LEU H 65 -24.89 33.00 2.93
N GLU H 66 -23.65 33.49 3.02
CA GLU H 66 -22.48 32.65 3.01
C GLU H 66 -21.68 32.88 4.29
N ILE H 67 -21.21 31.81 4.90
CA ILE H 67 -20.42 31.90 6.13
C ILE H 67 -19.04 31.33 5.81
N GLY H 68 -18.02 32.20 5.79
CA GLY H 68 -16.68 31.80 5.39
C GLY H 68 -16.32 32.25 3.98
N THR H 69 -15.73 33.44 3.86
CA THR H 69 -15.51 34.05 2.55
C THR H 69 -14.18 33.65 1.91
N LEU H 70 -13.11 33.57 2.71
CA LEU H 70 -11.74 33.45 2.23
C LEU H 70 -11.47 34.55 1.22
N GLY H 71 -11.13 34.21 -0.03
CA GLY H 71 -10.87 35.19 -1.06
C GLY H 71 -12.05 35.49 -1.96
N GLY H 72 -13.23 34.98 -1.64
CA GLY H 72 -14.42 35.25 -2.40
C GLY H 72 -14.69 34.35 -3.58
N PHE H 73 -14.00 33.20 -3.69
CA PHE H 73 -14.16 32.35 -4.88
C PHE H 73 -15.55 31.74 -4.92
N SER H 74 -15.97 31.09 -3.82
CA SER H 74 -17.35 30.61 -3.75
C SER H 74 -18.35 31.78 -3.82
N THR H 75 -17.97 32.91 -3.22
CA THR H 75 -18.86 34.08 -3.23
C THR H 75 -19.14 34.57 -4.64
N ILE H 76 -18.11 34.62 -5.48
CA ILE H 76 -18.31 35.05 -6.86
C ILE H 76 -19.32 34.15 -7.56
N TRP H 77 -19.18 32.84 -7.37
CA TRP H 77 -20.11 31.91 -7.99
C TRP H 77 -21.53 32.12 -7.48
N LEU H 78 -21.69 32.32 -6.16
CA LEU H 78 -23.02 32.55 -5.61
C LEU H 78 -23.62 33.83 -6.17
N ALA H 79 -22.80 34.88 -6.29
CA ALA H 79 -23.32 36.15 -6.80
C ALA H 79 -23.72 36.02 -8.26
N ARG H 80 -22.95 35.24 -9.02
CA ARG H 80 -23.32 34.99 -10.43
C ARG H 80 -24.67 34.30 -10.52
N GLY H 81 -24.91 33.30 -9.67
CA GLY H 81 -26.16 32.56 -9.74
C GLY H 81 -27.35 33.36 -9.24
N ALA H 82 -27.14 34.22 -8.24
CA ALA H 82 -28.21 35.04 -7.72
C ALA H 82 -28.67 36.10 -8.72
N GLY H 83 -27.82 36.47 -9.68
CA GLY H 83 -28.19 37.37 -10.74
C GLY H 83 -28.09 38.83 -10.36
N PRO H 84 -28.38 39.72 -11.32
CA PRO H 84 -28.21 41.16 -11.07
C PRO H 84 -29.15 41.71 -10.02
N GLN H 85 -30.30 41.07 -9.79
CA GLN H 85 -31.23 41.49 -8.75
C GLN H 85 -30.95 40.83 -7.41
N GLY H 86 -30.04 39.84 -7.37
CA GLY H 86 -29.75 39.14 -6.14
C GLY H 86 -28.69 39.80 -5.29
N ARG H 87 -28.70 39.46 -4.01
CA ARG H 87 -27.73 39.98 -3.05
C ARG H 87 -27.15 38.83 -2.23
N VAL H 88 -25.84 38.88 -2.03
CA VAL H 88 -25.12 37.92 -1.20
C VAL H 88 -24.56 38.65 0.00
N VAL H 89 -24.80 38.10 1.19
CA VAL H 89 -24.15 38.54 2.42
C VAL H 89 -23.18 37.43 2.82
N THR H 90 -21.90 37.77 2.93
CA THR H 90 -20.90 36.77 3.27
C THR H 90 -20.12 37.19 4.52
N LEU H 91 -19.90 36.23 5.42
CA LEU H 91 -19.34 36.49 6.74
C LEU H 91 -17.89 36.01 6.78
N GLU H 92 -17.00 36.88 7.27
CA GLU H 92 -15.57 36.56 7.28
C GLU H 92 -14.92 37.10 8.56
N TYR H 93 -14.18 36.24 9.25
CA TYR H 93 -13.56 36.58 10.53
C TYR H 93 -12.24 37.33 10.38
N GLN H 94 -11.47 37.04 9.33
CA GLN H 94 -10.14 37.62 9.15
C GLN H 94 -10.22 38.90 8.33
N PRO H 95 -9.81 40.05 8.88
CA PRO H 95 -9.79 41.27 8.05
C PRO H 95 -8.97 41.14 6.78
N LYS H 96 -7.85 40.43 6.82
CA LYS H 96 -7.03 40.31 5.61
C LYS H 96 -7.76 39.51 4.53
N HIS H 97 -8.48 38.48 4.92
CA HIS H 97 -9.28 37.72 3.96
C HIS H 97 -10.37 38.59 3.37
N ALA H 98 -11.04 39.38 4.22
CA ALA H 98 -12.12 40.24 3.75
C ALA H 98 -11.63 41.25 2.71
N GLU H 99 -10.48 41.87 2.93
CA GLU H 99 -10.02 42.88 1.96
C GLU H 99 -9.63 42.23 0.64
N VAL H 100 -8.98 41.06 0.69
CA VAL H 100 -8.66 40.34 -0.54
C VAL H 100 -9.95 39.98 -1.28
N ALA H 101 -10.94 39.49 -0.54
CA ALA H 101 -12.21 39.11 -1.17
C ALA H 101 -12.88 40.31 -1.83
N ARG H 102 -12.87 41.48 -1.17
N ARG H 102 -12.85 41.47 -1.19
CA ARG H 102 -13.52 42.64 -1.75
CA ARG H 102 -13.52 42.65 -1.75
C ARG H 102 -12.90 43.03 -3.09
C ARG H 102 -12.89 43.07 -3.07
N VAL H 103 -11.57 42.95 -3.19
CA VAL H 103 -10.91 43.27 -4.45
C VAL H 103 -11.29 42.25 -5.51
N ASN H 104 -11.34 40.97 -5.14
CA ASN H 104 -11.67 39.91 -6.08
C ASN H 104 -13.11 40.04 -6.56
N LEU H 105 -14.02 40.44 -5.67
CA LEU H 105 -15.41 40.63 -6.06
C LEU H 105 -15.53 41.82 -7.02
N GLN H 106 -14.78 42.88 -6.74
CA GLN H 106 -14.77 44.04 -7.63
C GLN H 106 -14.28 43.65 -9.02
N ARG H 107 -13.16 42.93 -9.08
CA ARG H 107 -12.60 42.53 -10.38
C ARG H 107 -13.47 41.51 -11.09
N ALA H 108 -14.38 40.83 -10.38
CA ALA H 108 -15.31 39.89 -10.99
C ALA H 108 -16.62 40.54 -11.40
N GLY H 109 -16.80 41.83 -11.17
CA GLY H 109 -17.98 42.53 -11.61
C GLY H 109 -19.22 42.33 -10.79
N VAL H 110 -19.10 41.82 -9.56
CA VAL H 110 -20.28 41.54 -8.73
C VAL H 110 -20.23 42.29 -7.40
N ALA H 111 -19.33 43.27 -7.25
CA ALA H 111 -19.19 43.96 -5.97
C ALA H 111 -20.49 44.64 -5.55
N ASP H 112 -21.29 45.12 -6.51
CA ASP H 112 -22.57 45.73 -6.18
C ASP H 112 -23.58 44.72 -5.64
N ARG H 113 -23.32 43.42 -5.77
CA ARG H 113 -24.26 42.38 -5.33
C ARG H 113 -23.86 41.75 -4.00
N VAL H 114 -22.67 42.05 -3.48
CA VAL H 114 -22.09 41.31 -2.36
C VAL H 114 -21.62 42.30 -1.29
N GLU H 115 -21.94 42.00 -0.04
CA GLU H 115 -21.32 42.69 1.09
C GLU H 115 -20.59 41.68 1.95
N VAL H 116 -19.32 41.97 2.23
CA VAL H 116 -18.50 41.17 3.14
C VAL H 116 -18.64 41.77 4.52
N VAL H 117 -19.14 40.98 5.47
CA VAL H 117 -19.40 41.43 6.83
C VAL H 117 -18.33 40.83 7.72
N VAL H 118 -17.55 41.69 8.37
CA VAL H 118 -16.33 41.27 9.07
C VAL H 118 -16.61 41.05 10.56
N GLY H 119 -16.16 39.90 11.06
CA GLY H 119 -16.27 39.53 12.45
C GLY H 119 -16.55 38.04 12.60
N PRO H 120 -16.44 37.52 13.82
CA PRO H 120 -16.85 36.14 14.06
C PRO H 120 -18.33 35.97 13.77
N ALA H 121 -18.67 34.92 13.01
CA ALA H 121 -20.07 34.74 12.58
C ALA H 121 -21.03 34.63 13.77
N LEU H 122 -20.60 34.03 14.89
CA LEU H 122 -21.47 33.95 16.06
C LEU H 122 -21.84 35.32 16.57
N ASP H 123 -21.01 36.33 16.32
CA ASP H 123 -21.32 37.69 16.73
C ASP H 123 -22.07 38.48 15.65
N THR H 124 -21.86 38.19 14.38
CA THR H 124 -22.47 38.99 13.32
C THR H 124 -23.83 38.45 12.87
N LEU H 125 -24.04 37.13 12.94
CA LEU H 125 -25.34 36.57 12.59
C LEU H 125 -26.52 37.20 13.33
N PRO H 126 -26.45 37.45 14.65
CA PRO H 126 -27.60 38.10 15.32
C PRO H 126 -27.88 39.52 14.87
N THR H 127 -26.95 40.17 14.17
CA THR H 127 -27.14 41.55 13.72
C THR H 127 -27.61 41.65 12.28
N LEU H 128 -27.63 40.55 11.53
CA LEU H 128 -27.97 40.59 10.12
C LEU H 128 -29.44 40.91 9.93
N ALA H 129 -29.74 41.86 9.05
CA ALA H 129 -31.11 42.26 8.82
C ALA H 129 -31.48 42.03 7.36
N GLY H 130 -32.60 42.63 6.94
CA GLY H 130 -33.12 42.44 5.61
C GLY H 130 -34.21 41.40 5.61
N GLY H 131 -34.39 40.71 4.49
CA GLY H 131 -35.42 39.70 4.39
C GLY H 131 -34.87 38.32 4.67
N PRO H 132 -35.72 37.30 4.58
CA PRO H 132 -35.26 35.94 4.84
C PRO H 132 -34.42 35.42 3.67
N PHE H 133 -33.47 34.55 4.00
CA PHE H 133 -32.54 34.05 3.00
C PHE H 133 -33.12 32.85 2.27
N ASP H 134 -32.82 32.76 0.97
CA ASP H 134 -33.21 31.64 0.12
C ASP H 134 -32.19 30.51 0.09
N LEU H 135 -30.92 30.82 0.31
CA LEU H 135 -29.84 29.87 0.18
C LEU H 135 -28.78 30.25 1.20
N VAL H 136 -28.30 29.29 1.98
CA VAL H 136 -27.26 29.52 2.98
C VAL H 136 -26.15 28.53 2.69
N PHE H 137 -24.93 29.02 2.50
CA PHE H 137 -23.74 28.18 2.30
C PHE H 137 -22.85 28.30 3.53
N ILE H 138 -22.62 27.19 4.21
CA ILE H 138 -21.90 27.20 5.49
C ILE H 138 -20.53 26.56 5.25
N ASP H 139 -19.47 27.36 5.40
CA ASP H 139 -18.13 26.94 5.03
C ASP H 139 -17.08 27.71 5.82
N ALA H 140 -17.23 27.76 7.14
CA ALA H 140 -16.32 28.54 7.98
C ALA H 140 -15.60 27.65 8.98
N ASP H 141 -15.63 27.99 10.27
CA ASP H 141 -15.04 27.16 11.31
C ASP H 141 -15.98 25.99 11.61
N LYS H 142 -15.50 24.77 11.44
CA LYS H 142 -16.39 23.61 11.42
C LYS H 142 -17.02 23.33 12.78
N GLU H 143 -16.32 23.67 13.87
CA GLU H 143 -16.88 23.40 15.19
C GLU H 143 -18.16 24.18 15.43
N ASN H 144 -18.43 25.22 14.65
CA ASN H 144 -19.66 26.00 14.81
C ASN H 144 -20.70 25.72 13.74
N ASN H 145 -20.52 24.66 12.93
CA ASN H 145 -21.54 24.26 11.94
C ASN H 145 -22.94 24.22 12.54
N VAL H 146 -23.09 23.57 13.70
CA VAL H 146 -24.42 23.36 14.26
C VAL H 146 -25.07 24.70 14.64
N ALA H 147 -24.31 25.56 15.32
CA ALA H 147 -24.83 26.88 15.64
C ALA H 147 -25.19 27.66 14.38
N TYR H 148 -24.37 27.57 13.33
CA TYR H 148 -24.66 28.28 12.08
C TYR H 148 -25.92 27.71 11.40
N ILE H 149 -26.13 26.40 11.49
CA ILE H 149 -27.33 25.81 10.93
C ILE H 149 -28.57 26.27 11.69
N GLN H 150 -28.48 26.33 13.02
CA GLN H 150 -29.60 26.83 13.81
C GLN H 150 -29.93 28.28 13.43
N TRP H 151 -28.89 29.11 13.24
CA TRP H 151 -29.12 30.48 12.81
C TRP H 151 -29.68 30.52 11.39
N ALA H 152 -29.19 29.63 10.52
CA ALA H 152 -29.67 29.58 9.15
C ALA H 152 -31.17 29.30 9.11
N ILE H 153 -31.62 28.33 9.91
CA ILE H 153 -33.05 28.04 10.00
C ILE H 153 -33.83 29.27 10.45
N ARG H 154 -33.29 29.99 11.44
CA ARG H 154 -34.00 31.18 11.93
C ARG H 154 -34.08 32.28 10.87
N LEU H 155 -33.03 32.44 10.07
CA LEU H 155 -32.93 33.56 9.14
C LEU H 155 -33.36 33.20 7.72
N ALA H 156 -33.77 31.95 7.48
CA ALA H 156 -34.12 31.53 6.14
C ALA H 156 -35.64 31.48 5.96
N ARG H 157 -36.07 31.59 4.71
CA ARG H 157 -37.48 31.39 4.41
C ARG H 157 -37.80 29.90 4.45
N ARG H 158 -39.09 29.61 4.63
CA ARG H 158 -39.53 28.23 4.49
C ARG H 158 -39.16 27.75 3.09
N GLY H 159 -38.66 26.51 3.01
CA GLY H 159 -38.23 25.95 1.74
C GLY H 159 -36.83 26.33 1.30
N ALA H 160 -36.12 27.14 2.07
CA ALA H 160 -34.76 27.52 1.73
C ALA H 160 -33.83 26.30 1.74
N VAL H 161 -32.72 26.43 1.01
CA VAL H 161 -31.70 25.40 0.92
C VAL H 161 -30.51 25.80 1.77
N ILE H 162 -30.02 24.85 2.58
CA ILE H 162 -28.78 24.98 3.33
C ILE H 162 -27.78 23.99 2.75
N VAL H 163 -26.57 24.46 2.45
CA VAL H 163 -25.48 23.61 1.97
C VAL H 163 -24.33 23.73 2.96
N VAL H 164 -23.78 22.61 3.40
CA VAL H 164 -22.63 22.59 4.30
C VAL H 164 -21.47 21.90 3.59
N ASP H 165 -20.33 22.57 3.53
CA ASP H 165 -19.15 22.00 2.86
C ASP H 165 -18.36 21.11 3.82
N ASN H 166 -17.61 20.15 3.24
CA ASN H 166 -16.56 19.39 3.93
C ASN H 166 -17.11 18.46 5.01
N VAL H 167 -18.18 17.72 4.70
CA VAL H 167 -18.82 16.94 5.78
C VAL H 167 -18.38 15.48 5.82
N ILE H 168 -17.41 15.08 4.99
CA ILE H 168 -16.97 13.68 4.93
C ILE H 168 -15.52 13.52 5.35
N ARG H 169 -14.65 14.43 4.93
CA ARG H 169 -13.25 14.51 5.38
C ARG H 169 -12.55 13.15 5.25
N GLY H 170 -12.58 12.61 4.03
CA GLY H 170 -11.86 11.37 3.75
C GLY H 170 -12.31 10.18 4.58
N GLY H 171 -13.59 10.15 4.98
CA GLY H 171 -14.08 9.08 5.82
C GLY H 171 -13.80 9.23 7.29
N GLY H 172 -13.16 10.33 7.70
CA GLY H 172 -12.83 10.57 9.10
C GLY H 172 -14.04 10.67 10.01
N ILE H 173 -15.22 10.93 9.45
CA ILE H 173 -16.42 10.99 10.28
C ILE H 173 -16.74 9.65 10.91
N LEU H 174 -16.10 8.57 10.47
CA LEU H 174 -16.30 7.24 11.04
C LEU H 174 -15.20 6.84 12.01
N ALA H 175 -14.15 7.65 12.17
CA ALA H 175 -12.95 7.31 12.91
C ALA H 175 -12.97 7.97 14.30
N GLU H 176 -12.67 7.19 15.33
CA GLU H 176 -12.52 7.72 16.69
C GLU H 176 -11.25 8.55 16.89
N SER H 177 -11.01 9.54 16.03
CA SER H 177 -9.80 10.34 16.00
C SER H 177 -10.04 11.75 16.53
N ASP H 178 -9.05 12.32 17.24
CA ASP H 178 -9.08 13.70 17.72
C ASP H 178 -8.83 14.64 16.55
N ASP H 179 -9.85 14.78 15.70
CA ASP H 179 -9.76 15.37 14.37
C ASP H 179 -10.93 16.36 14.31
N ALA H 180 -10.62 17.65 14.49
CA ALA H 180 -11.67 18.63 14.77
C ALA H 180 -12.71 18.72 13.66
N ASP H 181 -12.26 18.76 12.40
CA ASP H 181 -13.25 18.91 11.33
C ASP H 181 -14.01 17.62 11.06
N ALA H 182 -13.40 16.45 11.29
CA ALA H 182 -14.13 15.20 11.15
C ALA H 182 -15.12 15.00 12.29
N VAL H 183 -14.71 15.31 13.52
CA VAL H 183 -15.65 15.26 14.65
C VAL H 183 -16.82 16.21 14.43
N ALA H 184 -16.52 17.45 14.02
CA ALA H 184 -17.57 18.42 13.77
C ALA H 184 -18.49 17.98 12.64
N ALA H 185 -17.92 17.42 11.57
CA ALA H 185 -18.76 16.97 10.46
C ALA H 185 -19.70 15.86 10.90
N ARG H 186 -19.18 14.90 11.67
CA ARG H 186 -20.02 13.82 12.16
C ARG H 186 -21.18 14.37 12.99
N ARG H 187 -20.89 15.30 13.90
CA ARG H 187 -21.93 15.86 14.76
C ARG H 187 -22.90 16.72 13.95
N THR H 188 -22.40 17.42 12.92
CA THR H 188 -23.25 18.20 12.02
C THR H 188 -24.27 17.30 11.33
N LEU H 189 -23.81 16.17 10.78
CA LEU H 189 -24.69 15.25 10.09
C LEU H 189 -25.74 14.67 11.05
N GLN H 190 -25.33 14.30 12.26
CA GLN H 190 -26.30 13.75 13.20
C GLN H 190 -27.34 14.79 13.60
N MET H 191 -26.92 16.05 13.80
CA MET H 191 -27.87 17.08 14.16
C MET H 191 -28.87 17.31 13.02
N MET H 192 -28.38 17.34 11.78
CA MET H 192 -29.27 17.61 10.66
C MET H 192 -30.29 16.50 10.49
N GLY H 193 -29.87 15.24 10.66
CA GLY H 193 -30.82 14.14 10.55
C GLY H 193 -31.87 14.14 11.64
N GLU H 194 -31.50 14.56 12.85
CA GLU H 194 -32.42 14.55 13.99
C GLU H 194 -33.31 15.80 14.04
N HIS H 195 -32.96 16.85 13.33
CA HIS H 195 -33.68 18.11 13.44
C HIS H 195 -35.04 17.98 12.78
N PRO H 196 -36.14 18.22 13.49
CA PRO H 196 -37.46 18.07 12.86
C PRO H 196 -37.75 19.13 11.81
N GLY H 197 -37.03 20.25 11.80
CA GLY H 197 -37.19 21.30 10.83
C GLY H 197 -36.33 21.19 9.59
N LEU H 198 -35.55 20.12 9.44
CA LEU H 198 -34.66 19.95 8.30
C LEU H 198 -34.93 18.61 7.62
N ASP H 199 -34.80 18.58 6.30
CA ASP H 199 -34.73 17.34 5.55
C ASP H 199 -33.43 17.34 4.75
N ALA H 200 -32.59 16.33 4.96
CA ALA H 200 -31.20 16.43 4.55
C ALA H 200 -30.72 15.19 3.80
N THR H 201 -29.69 15.40 2.97
CA THR H 201 -28.90 14.35 2.34
C THR H 201 -27.45 14.77 2.38
N ALA H 202 -26.55 13.82 2.13
CA ALA H 202 -25.12 14.10 2.06
C ALA H 202 -24.52 13.31 0.92
N ILE H 203 -23.76 13.99 0.07
CA ILE H 203 -23.17 13.39 -1.14
C ILE H 203 -21.67 13.37 -0.97
N GLN H 204 -21.07 12.19 -1.05
CA GLN H 204 -19.61 12.10 -1.04
C GLN H 204 -19.06 12.44 -2.41
N THR H 205 -17.99 13.24 -2.42
CA THR H 205 -17.40 13.71 -3.67
C THR H 205 -15.92 13.38 -3.71
N VAL H 206 -15.38 13.34 -4.93
CA VAL H 206 -13.95 13.30 -5.17
C VAL H 206 -13.64 14.32 -6.25
N GLY H 207 -12.35 14.54 -6.46
CA GLY H 207 -11.94 15.52 -7.43
C GLY H 207 -10.59 16.10 -7.04
N ARG H 208 -10.37 17.33 -7.50
CA ARG H 208 -9.12 18.05 -7.21
C ARG H 208 -8.86 18.12 -5.71
N LYS H 209 -9.90 18.17 -4.88
CA LYS H 209 -9.72 18.41 -3.45
C LYS H 209 -9.73 17.14 -2.62
N GLY H 210 -9.77 15.97 -3.26
CA GLY H 210 -9.74 14.74 -2.52
C GLY H 210 -11.13 14.26 -2.16
N TRP H 211 -11.16 13.21 -1.33
CA TRP H 211 -12.42 12.59 -0.90
C TRP H 211 -13.05 13.42 0.21
N ASP H 212 -14.20 14.02 -0.08
CA ASP H 212 -14.89 14.82 0.91
C ASP H 212 -16.36 14.74 0.59
N GLY H 213 -17.12 15.82 0.78
CA GLY H 213 -18.52 15.75 0.46
C GLY H 213 -19.26 16.93 1.06
N PHE H 214 -20.55 16.98 0.77
CA PHE H 214 -21.36 18.11 1.22
C PHE H 214 -22.71 17.62 1.71
N ALA H 215 -23.31 18.37 2.63
CA ALA H 215 -24.67 18.13 3.06
C ALA H 215 -25.58 19.18 2.41
N LEU H 216 -26.78 18.75 1.99
CA LEU H 216 -27.79 19.63 1.45
C LEU H 216 -29.10 19.39 2.18
N ALA H 217 -29.74 20.45 2.66
CA ALA H 217 -30.97 20.34 3.42
C ALA H 217 -31.99 21.38 2.96
N LEU H 218 -33.26 21.00 3.09
CA LEU H 218 -34.39 21.91 2.94
C LEU H 218 -34.94 22.29 4.30
N VAL H 219 -35.26 23.58 4.45
CA VAL H 219 -35.89 24.09 5.66
C VAL H 219 -37.39 23.79 5.60
N ARG H 220 -37.86 22.96 6.51
CA ARG H 220 -39.27 22.61 6.58
C ARG H 220 -40.10 23.79 7.07
N SAH I . 0.11 -29.20 -16.96
CA SAH I . -0.24 -29.51 -15.57
CB SAH I . 0.78 -28.90 -14.62
CG SAH I . 2.24 -29.25 -14.95
SD SAH I . 3.30 -28.75 -13.58
C SAH I . -1.64 -29.02 -15.23
O SAH I . -2.47 -29.75 -14.68
OXT SAH I . -1.95 -27.88 -15.55
C5' SAH I . 4.88 -29.10 -14.39
C4' SAH I . 5.21 -30.59 -14.51
O4' SAH I . 6.35 -30.72 -15.33
C3' SAH I . 5.58 -31.27 -13.18
O3' SAH I . 4.76 -32.43 -13.02
C2' SAH I . 7.04 -31.66 -13.34
O2' SAH I . 7.41 -32.84 -12.62
C1' SAH I . 7.16 -31.78 -14.86
N9 SAH I . 8.52 -31.66 -15.39
C8 SAH I . 9.53 -30.82 -14.93
N7 SAH I . 10.62 -31.03 -15.71
C5 SAH I . 10.30 -31.97 -16.65
C6 SAH I . 11.07 -32.55 -17.66
N6 SAH I . 12.35 -32.21 -17.86
N1 SAH I . 10.47 -33.49 -18.46
C2 SAH I . 9.15 -33.88 -18.25
N3 SAH I . 8.41 -33.31 -17.23
C4 SAH I . 9.00 -32.37 -16.45
SR SR J . 1.36 -24.28 -15.58
C1 MPD K . -2.29 -21.84 -21.15
C2 MPD K . -3.55 -22.01 -20.30
O2 MPD K . -3.31 -21.33 -19.03
CM MPD K . -3.83 -23.50 -20.06
C3 MPD K . -4.68 -21.37 -21.10
C4 MPD K . -5.47 -20.28 -20.40
O4 MPD K . -4.68 -19.37 -19.64
C5 MPD K . -6.28 -19.51 -21.43
SR SR L . 9.21 -16.81 -9.94
SR SR M . 21.33 -17.45 -8.63
N SAH N . -14.92 -4.97 -33.04
CA SAH N . -14.32 -3.62 -33.13
CB SAH N . -14.95 -2.68 -32.10
CG SAH N . -16.50 -2.63 -32.14
SD SAH N . -17.08 -1.25 -31.13
C SAH N . -12.82 -3.64 -32.93
O SAH N . -12.33 -4.22 -31.97
OXT SAH N . -12.06 -3.07 -33.72
C5' SAH N . -18.84 -1.71 -31.23
C4' SAH N . -19.44 -1.38 -32.58
O4' SAH N . -20.73 -1.97 -32.56
C3' SAH N . -19.66 0.12 -32.84
O3' SAH N . -19.10 0.46 -34.10
C2' SAH N . -21.17 0.28 -32.87
O2' SAH N . -21.66 1.24 -33.79
C1' SAH N . -21.60 -1.12 -33.25
N9 SAH N . -23.00 -1.39 -32.90
C8 SAH N . -23.68 -0.98 -31.77
N7 SAH N . -24.95 -1.49 -31.86
C5 SAH N . -25.05 -2.19 -33.02
C6 SAH N . -26.10 -2.90 -33.62
N6 SAH N . -27.32 -3.00 -33.08
N1 SAH N . -25.87 -3.53 -34.82
C2 SAH N . -24.64 -3.44 -35.44
N3 SAH N . -23.60 -2.74 -34.86
C4 SAH N . -23.83 -2.12 -33.67
SR SR O . -14.74 -4.76 -27.85
C1 MPD P . -12.07 -11.24 -27.55
C2 MPD P . -10.72 -10.59 -27.81
O2 MPD P . -10.57 -9.48 -26.89
CM MPD P . -10.75 -10.07 -29.26
C3 MPD P . -9.67 -11.67 -27.58
C4 MPD P . -8.59 -11.42 -26.53
O4 MPD P . -9.04 -10.83 -25.32
C5 MPD P . -7.86 -12.72 -26.19
C1 MPD Q . -33.80 -18.23 -32.74
C2 MPD Q . -33.40 -17.15 -33.74
O2 MPD Q . -34.00 -17.49 -35.01
CM MPD Q . -31.89 -17.16 -33.96
C3 MPD Q . -33.93 -15.78 -33.32
C4 MPD Q . -33.66 -15.46 -31.85
O4 MPD Q . -32.95 -14.25 -31.76
C5 MPD Q . -34.96 -15.32 -31.08
NA NA R . -23.39 -24.62 -21.93
SR SR S . -28.37 5.36 -12.99
N SAH T . 25.91 -18.94 -10.79
CA SAH T . 25.85 -17.83 -11.76
CB SAH T . 24.44 -17.62 -12.30
CG SAH T . 23.81 -18.89 -12.87
SD SAH T . 22.30 -18.43 -13.77
C SAH T . 26.34 -16.56 -11.09
O SAH T . 25.88 -16.29 -9.96
OXT SAH T . 27.16 -15.85 -11.66
C5' SAH T . 21.73 -20.10 -14.12
C4' SAH T . 22.57 -20.77 -15.19
O4' SAH T . 22.10 -22.11 -15.19
C3' SAH T . 22.33 -20.22 -16.59
O3' SAH T . 23.55 -19.97 -17.21
C2' SAH T . 21.65 -21.38 -17.33
O2' SAH T . 21.96 -21.48 -18.73
C1' SAH T . 22.13 -22.57 -16.52
N9 SAH T . 21.28 -23.73 -16.69
C8 SAH T . 19.91 -23.78 -16.87
N7 SAH T . 19.56 -25.09 -17.00
C5 SAH T . 20.69 -25.87 -16.88
C6 SAH T . 20.90 -27.25 -16.92
N6 SAH T . 19.93 -28.13 -17.10
N1 SAH T . 22.18 -27.71 -16.77
C2 SAH T . 23.23 -26.86 -16.57
N3 SAH T . 23.02 -25.49 -16.54
C4 SAH T . 21.75 -25.02 -16.68
C1 MPD U . 24.08 -18.50 -2.11
C2 MPD U . 24.75 -17.14 -2.31
O2 MPD U . 23.75 -16.20 -2.78
CM MPD U . 25.81 -17.27 -3.39
C3 MPD U . 25.38 -16.76 -0.95
C4 MPD U . 24.91 -15.50 -0.26
O4 MPD U . 23.52 -15.28 -0.32
C5 MPD U . 25.39 -15.50 1.21
N SAH V . 25.31 -14.77 21.50
CA SAH V . 24.10 -14.94 22.30
CB SAH V . 23.53 -13.58 22.67
CG SAH V . 24.51 -12.60 23.30
SD SAH V . 23.59 -11.17 23.93
C SAH V . 23.04 -15.77 21.59
O SAH V . 22.86 -15.59 20.38
OXT SAH V . 22.34 -16.60 22.18
C5' SAH V . 25.08 -10.22 24.36
C4' SAH V . 25.77 -10.73 25.63
O4' SAH V . 27.00 -10.06 25.76
C3' SAH V . 24.98 -10.43 26.90
O3' SAH V . 24.79 -11.61 27.64
C2' SAH V . 25.87 -9.48 27.69
O2' SAH V . 25.82 -9.73 29.07
C1' SAH V . 27.24 -9.82 27.12
N9 SAH V . 28.24 -8.76 27.29
C8 SAH V . 28.06 -7.40 27.24
N7 SAH V . 29.27 -6.82 27.45
C5 SAH V . 30.20 -7.78 27.63
C6 SAH V . 31.56 -7.76 27.87
N6 SAH V . 32.22 -6.60 27.98
N1 SAH V . 32.26 -8.94 28.01
C2 SAH V . 31.59 -10.15 27.90
N3 SAH V . 30.25 -10.17 27.66
C4 SAH V . 29.56 -9.01 27.53
SR SR W . 23.32 -11.13 18.59
C1 MPD X . 25.71 -14.15 12.71
C2 MPD X . 24.52 -15.08 12.88
O2 MPD X . 23.31 -14.28 12.98
CM MPD X . 24.69 -15.85 14.19
C3 MPD X . 24.45 -16.00 11.66
C4 MPD X . 23.24 -15.80 10.73
O4 MPD X . 22.90 -14.45 10.50
C5 MPD X . 23.48 -16.47 9.39
SR SR Y . 20.08 10.85 22.51
N SAH Z . -9.17 18.87 26.67
CA SAH Z . -10.09 17.74 26.60
CB SAH Z . -10.71 17.60 25.22
CG SAH Z . -11.23 18.89 24.58
SD SAH Z . -12.27 18.48 23.15
C SAH Z . -9.37 16.43 26.96
O SAH Z . -9.89 15.63 27.73
OXT SAH Z . -8.27 16.18 26.49
C5' SAH Z . -12.57 20.19 22.60
C4' SAH Z . -13.56 20.90 23.53
O4' SAH Z . -13.58 22.30 23.22
C3' SAH Z . -14.98 20.40 23.34
O3' SAH Z . -15.55 20.05 24.58
C2' SAH Z . -15.71 21.60 22.74
O2' SAH Z . -17.06 21.64 23.14
C1' SAH Z . -14.91 22.75 23.30
N9 SAH Z . -15.07 24.01 22.56
C8 SAH Z . -15.24 24.15 21.21
N7 SAH Z . -15.34 25.47 20.94
C5 SAH Z . -15.23 26.17 22.09
C6 SAH Z . -15.26 27.54 22.38
N6 SAH Z . -15.43 28.45 21.42
N1 SAH Z . -15.11 27.96 23.68
C2 SAH Z . -14.93 27.03 24.70
N3 SAH Z . -14.91 25.69 24.40
C4 SAH Z . -15.04 25.26 23.12
SR SR AA . -7.12 17.53 21.97
C1 MPD BA . -0.40 18.17 24.71
C2 MPD BA . -0.80 16.80 25.25
O2 MPD BA . -1.44 16.05 24.17
CM MPD BA . -1.84 16.98 26.35
C3 MPD BA . 0.40 16.04 25.83
C4 MPD BA . 1.61 15.90 24.89
O4 MPD BA . 2.68 15.24 25.52
C5 MPD BA . 1.27 15.04 23.69
SR SR CA . -8.73 17.13 9.87
SR SR DA . -14.60 24.52 2.19
N SAH EA . 23.13 14.55 24.64
CA SAH EA . 23.85 14.68 23.38
CB SAH EA . 24.10 13.30 22.74
CG SAH EA . 24.73 12.27 23.67
SD SAH EA . 25.34 10.91 22.64
C SAH EA . 23.09 15.54 22.37
O SAH EA . 21.90 15.34 22.15
OXT SAH EA . 23.67 16.46 21.78
C5' SAH EA . 25.72 9.84 24.04
C4' SAH EA . 26.99 10.31 24.75
O4' SAH EA . 27.15 9.57 25.93
C3' SAH EA . 28.24 10.10 23.92
O3' SAH EA . 28.97 11.29 23.85
C2' SAH EA . 29.06 9.09 24.69
O2' SAH EA . 30.43 9.35 24.63
C1' SAH EA . 28.53 9.33 26.08
N9 SAH EA . 28.80 8.22 26.98
C8 SAH EA . 28.70 6.88 26.68
N7 SAH EA . 29.04 6.21 27.82
C5 SAH EA . 29.34 7.09 28.79
C6 SAH EA . 29.74 6.97 30.12
N6 SAH EA . 29.91 5.77 30.67
N1 SAH EA . 29.98 8.09 30.86
C2 SAH EA . 29.81 9.36 30.33
N3 SAH EA . 29.41 9.48 29.02
C4 SAH EA . 29.18 8.37 28.27
C1 MPD FA . 14.76 13.88 25.44
C2 MPD FA . 14.37 14.68 24.21
O2 MPD FA . 14.33 13.87 23.01
CM MPD FA . 15.44 15.76 24.05
C3 MPD FA . 13.03 15.36 24.49
C4 MPD FA . 12.30 15.61 23.19
O4 MPD FA . 12.31 14.42 22.39
C5 MPD FA . 10.88 16.11 23.44
N SAH GA . -33.46 5.73 -12.78
CA SAH GA . -33.58 4.36 -12.23
CB SAH GA . -32.64 3.40 -12.95
CG SAH GA . -32.78 3.36 -14.48
SD SAH GA . -31.85 1.94 -15.11
C SAH GA . -33.27 4.35 -10.74
O SAH GA . -33.96 3.69 -9.96
OXT SAH GA . -32.29 4.96 -10.32
C5' SAH GA . -32.08 2.36 -16.87
C4' SAH GA . -33.49 2.08 -17.38
O4' SAH GA . -33.58 2.64 -18.67
C3' SAH GA . -33.83 0.60 -17.53
O3' SAH GA . -35.06 0.36 -16.88
C2' SAH GA . -33.99 0.39 -19.04
O2' SAH GA . -34.99 -0.55 -19.41
C1' SAH GA . -34.36 1.80 -19.47
N9 SAH GA . -34.13 2.09 -20.90
C8 SAH GA . -33.07 1.71 -21.69
N7 SAH GA . -33.29 2.22 -22.92
C5 SAH GA . -34.46 2.93 -22.93
C6 SAH GA . -35.13 3.65 -23.89
N6 SAH GA . -34.67 3.74 -25.15
N1 SAH GA . -36.32 4.26 -23.55
C2 SAH GA . -36.84 4.17 -22.27
N3 SAH GA . -36.15 3.46 -21.31
C4 SAH GA . -34.99 2.85 -21.65
C1 MPD HA . -29.28 10.58 -8.87
C2 MPD HA . -27.87 11.16 -8.92
O2 MPD HA . -27.69 11.88 -10.18
CM MPD HA . -27.00 9.93 -8.87
C3 MPD HA . -27.59 12.17 -7.81
C4 MPD HA . -26.40 11.93 -6.88
O4 MPD HA . -25.20 11.50 -7.50
C5 MPD HA . -26.09 13.19 -6.07
N SAH IA . -16.01 29.49 1.02
CA SAH IA . -14.63 29.82 0.63
CB SAH IA . -13.60 29.21 1.57
CG SAH IA . -13.78 29.47 3.07
SD SAH IA . -12.29 28.97 3.97
C SAH IA . -14.38 29.31 -0.80
O SAH IA . -13.78 30.01 -1.61
OXT SAH IA . -14.75 28.19 -1.12
C5' SAH IA . -12.97 29.26 5.62
C4' SAH IA . -13.07 30.74 5.95
O4' SAH IA . -13.80 30.85 7.15
C3' SAH IA . -11.72 31.41 6.22
O3' SAH IA . -11.61 32.60 5.45
C2' SAH IA . -11.77 31.80 7.69
O2' SAH IA . -11.12 33.03 8.00
C1' SAH IA . -13.26 31.90 7.91
N9 SAH IA . -13.67 31.78 9.31
C8 SAH IA . -13.15 30.97 10.30
N7 SAH IA . -13.85 31.19 11.44
C5 SAH IA . -14.80 32.11 11.19
C6 SAH IA . -15.78 32.69 11.99
N6 SAH IA . -15.91 32.35 13.28
N1 SAH IA . -16.63 33.62 11.45
C2 SAH IA . -16.52 33.99 10.13
N3 SAH IA . -15.55 33.40 9.33
C4 SAH IA . -14.70 32.49 9.86
C1 MPD JA . -19.44 23.89 -2.65
C2 MPD JA . -19.73 22.42 -2.37
O2 MPD JA . -18.45 21.71 -2.31
CM MPD JA . -20.44 22.30 -1.04
C3 MPD JA . -20.61 21.84 -3.47
C4 MPD JA . -20.01 20.70 -4.30
O4 MPD JA . -19.29 19.76 -3.52
C5 MPD JA . -21.13 19.96 -5.04
#